data_1NNI
# 
_entry.id   1NNI 
# 
_audit_conform.dict_name       mmcif_pdbx.dic 
_audit_conform.dict_version    5.398 
_audit_conform.dict_location   http://mmcif.pdb.org/dictionaries/ascii/mmcif_pdbx.dic 
# 
loop_
_database_2.database_id 
_database_2.database_code 
_database_2.pdbx_database_accession 
_database_2.pdbx_DOI 
PDB   1NNI         pdb_00001nni 10.2210/pdb1nni/pdb 
RCSB  RCSB018034   ?            ?                   
WWPDB D_1000018034 ?            ?                   
# 
loop_
_pdbx_audit_revision_history.ordinal 
_pdbx_audit_revision_history.data_content_type 
_pdbx_audit_revision_history.major_revision 
_pdbx_audit_revision_history.minor_revision 
_pdbx_audit_revision_history.revision_date 
1 'Structure model' 1 0 2003-07-29 
2 'Structure model' 1 1 2008-04-29 
3 'Structure model' 1 2 2011-07-13 
4 'Structure model' 1 3 2011-11-16 
5 'Structure model' 1 4 2024-11-13 
# 
_pdbx_audit_revision_details.ordinal             1 
_pdbx_audit_revision_details.revision_ordinal    1 
_pdbx_audit_revision_details.data_content_type   'Structure model' 
_pdbx_audit_revision_details.provider            repository 
_pdbx_audit_revision_details.type                'Initial release' 
_pdbx_audit_revision_details.description         ? 
_pdbx_audit_revision_details.details             ? 
# 
loop_
_pdbx_audit_revision_group.ordinal 
_pdbx_audit_revision_group.revision_ordinal 
_pdbx_audit_revision_group.data_content_type 
_pdbx_audit_revision_group.group 
1 2 'Structure model' 'Version format compliance' 
2 3 'Structure model' 'Version format compliance' 
3 4 'Structure model' 'Atomic model'              
4 5 'Structure model' 'Data collection'           
5 5 'Structure model' 'Database references'       
6 5 'Structure model' 'Derived calculations'      
7 5 'Structure model' 'Structure summary'         
# 
loop_
_pdbx_audit_revision_category.ordinal 
_pdbx_audit_revision_category.revision_ordinal 
_pdbx_audit_revision_category.data_content_type 
_pdbx_audit_revision_category.category 
1 5 'Structure model' chem_comp_atom            
2 5 'Structure model' chem_comp_bond            
3 5 'Structure model' database_2                
4 5 'Structure model' pdbx_entry_details        
5 5 'Structure model' pdbx_modification_feature 
6 5 'Structure model' struct_conn               
7 5 'Structure model' struct_ref_seq_dif        
8 5 'Structure model' struct_site               
# 
loop_
_pdbx_audit_revision_item.ordinal 
_pdbx_audit_revision_item.revision_ordinal 
_pdbx_audit_revision_item.data_content_type 
_pdbx_audit_revision_item.item 
1 5 'Structure model' '_database_2.pdbx_DOI'                
2 5 'Structure model' '_database_2.pdbx_database_accession' 
3 5 'Structure model' '_struct_conn.pdbx_leaving_atom_flag' 
4 5 'Structure model' '_struct_ref_seq_dif.details'         
5 5 'Structure model' '_struct_site.pdbx_auth_asym_id'      
6 5 'Structure model' '_struct_site.pdbx_auth_comp_id'      
7 5 'Structure model' '_struct_site.pdbx_auth_seq_id'       
# 
_pdbx_database_status.entry_id                        1NNI 
_pdbx_database_status.deposit_site                    RCSB 
_pdbx_database_status.process_site                    RCSB 
_pdbx_database_status.recvd_initial_deposition_date   2003-01-13 
_pdbx_database_status.status_code                     REL 
_pdbx_database_status.SG_entry                        Y 
_pdbx_database_status.status_code_sf                  REL 
_pdbx_database_status.pdb_format_compatible           Y 
_pdbx_database_status.status_code_mr                  ? 
_pdbx_database_status.status_code_cs                  ? 
_pdbx_database_status.status_code_nmr_data            ? 
_pdbx_database_status.methods_development_category    ? 
# 
_pdbx_database_related.db_name        TargetDB 
_pdbx_database_related.db_id          APC1167 
_pdbx_database_related.details        . 
_pdbx_database_related.content_type   unspecified 
# 
loop_
_audit_author.name 
_audit_author.pdbx_ordinal 
'Cuff, M.E.'                                    1 
'Kim, Y.'                                       2 
'Maj, L.'                                       3 
'Collart, F.'                                   4 
'Joachimiak, A.'                                5 
'Midwest Center for Structural Genomics (MCSG)' 6 
# 
_citation.id                        primary 
_citation.title                     'Azobenzene Reductase from Bacillus subtilis' 
_citation.journal_abbrev            'To be Published' 
_citation.journal_volume            ? 
_citation.page_first                ? 
_citation.page_last                 ? 
_citation.year                      2003 
_citation.journal_id_ASTM           ? 
_citation.country                   ? 
_citation.journal_id_ISSN           ? 
_citation.journal_id_CSD            0353 
_citation.book_publisher            ? 
_citation.pdbx_database_id_PubMed   ? 
_citation.pdbx_database_id_DOI      ? 
# 
loop_
_citation_author.citation_id 
_citation_author.name 
_citation_author.ordinal 
_citation_author.identifier_ORCID 
primary 'Cuff, M.E.'     1 ? 
primary 'Kim, Y.'        2 ? 
primary 'Maj, L.'        3 ? 
primary 'Collart, F.'    4 ? 
primary 'Joachimiak, A.' 5 ? 
# 
loop_
_entity.id 
_entity.type 
_entity.src_method 
_entity.pdbx_description 
_entity.formula_weight 
_entity.pdbx_number_of_molecules 
_entity.pdbx_ec 
_entity.pdbx_mutation 
_entity.pdbx_fragment 
_entity.details 
1 polymer     man 'hypothetical protein yhda' 19207.242 1   1.7.1.6 ? ? apc1167 
2 non-polymer syn 'FLAVIN MONONUCLEOTIDE'     456.344   1   ?       ? ? ?       
3 water       nat water                       18.015    138 ?       ? ? ?       
# 
_entity_name_com.entity_id   1 
_entity_name_com.name        'azobenzene reductase, Azoreductase' 
# 
_entity_name_sys.entity_id   1 
_entity_name_sys.name        E.C.1.7.1.6 
# 
_entity_poly.entity_id                      1 
_entity_poly.type                           'polypeptide(L)' 
_entity_poly.nstd_linkage                   no 
_entity_poly.nstd_monomer                   yes 
_entity_poly.pdbx_seq_one_letter_code       
;(MSE)N(MSE)LVINGTPRKHGRTRIAASYIAALYHTDLIDLSEFVLPVFNGEAEQSELLKVQELKQRVTKADAIVLLSP
EYHSG(MSE)SGALKNALDFLSSEQFKYKPVALLAVAGGGKGGINALNN(MSE)RTV(MSE)RGVYANVIPKQLVLDPVH
IDVENATVAENIKESIKELVEELS(MSE)FAKAGNPGV
;
_entity_poly.pdbx_seq_one_letter_code_can   
;MNMLVINGTPRKHGRTRIAASYIAALYHTDLIDLSEFVLPVFNGEAEQSELLKVQELKQRVTKADAIVLLSPEYHSGMSG
ALKNALDFLSSEQFKYKPVALLAVAGGGKGGINALNNMRTVMRGVYANVIPKQLVLDPVHIDVENATVAENIKESIKELV
EELSMFAKAGNPGV
;
_entity_poly.pdbx_strand_id                 1 
_entity_poly.pdbx_target_identifier         APC1167 
# 
loop_
_pdbx_entity_nonpoly.entity_id 
_pdbx_entity_nonpoly.name 
_pdbx_entity_nonpoly.comp_id 
2 'FLAVIN MONONUCLEOTIDE' FMN 
3 water                   HOH 
# 
loop_
_entity_poly_seq.entity_id 
_entity_poly_seq.num 
_entity_poly_seq.mon_id 
_entity_poly_seq.hetero 
1 1   MSE n 
1 2   ASN n 
1 3   MSE n 
1 4   LEU n 
1 5   VAL n 
1 6   ILE n 
1 7   ASN n 
1 8   GLY n 
1 9   THR n 
1 10  PRO n 
1 11  ARG n 
1 12  LYS n 
1 13  HIS n 
1 14  GLY n 
1 15  ARG n 
1 16  THR n 
1 17  ARG n 
1 18  ILE n 
1 19  ALA n 
1 20  ALA n 
1 21  SER n 
1 22  TYR n 
1 23  ILE n 
1 24  ALA n 
1 25  ALA n 
1 26  LEU n 
1 27  TYR n 
1 28  HIS n 
1 29  THR n 
1 30  ASP n 
1 31  LEU n 
1 32  ILE n 
1 33  ASP n 
1 34  LEU n 
1 35  SER n 
1 36  GLU n 
1 37  PHE n 
1 38  VAL n 
1 39  LEU n 
1 40  PRO n 
1 41  VAL n 
1 42  PHE n 
1 43  ASN n 
1 44  GLY n 
1 45  GLU n 
1 46  ALA n 
1 47  GLU n 
1 48  GLN n 
1 49  SER n 
1 50  GLU n 
1 51  LEU n 
1 52  LEU n 
1 53  LYS n 
1 54  VAL n 
1 55  GLN n 
1 56  GLU n 
1 57  LEU n 
1 58  LYS n 
1 59  GLN n 
1 60  ARG n 
1 61  VAL n 
1 62  THR n 
1 63  LYS n 
1 64  ALA n 
1 65  ASP n 
1 66  ALA n 
1 67  ILE n 
1 68  VAL n 
1 69  LEU n 
1 70  LEU n 
1 71  SER n 
1 72  PRO n 
1 73  GLU n 
1 74  TYR n 
1 75  HIS n 
1 76  SER n 
1 77  GLY n 
1 78  MSE n 
1 79  SER n 
1 80  GLY n 
1 81  ALA n 
1 82  LEU n 
1 83  LYS n 
1 84  ASN n 
1 85  ALA n 
1 86  LEU n 
1 87  ASP n 
1 88  PHE n 
1 89  LEU n 
1 90  SER n 
1 91  SER n 
1 92  GLU n 
1 93  GLN n 
1 94  PHE n 
1 95  LYS n 
1 96  TYR n 
1 97  LYS n 
1 98  PRO n 
1 99  VAL n 
1 100 ALA n 
1 101 LEU n 
1 102 LEU n 
1 103 ALA n 
1 104 VAL n 
1 105 ALA n 
1 106 GLY n 
1 107 GLY n 
1 108 GLY n 
1 109 LYS n 
1 110 GLY n 
1 111 GLY n 
1 112 ILE n 
1 113 ASN n 
1 114 ALA n 
1 115 LEU n 
1 116 ASN n 
1 117 ASN n 
1 118 MSE n 
1 119 ARG n 
1 120 THR n 
1 121 VAL n 
1 122 MSE n 
1 123 ARG n 
1 124 GLY n 
1 125 VAL n 
1 126 TYR n 
1 127 ALA n 
1 128 ASN n 
1 129 VAL n 
1 130 ILE n 
1 131 PRO n 
1 132 LYS n 
1 133 GLN n 
1 134 LEU n 
1 135 VAL n 
1 136 LEU n 
1 137 ASP n 
1 138 PRO n 
1 139 VAL n 
1 140 HIS n 
1 141 ILE n 
1 142 ASP n 
1 143 VAL n 
1 144 GLU n 
1 145 ASN n 
1 146 ALA n 
1 147 THR n 
1 148 VAL n 
1 149 ALA n 
1 150 GLU n 
1 151 ASN n 
1 152 ILE n 
1 153 LYS n 
1 154 GLU n 
1 155 SER n 
1 156 ILE n 
1 157 LYS n 
1 158 GLU n 
1 159 LEU n 
1 160 VAL n 
1 161 GLU n 
1 162 GLU n 
1 163 LEU n 
1 164 SER n 
1 165 MSE n 
1 166 PHE n 
1 167 ALA n 
1 168 LYS n 
1 169 ALA n 
1 170 GLY n 
1 171 ASN n 
1 172 PRO n 
1 173 GLY n 
1 174 VAL n 
# 
_entity_src_gen.entity_id                          1 
_entity_src_gen.pdbx_src_id                        1 
_entity_src_gen.pdbx_alt_source_flag               sample 
_entity_src_gen.pdbx_seq_type                      ? 
_entity_src_gen.pdbx_beg_seq_num                   ? 
_entity_src_gen.pdbx_end_seq_num                   ? 
_entity_src_gen.gene_src_common_name               ? 
_entity_src_gen.gene_src_genus                     Bacillus 
_entity_src_gen.pdbx_gene_src_gene                 yhda 
_entity_src_gen.gene_src_species                   ? 
_entity_src_gen.gene_src_strain                    ? 
_entity_src_gen.gene_src_tissue                    ? 
_entity_src_gen.gene_src_tissue_fraction           ? 
_entity_src_gen.gene_src_details                   ? 
_entity_src_gen.pdbx_gene_src_fragment             ? 
_entity_src_gen.pdbx_gene_src_scientific_name      'Bacillus subtilis' 
_entity_src_gen.pdbx_gene_src_ncbi_taxonomy_id     1423 
_entity_src_gen.pdbx_gene_src_variant              ? 
_entity_src_gen.pdbx_gene_src_cell_line            ? 
_entity_src_gen.pdbx_gene_src_atcc                 ? 
_entity_src_gen.pdbx_gene_src_organ                ? 
_entity_src_gen.pdbx_gene_src_organelle            ? 
_entity_src_gen.pdbx_gene_src_cell                 ? 
_entity_src_gen.pdbx_gene_src_cellular_location    ? 
_entity_src_gen.host_org_common_name               ? 
_entity_src_gen.pdbx_host_org_scientific_name      'Escherichia coli' 
_entity_src_gen.pdbx_host_org_ncbi_taxonomy_id     562 
_entity_src_gen.host_org_genus                     Escherichia 
_entity_src_gen.pdbx_host_org_gene                 ? 
_entity_src_gen.pdbx_host_org_organ                ? 
_entity_src_gen.host_org_species                   ? 
_entity_src_gen.pdbx_host_org_tissue               ? 
_entity_src_gen.pdbx_host_org_tissue_fraction      ? 
_entity_src_gen.pdbx_host_org_strain               ? 
_entity_src_gen.pdbx_host_org_variant              ? 
_entity_src_gen.pdbx_host_org_cell_line            ? 
_entity_src_gen.pdbx_host_org_atcc                 ? 
_entity_src_gen.pdbx_host_org_culture_collection   ? 
_entity_src_gen.pdbx_host_org_cell                 ? 
_entity_src_gen.pdbx_host_org_organelle            ? 
_entity_src_gen.pdbx_host_org_cellular_location    ? 
_entity_src_gen.pdbx_host_org_vector_type          ? 
_entity_src_gen.pdbx_host_org_vector               ? 
_entity_src_gen.host_org_details                   ? 
_entity_src_gen.expression_system_id               ? 
_entity_src_gen.plasmid_name                       ? 
_entity_src_gen.plasmid_details                    ? 
_entity_src_gen.pdbx_description                   ? 
# 
loop_
_chem_comp.id 
_chem_comp.type 
_chem_comp.mon_nstd_flag 
_chem_comp.name 
_chem_comp.pdbx_synonyms 
_chem_comp.formula 
_chem_comp.formula_weight 
ALA 'L-peptide linking' y ALANINE                 ?                          'C3 H7 N O2'      89.093  
ARG 'L-peptide linking' y ARGININE                ?                          'C6 H15 N4 O2 1'  175.209 
ASN 'L-peptide linking' y ASPARAGINE              ?                          'C4 H8 N2 O3'     132.118 
ASP 'L-peptide linking' y 'ASPARTIC ACID'         ?                          'C4 H7 N O4'      133.103 
FMN non-polymer         . 'FLAVIN MONONUCLEOTIDE' 'RIBOFLAVIN MONOPHOSPHATE' 'C17 H21 N4 O9 P' 456.344 
GLN 'L-peptide linking' y GLUTAMINE               ?                          'C5 H10 N2 O3'    146.144 
GLU 'L-peptide linking' y 'GLUTAMIC ACID'         ?                          'C5 H9 N O4'      147.129 
GLY 'peptide linking'   y GLYCINE                 ?                          'C2 H5 N O2'      75.067  
HIS 'L-peptide linking' y HISTIDINE               ?                          'C6 H10 N3 O2 1'  156.162 
HOH non-polymer         . WATER                   ?                          'H2 O'            18.015  
ILE 'L-peptide linking' y ISOLEUCINE              ?                          'C6 H13 N O2'     131.173 
LEU 'L-peptide linking' y LEUCINE                 ?                          'C6 H13 N O2'     131.173 
LYS 'L-peptide linking' y LYSINE                  ?                          'C6 H15 N2 O2 1'  147.195 
MET 'L-peptide linking' y METHIONINE              ?                          'C5 H11 N O2 S'   149.211 
MSE 'L-peptide linking' n SELENOMETHIONINE        ?                          'C5 H11 N O2 Se'  196.106 
PHE 'L-peptide linking' y PHENYLALANINE           ?                          'C9 H11 N O2'     165.189 
PRO 'L-peptide linking' y PROLINE                 ?                          'C5 H9 N O2'      115.130 
SER 'L-peptide linking' y SERINE                  ?                          'C3 H7 N O3'      105.093 
THR 'L-peptide linking' y THREONINE               ?                          'C4 H9 N O3'      119.119 
TYR 'L-peptide linking' y TYROSINE                ?                          'C9 H11 N O3'     181.189 
VAL 'L-peptide linking' y VALINE                  ?                          'C5 H11 N O2'     117.146 
# 
loop_
_pdbx_poly_seq_scheme.asym_id 
_pdbx_poly_seq_scheme.entity_id 
_pdbx_poly_seq_scheme.seq_id 
_pdbx_poly_seq_scheme.mon_id 
_pdbx_poly_seq_scheme.ndb_seq_num 
_pdbx_poly_seq_scheme.pdb_seq_num 
_pdbx_poly_seq_scheme.auth_seq_num 
_pdbx_poly_seq_scheme.pdb_mon_id 
_pdbx_poly_seq_scheme.auth_mon_id 
_pdbx_poly_seq_scheme.pdb_strand_id 
_pdbx_poly_seq_scheme.pdb_ins_code 
_pdbx_poly_seq_scheme.hetero 
A 1 1   MSE 1   1   1   MSE MSE 1 . n 
A 1 2   ASN 2   2   2   ASN ASN 1 . n 
A 1 3   MSE 3   3   3   MSE MSE 1 . n 
A 1 4   LEU 4   4   4   LEU LEU 1 . n 
A 1 5   VAL 5   5   5   VAL VAL 1 . n 
A 1 6   ILE 6   6   6   ILE ILE 1 . n 
A 1 7   ASN 7   7   7   ASN ASN 1 . n 
A 1 8   GLY 8   8   8   GLY GLY 1 . n 
A 1 9   THR 9   9   9   THR THR 1 . n 
A 1 10  PRO 10  10  10  PRO PRO 1 . n 
A 1 11  ARG 11  11  11  ARG ARG 1 . n 
A 1 12  LYS 12  12  12  LYS LYS 1 . n 
A 1 13  HIS 13  13  13  HIS HIS 1 . n 
A 1 14  GLY 14  14  14  GLY GLY 1 . n 
A 1 15  ARG 15  15  15  ARG ARG 1 . n 
A 1 16  THR 16  16  16  THR THR 1 . n 
A 1 17  ARG 17  17  17  ARG ARG 1 . n 
A 1 18  ILE 18  18  18  ILE ILE 1 . n 
A 1 19  ALA 19  19  19  ALA ALA 1 . n 
A 1 20  ALA 20  20  20  ALA ALA 1 . n 
A 1 21  SER 21  21  21  SER SER 1 . n 
A 1 22  TYR 22  22  22  TYR TYR 1 . n 
A 1 23  ILE 23  23  23  ILE ILE 1 . n 
A 1 24  ALA 24  24  24  ALA ALA 1 . n 
A 1 25  ALA 25  25  25  ALA ALA 1 . n 
A 1 26  LEU 26  26  26  LEU LEU 1 . n 
A 1 27  TYR 27  27  27  TYR TYR 1 . n 
A 1 28  HIS 28  28  28  HIS HIS 1 . n 
A 1 29  THR 29  29  29  THR THR 1 . n 
A 1 30  ASP 30  30  30  ASP ASP 1 . n 
A 1 31  LEU 31  31  31  LEU LEU 1 . n 
A 1 32  ILE 32  32  32  ILE ILE 1 . n 
A 1 33  ASP 33  33  33  ASP ASP 1 . n 
A 1 34  LEU 34  34  34  LEU LEU 1 . n 
A 1 35  SER 35  35  35  SER SER 1 . n 
A 1 36  GLU 36  36  36  GLU GLU 1 . n 
A 1 37  PHE 37  37  37  PHE PHE 1 . n 
A 1 38  VAL 38  38  38  VAL VAL 1 . n 
A 1 39  LEU 39  39  39  LEU LEU 1 . n 
A 1 40  PRO 40  40  40  PRO PRO 1 . n 
A 1 41  VAL 41  41  41  VAL VAL 1 . n 
A 1 42  PHE 42  42  42  PHE PHE 1 . n 
A 1 43  ASN 43  43  43  ASN ASN 1 . n 
A 1 44  GLY 44  44  44  GLY GLY 1 . n 
A 1 45  GLU 45  45  45  GLU GLU 1 . n 
A 1 46  ALA 46  46  46  ALA ALA 1 . n 
A 1 47  GLU 47  47  47  GLU GLU 1 . n 
A 1 48  GLN 48  48  48  GLN GLN 1 . n 
A 1 49  SER 49  49  49  SER SER 1 . n 
A 1 50  GLU 50  50  50  GLU GLU 1 . n 
A 1 51  LEU 51  51  51  LEU LEU 1 . n 
A 1 52  LEU 52  52  52  LEU LEU 1 . n 
A 1 53  LYS 53  53  53  LYS LYS 1 . n 
A 1 54  VAL 54  54  54  VAL VAL 1 . n 
A 1 55  GLN 55  55  55  GLN GLN 1 . n 
A 1 56  GLU 56  56  56  GLU GLU 1 . n 
A 1 57  LEU 57  57  57  LEU LEU 1 . n 
A 1 58  LYS 58  58  58  LYS LYS 1 . n 
A 1 59  GLN 59  59  59  GLN GLN 1 . n 
A 1 60  ARG 60  60  60  ARG ARG 1 . n 
A 1 61  VAL 61  61  61  VAL VAL 1 . n 
A 1 62  THR 62  62  62  THR THR 1 . n 
A 1 63  LYS 63  63  63  LYS LYS 1 . n 
A 1 64  ALA 64  64  64  ALA ALA 1 . n 
A 1 65  ASP 65  65  65  ASP ASP 1 . n 
A 1 66  ALA 66  66  66  ALA ALA 1 . n 
A 1 67  ILE 67  67  67  ILE ILE 1 . n 
A 1 68  VAL 68  68  68  VAL VAL 1 . n 
A 1 69  LEU 69  69  69  LEU LEU 1 . n 
A 1 70  LEU 70  70  70  LEU LEU 1 . n 
A 1 71  SER 71  71  71  SER SER 1 . n 
A 1 72  PRO 72  72  72  PRO PRO 1 . n 
A 1 73  GLU 73  73  73  GLU GLU 1 . n 
A 1 74  TYR 74  74  74  TYR TYR 1 . n 
A 1 75  HIS 75  75  75  HIS HIS 1 . n 
A 1 76  SER 76  76  76  SER SER 1 . n 
A 1 77  GLY 77  77  77  GLY GLY 1 . n 
A 1 78  MSE 78  78  78  MSE MSE 1 . n 
A 1 79  SER 79  79  79  SER SER 1 . n 
A 1 80  GLY 80  80  80  GLY GLY 1 . n 
A 1 81  ALA 81  81  81  ALA ALA 1 . n 
A 1 82  LEU 82  82  82  LEU LEU 1 . n 
A 1 83  LYS 83  83  83  LYS LYS 1 . n 
A 1 84  ASN 84  84  84  ASN ASN 1 . n 
A 1 85  ALA 85  85  85  ALA ALA 1 . n 
A 1 86  LEU 86  86  86  LEU LEU 1 . n 
A 1 87  ASP 87  87  87  ASP ASP 1 . n 
A 1 88  PHE 88  88  88  PHE PHE 1 . n 
A 1 89  LEU 89  89  89  LEU LEU 1 . n 
A 1 90  SER 90  90  90  SER SER 1 . n 
A 1 91  SER 91  91  91  SER SER 1 . n 
A 1 92  GLU 92  92  92  GLU GLU 1 . n 
A 1 93  GLN 93  93  93  GLN GLN 1 . n 
A 1 94  PHE 94  94  94  PHE PHE 1 . n 
A 1 95  LYS 95  95  95  LYS LYS 1 . n 
A 1 96  TYR 96  96  96  TYR TYR 1 . n 
A 1 97  LYS 97  97  97  LYS LYS 1 . n 
A 1 98  PRO 98  98  98  PRO PRO 1 . n 
A 1 99  VAL 99  99  99  VAL VAL 1 . n 
A 1 100 ALA 100 100 100 ALA ALA 1 . n 
A 1 101 LEU 101 101 101 LEU LEU 1 . n 
A 1 102 LEU 102 102 102 LEU LEU 1 . n 
A 1 103 ALA 103 103 103 ALA ALA 1 . n 
A 1 104 VAL 104 104 104 VAL VAL 1 . n 
A 1 105 ALA 105 105 105 ALA ALA 1 . n 
A 1 106 GLY 106 106 106 GLY GLY 1 . n 
A 1 107 GLY 107 107 107 GLY GLY 1 . n 
A 1 108 GLY 108 108 108 GLY GLY 1 . n 
A 1 109 LYS 109 109 109 LYS LYS 1 . n 
A 1 110 GLY 110 110 110 GLY GLY 1 . n 
A 1 111 GLY 111 111 111 GLY GLY 1 . n 
A 1 112 ILE 112 112 112 ILE ILE 1 . n 
A 1 113 ASN 113 113 113 ASN ASN 1 . n 
A 1 114 ALA 114 114 114 ALA ALA 1 . n 
A 1 115 LEU 115 115 115 LEU LEU 1 . n 
A 1 116 ASN 116 116 116 ASN ASN 1 . n 
A 1 117 ASN 117 117 117 ASN ASN 1 . n 
A 1 118 MSE 118 118 118 MSE MSE 1 . n 
A 1 119 ARG 119 119 119 ARG ARG 1 . n 
A 1 120 THR 120 120 120 THR THR 1 . n 
A 1 121 VAL 121 121 121 VAL VAL 1 . n 
A 1 122 MSE 122 122 122 MSE MSE 1 . n 
A 1 123 ARG 123 123 123 ARG ARG 1 . n 
A 1 124 GLY 124 124 124 GLY GLY 1 . n 
A 1 125 VAL 125 125 125 VAL VAL 1 . n 
A 1 126 TYR 126 126 126 TYR TYR 1 . n 
A 1 127 ALA 127 127 127 ALA ALA 1 . n 
A 1 128 ASN 128 128 128 ASN ASN 1 . n 
A 1 129 VAL 129 129 129 VAL VAL 1 . n 
A 1 130 ILE 130 130 130 ILE ILE 1 . n 
A 1 131 PRO 131 131 131 PRO PRO 1 . n 
A 1 132 LYS 132 132 132 LYS LYS 1 . n 
A 1 133 GLN 133 133 133 GLN GLN 1 . n 
A 1 134 LEU 134 134 134 LEU LEU 1 . n 
A 1 135 VAL 135 135 135 VAL VAL 1 . n 
A 1 136 LEU 136 136 136 LEU LEU 1 . n 
A 1 137 ASP 137 137 137 ASP ASP 1 . n 
A 1 138 PRO 138 138 138 PRO PRO 1 . n 
A 1 139 VAL 139 139 139 VAL VAL 1 . n 
A 1 140 HIS 140 140 140 HIS HIS 1 . n 
A 1 141 ILE 141 141 141 ILE ILE 1 . n 
A 1 142 ASP 142 142 142 ASP ASP 1 . n 
A 1 143 VAL 143 143 143 VAL VAL 1 . n 
A 1 144 GLU 144 144 144 GLU GLU 1 . n 
A 1 145 ASN 145 145 145 ASN ASN 1 . n 
A 1 146 ALA 146 146 146 ALA ALA 1 . n 
A 1 147 THR 147 147 147 THR THR 1 . n 
A 1 148 VAL 148 148 148 VAL VAL 1 . n 
A 1 149 ALA 149 149 149 ALA ALA 1 . n 
A 1 150 GLU 150 150 150 GLU GLU 1 . n 
A 1 151 ASN 151 151 151 ASN ASN 1 . n 
A 1 152 ILE 152 152 152 ILE ILE 1 . n 
A 1 153 LYS 153 153 153 LYS LYS 1 . n 
A 1 154 GLU 154 154 154 GLU GLU 1 . n 
A 1 155 SER 155 155 155 SER SER 1 . n 
A 1 156 ILE 156 156 156 ILE ILE 1 . n 
A 1 157 LYS 157 157 157 LYS LYS 1 . n 
A 1 158 GLU 158 158 158 GLU GLU 1 . n 
A 1 159 LEU 159 159 159 LEU LEU 1 . n 
A 1 160 VAL 160 160 160 VAL VAL 1 . n 
A 1 161 GLU 161 161 161 GLU GLU 1 . n 
A 1 162 GLU 162 162 162 GLU GLU 1 . n 
A 1 163 LEU 163 163 163 LEU LEU 1 . n 
A 1 164 SER 164 164 164 SER SER 1 . n 
A 1 165 MSE 165 165 165 MSE MSE 1 . n 
A 1 166 PHE 166 166 166 PHE PHE 1 . n 
A 1 167 ALA 167 167 167 ALA ALA 1 . n 
A 1 168 LYS 168 168 168 LYS LYS 1 . n 
A 1 169 ALA 169 169 169 ALA ALA 1 . n 
A 1 170 GLY 170 170 170 GLY GLY 1 . n 
A 1 171 ASN 171 171 171 ASN ASN 1 . n 
A 1 172 PRO 172 172 ?   ?   ?   1 . n 
A 1 173 GLY 173 173 ?   ?   ?   1 . n 
A 1 174 VAL 174 174 ?   ?   ?   1 . n 
# 
loop_
_pdbx_nonpoly_scheme.asym_id 
_pdbx_nonpoly_scheme.entity_id 
_pdbx_nonpoly_scheme.mon_id 
_pdbx_nonpoly_scheme.ndb_seq_num 
_pdbx_nonpoly_scheme.pdb_seq_num 
_pdbx_nonpoly_scheme.auth_seq_num 
_pdbx_nonpoly_scheme.pdb_mon_id 
_pdbx_nonpoly_scheme.auth_mon_id 
_pdbx_nonpoly_scheme.pdb_strand_id 
_pdbx_nonpoly_scheme.pdb_ins_code 
B 2 FMN 1   200 200 FMN FMN 1 . 
C 3 HOH 1   201 1   HOH HOH 1 . 
C 3 HOH 2   202 2   HOH HOH 1 . 
C 3 HOH 3   203 3   HOH HOH 1 . 
C 3 HOH 4   204 4   HOH HOH 1 . 
C 3 HOH 5   205 5   HOH HOH 1 . 
C 3 HOH 6   206 6   HOH HOH 1 . 
C 3 HOH 7   207 7   HOH HOH 1 . 
C 3 HOH 8   208 8   HOH HOH 1 . 
C 3 HOH 9   209 9   HOH HOH 1 . 
C 3 HOH 10  210 10  HOH HOH 1 . 
C 3 HOH 11  211 11  HOH HOH 1 . 
C 3 HOH 12  212 12  HOH HOH 1 . 
C 3 HOH 13  213 13  HOH HOH 1 . 
C 3 HOH 14  214 14  HOH HOH 1 . 
C 3 HOH 15  215 15  HOH HOH 1 . 
C 3 HOH 16  216 16  HOH HOH 1 . 
C 3 HOH 17  217 17  HOH HOH 1 . 
C 3 HOH 18  218 18  HOH HOH 1 . 
C 3 HOH 19  219 19  HOH HOH 1 . 
C 3 HOH 20  220 20  HOH HOH 1 . 
C 3 HOH 21  221 21  HOH HOH 1 . 
C 3 HOH 22  222 22  HOH HOH 1 . 
C 3 HOH 23  223 23  HOH HOH 1 . 
C 3 HOH 24  224 24  HOH HOH 1 . 
C 3 HOH 25  225 25  HOH HOH 1 . 
C 3 HOH 26  226 26  HOH HOH 1 . 
C 3 HOH 27  227 27  HOH HOH 1 . 
C 3 HOH 28  228 28  HOH HOH 1 . 
C 3 HOH 29  229 29  HOH HOH 1 . 
C 3 HOH 30  230 30  HOH HOH 1 . 
C 3 HOH 31  231 31  HOH HOH 1 . 
C 3 HOH 32  232 32  HOH HOH 1 . 
C 3 HOH 33  233 33  HOH HOH 1 . 
C 3 HOH 34  234 34  HOH HOH 1 . 
C 3 HOH 35  235 35  HOH HOH 1 . 
C 3 HOH 36  236 36  HOH HOH 1 . 
C 3 HOH 37  237 37  HOH HOH 1 . 
C 3 HOH 38  238 38  HOH HOH 1 . 
C 3 HOH 39  239 39  HOH HOH 1 . 
C 3 HOH 40  240 40  HOH HOH 1 . 
C 3 HOH 41  241 41  HOH HOH 1 . 
C 3 HOH 42  242 42  HOH HOH 1 . 
C 3 HOH 43  243 43  HOH HOH 1 . 
C 3 HOH 44  244 44  HOH HOH 1 . 
C 3 HOH 45  245 45  HOH HOH 1 . 
C 3 HOH 46  246 46  HOH HOH 1 . 
C 3 HOH 47  247 47  HOH HOH 1 . 
C 3 HOH 48  248 48  HOH HOH 1 . 
C 3 HOH 49  249 49  HOH HOH 1 . 
C 3 HOH 50  250 50  HOH HOH 1 . 
C 3 HOH 51  251 51  HOH HOH 1 . 
C 3 HOH 52  252 52  HOH HOH 1 . 
C 3 HOH 53  253 53  HOH HOH 1 . 
C 3 HOH 54  254 54  HOH HOH 1 . 
C 3 HOH 55  255 55  HOH HOH 1 . 
C 3 HOH 56  256 56  HOH HOH 1 . 
C 3 HOH 57  257 57  HOH HOH 1 . 
C 3 HOH 58  258 58  HOH HOH 1 . 
C 3 HOH 59  259 59  HOH HOH 1 . 
C 3 HOH 60  260 60  HOH HOH 1 . 
C 3 HOH 61  261 61  HOH HOH 1 . 
C 3 HOH 62  262 62  HOH HOH 1 . 
C 3 HOH 63  263 63  HOH HOH 1 . 
C 3 HOH 64  264 64  HOH HOH 1 . 
C 3 HOH 65  265 65  HOH HOH 1 . 
C 3 HOH 66  266 66  HOH HOH 1 . 
C 3 HOH 67  267 67  HOH HOH 1 . 
C 3 HOH 68  268 68  HOH HOH 1 . 
C 3 HOH 69  269 69  HOH HOH 1 . 
C 3 HOH 70  270 70  HOH HOH 1 . 
C 3 HOH 71  271 71  HOH HOH 1 . 
C 3 HOH 72  272 72  HOH HOH 1 . 
C 3 HOH 73  273 73  HOH HOH 1 . 
C 3 HOH 74  274 74  HOH HOH 1 . 
C 3 HOH 75  275 75  HOH HOH 1 . 
C 3 HOH 76  276 76  HOH HOH 1 . 
C 3 HOH 77  277 77  HOH HOH 1 . 
C 3 HOH 78  278 78  HOH HOH 1 . 
C 3 HOH 79  279 79  HOH HOH 1 . 
C 3 HOH 80  280 80  HOH HOH 1 . 
C 3 HOH 81  281 81  HOH HOH 1 . 
C 3 HOH 82  282 82  HOH HOH 1 . 
C 3 HOH 83  283 83  HOH HOH 1 . 
C 3 HOH 84  284 84  HOH HOH 1 . 
C 3 HOH 85  285 85  HOH HOH 1 . 
C 3 HOH 86  286 86  HOH HOH 1 . 
C 3 HOH 87  287 87  HOH HOH 1 . 
C 3 HOH 88  288 88  HOH HOH 1 . 
C 3 HOH 89  289 89  HOH HOH 1 . 
C 3 HOH 90  290 90  HOH HOH 1 . 
C 3 HOH 91  291 91  HOH HOH 1 . 
C 3 HOH 92  292 92  HOH HOH 1 . 
C 3 HOH 93  293 93  HOH HOH 1 . 
C 3 HOH 94  294 94  HOH HOH 1 . 
C 3 HOH 95  295 95  HOH HOH 1 . 
C 3 HOH 96  296 96  HOH HOH 1 . 
C 3 HOH 97  297 97  HOH HOH 1 . 
C 3 HOH 98  298 98  HOH HOH 1 . 
C 3 HOH 99  299 99  HOH HOH 1 . 
C 3 HOH 100 300 100 HOH HOH 1 . 
C 3 HOH 101 301 101 HOH HOH 1 . 
C 3 HOH 102 302 102 HOH HOH 1 . 
C 3 HOH 103 303 103 HOH HOH 1 . 
C 3 HOH 104 304 104 HOH HOH 1 . 
C 3 HOH 105 305 105 HOH HOH 1 . 
C 3 HOH 106 306 106 HOH HOH 1 . 
C 3 HOH 107 307 107 HOH HOH 1 . 
C 3 HOH 108 308 108 HOH HOH 1 . 
C 3 HOH 109 309 109 HOH HOH 1 . 
C 3 HOH 110 310 110 HOH HOH 1 . 
C 3 HOH 111 311 111 HOH HOH 1 . 
C 3 HOH 112 312 112 HOH HOH 1 . 
C 3 HOH 113 313 113 HOH HOH 1 . 
C 3 HOH 114 314 114 HOH HOH 1 . 
C 3 HOH 115 315 115 HOH HOH 1 . 
C 3 HOH 116 316 116 HOH HOH 1 . 
C 3 HOH 117 317 117 HOH HOH 1 . 
C 3 HOH 118 318 118 HOH HOH 1 . 
C 3 HOH 119 319 119 HOH HOH 1 . 
C 3 HOH 120 320 120 HOH HOH 1 . 
C 3 HOH 121 321 121 HOH HOH 1 . 
C 3 HOH 122 322 122 HOH HOH 1 . 
C 3 HOH 123 323 123 HOH HOH 1 . 
C 3 HOH 124 324 124 HOH HOH 1 . 
C 3 HOH 125 325 125 HOH HOH 1 . 
C 3 HOH 126 326 126 HOH HOH 1 . 
C 3 HOH 127 327 127 HOH HOH 1 . 
C 3 HOH 128 328 128 HOH HOH 1 . 
C 3 HOH 129 329 129 HOH HOH 1 . 
C 3 HOH 130 330 130 HOH HOH 1 . 
C 3 HOH 131 331 131 HOH HOH 1 . 
C 3 HOH 132 332 132 HOH HOH 1 . 
C 3 HOH 133 333 133 HOH HOH 1 . 
C 3 HOH 134 334 134 HOH HOH 1 . 
C 3 HOH 135 335 135 HOH HOH 1 . 
C 3 HOH 136 336 136 HOH HOH 1 . 
C 3 HOH 137 337 137 HOH HOH 1 . 
C 3 HOH 138 338 138 HOH HOH 1 . 
# 
loop_
_software.name 
_software.version 
_software.date 
_software.type 
_software.contact_author 
_software.contact_author_email 
_software.location 
_software.classification 
_software.language 
_software.citation_id 
_software.pdbx_ordinal 
CNS       1.1 1998 package 'Axel T. Brunger' axel.brunger@yale.edu . refinement       Fortran ? 1 
d*TREK    .   ?    ?       ?                 ?                     ? 'data reduction' ?       ? 2 
HKL-2000  .   ?    ?       ?                 ?                     ? 'data reduction' ?       ? 3 
SCALEPACK .   ?    ?       ?                 ?                     ? 'data scaling'   ?       ? 4 
CNS       .   ?    ?       ?                 ?                     ? phasing          ?       ? 5 
SOLVE     .   ?    ?       ?                 ?                     ? phasing          ?       ? 6 
RESOLVE   .   ?    ?       ?                 ?                     ? phasing          ?       ? 7 
# 
_cell.entry_id           1NNI 
_cell.length_a           112.720 
_cell.length_b           112.720 
_cell.length_c           90.011 
_cell.angle_alpha        90.00 
_cell.angle_beta         90.00 
_cell.angle_gamma        120.00 
_cell.Z_PDB              12 
_cell.pdbx_unique_axis   ? 
# 
_symmetry.entry_id                         1NNI 
_symmetry.space_group_name_H-M             'P 62 2 2' 
_symmetry.cell_setting                     hexagonal 
_symmetry.pdbx_full_space_group_name_H-M   ? 
_symmetry.Int_Tables_number                180 
# 
_exptl.entry_id          1NNI 
_exptl.crystals_number   1 
_exptl.method            'X-RAY DIFFRACTION' 
# 
_exptl_crystal.id                    1 
_exptl_crystal.density_percent_sol   68.9 
_exptl_crystal.density_Matthews      3.99 
_exptl_crystal.density_meas          ? 
_exptl_crystal.description           ? 
# 
_exptl_crystal_grow.crystal_id      1 
_exptl_crystal_grow.method          'VAPOR DIFFUSION, HANGING DROP' 
_exptl_crystal_grow.pH              8.0 
_exptl_crystal_grow.temp            293 
_exptl_crystal_grow.pdbx_details    
'trisodium citrate, sodium HEPES, sucrose, pH 7.5-8.5, pH 8.0, VAPOR DIFFUSION, HANGING DROP, temperature 293K' 
_exptl_crystal_grow.temp_details    ? 
_exptl_crystal_grow.pdbx_pH_range   . 
# 
_diffrn.id                     1 
_diffrn.ambient_temp           150 
_diffrn.ambient_temp_details   ? 
_diffrn.crystal_id             1 
# 
_diffrn_detector.diffrn_id              1 
_diffrn_detector.detector               CCD 
_diffrn_detector.type                   SBC-2 
_diffrn_detector.pdbx_collection_date   2002-08-31 
_diffrn_detector.details                ? 
# 
_diffrn_radiation.diffrn_id                        1 
_diffrn_radiation.wavelength_id                    1 
_diffrn_radiation.pdbx_diffrn_protocol             MAD 
_diffrn_radiation.monochromator                    'sagitally focused Si(111)' 
_diffrn_radiation.pdbx_monochromatic_or_laue_m_l   M 
_diffrn_radiation.pdbx_scattering_type             x-ray 
# 
loop_
_diffrn_radiation_wavelength.id 
_diffrn_radiation_wavelength.wavelength 
_diffrn_radiation_wavelength.wt 
1 0.97940 1.0 
2 0.97926 1.0 
3 0.95372 1.0 
# 
_diffrn_source.diffrn_id                   1 
_diffrn_source.source                      SYNCHROTRON 
_diffrn_source.type                        'APS BEAMLINE 19-ID' 
_diffrn_source.pdbx_wavelength_list        '0.97940, 0.97926, 0.95372' 
_diffrn_source.pdbx_synchrotron_site       APS 
_diffrn_source.pdbx_synchrotron_beamline   19-ID 
_diffrn_source.pdbx_wavelength             ? 
# 
_reflns.entry_id                     1NNI 
_reflns.d_resolution_high            2.50 
_reflns.d_resolution_low             50.0 
_reflns.limit_h_max                  40 
_reflns.limit_h_min                  0 
_reflns.limit_k_max                  23 
_reflns.limit_k_min                  0 
_reflns.limit_l_max                  36 
_reflns.limit_l_min                  -36 
_reflns.number_all                   22141 
_reflns.observed_criterion_sigma_F   1.5 
_reflns.observed_criterion_F_max     2577691.04 
_reflns.observed_criterion_F_min     3.489000 
_reflns.B_iso_Wilson_estimate        38.1 
_reflns.observed_criterion_sigma_I   0 
_reflns.number_obs                   19743 
_reflns.percent_possible_obs         89.2 
_reflns.pdbx_Rmerge_I_obs            ? 
_reflns.pdbx_Rsym_value              ? 
_reflns.pdbx_netI_over_sigmaI        ? 
_reflns.pdbx_redundancy              ? 
_reflns.R_free_details               ? 
_reflns.pdbx_diffrn_id               1 
_reflns.pdbx_ordinal                 1 
# 
_refine.entry_id                                 1NNI 
_refine.ls_number_reflns_all                     22142 
_refine.ls_number_reflns_obs                     17370 
_refine.ls_percent_reflns_obs                    78.4 
_refine.ls_d_res_high                            2.50 
_refine.ls_d_res_low                             48.81 
_refine.B_iso_min                                29.36 
_refine.B_iso_max                                100.88 
_refine.B_iso_mean                               52.95 
_refine.occupancy_min                            1.00 
_refine.occupancy_max                            1.00 
_refine.aniso_B[1][1]                            -10.64 
_refine.aniso_B[2][2]                            -10.64 
_refine.aniso_B[3][3]                            21.27 
_refine.aniso_B[1][2]                            -0.89 
_refine.aniso_B[1][3]                            0.00 
_refine.aniso_B[2][3]                            0.00 
_refine.solvent_model_param_bsol                 50.1134 
_refine.solvent_model_param_ksol                 0.330555 
_refine.solvent_model_details                    'CNS bulk solvent model used' 
_refine.ls_R_factor_R_work                       0.221 
_refine.ls_R_factor_R_free                       0.238 
_refine.ls_R_factor_R_free_error                 0.006 
_refine.ls_number_reflns_R_free                  1593 
_refine.ls_percent_reflns_R_free                 9.2 
_refine.details                                  ? 
_refine.pdbx_ls_sigma_F                          1.5 
_refine.pdbx_ls_sigma_I                          ? 
_refine.ls_R_factor_all                          0.238 
_refine.ls_R_factor_obs                          0.223 
_refine.ls_redundancy_reflns_obs                 ? 
_refine.pdbx_data_cutoff_high_absF               ? 
_refine.pdbx_data_cutoff_low_absF                ? 
_refine.ls_number_parameters                     ? 
_refine.ls_number_restraints                     ? 
_refine.ls_R_factor_R_free_error_details         ? 
_refine.pdbx_method_to_determine_struct          MAD 
_refine.pdbx_starting_model                      ? 
_refine.pdbx_ls_cross_valid_method               THROUGHOUT 
_refine.pdbx_R_Free_selection_details            random 
_refine.pdbx_stereochem_target_val_spec_case     ? 
_refine.pdbx_stereochemistry_target_values       'Engh & Huber' 
_refine.pdbx_isotropic_thermal_model             restrained 
_refine.correlation_coeff_Fo_to_Fc               ? 
_refine.correlation_coeff_Fo_to_Fc_free          ? 
_refine.pdbx_solvent_vdw_probe_radii             ? 
_refine.pdbx_solvent_ion_probe_radii             ? 
_refine.pdbx_solvent_shrinkage_radii             ? 
_refine.overall_SU_R_Cruickshank_DPI             ? 
_refine.overall_SU_R_free                        ? 
_refine.overall_SU_B                             ? 
_refine.overall_SU_ML                            ? 
_refine.pdbx_overall_ESU_R                       ? 
_refine.pdbx_overall_ESU_R_Free                  ? 
_refine.pdbx_data_cutoff_high_rms_absF           ? 
_refine.pdbx_refine_id                           'X-RAY DIFFRACTION' 
_refine.pdbx_diffrn_id                           1 
_refine.pdbx_TLS_residual_ADP_flag               ? 
_refine.pdbx_overall_phase_error                 ? 
_refine.pdbx_overall_SU_R_free_Cruickshank_DPI   ? 
_refine.pdbx_overall_SU_R_Blow_DPI               ? 
_refine.pdbx_overall_SU_R_free_Blow_DPI          ? 
# 
_refine_analyze.entry_id                        1NNI 
_refine_analyze.Luzzati_d_res_low_obs           5.00 
_refine_analyze.pdbx_Luzzati_d_res_high_obs     2.50 
_refine_analyze.Luzzati_coordinate_error_obs    0.33 
_refine_analyze.Luzzati_sigma_a_obs             0.47 
_refine_analyze.Luzzati_coordinate_error_free   0.36 
_refine_analyze.Luzzati_sigma_a_free            0.51 
_refine_analyze.Luzzati_d_res_low_free          ? 
_refine_analyze.number_disordered_residues      ? 
_refine_analyze.occupancy_sum_non_hydrogen      ? 
_refine_analyze.occupancy_sum_hydrogen          ? 
_refine_analyze.pdbx_refine_id                  'X-RAY DIFFRACTION' 
# 
_refine_hist.pdbx_refine_id                   'X-RAY DIFFRACTION' 
_refine_hist.cycle_id                         LAST 
_refine_hist.pdbx_number_atoms_protein        1309 
_refine_hist.pdbx_number_atoms_nucleic_acid   0 
_refine_hist.pdbx_number_atoms_ligand         31 
_refine_hist.number_atoms_solvent             138 
_refine_hist.number_atoms_total               1478 
_refine_hist.d_res_high                       2.50 
_refine_hist.d_res_low                        48.81 
# 
loop_
_refine_ls_restr.type 
_refine_ls_restr.dev_ideal 
_refine_ls_restr.dev_ideal_target 
_refine_ls_restr.number 
_refine_ls_restr.weight 
_refine_ls_restr.pdbx_refine_id 
_refine_ls_restr.pdbx_restraint_function 
x_bond_d           0.009 . ? ? 'X-RAY DIFFRACTION' ? 
x_angle_deg        1.6   . ? ? 'X-RAY DIFFRACTION' ? 
x_torsion_deg      22.0  . ? ? 'X-RAY DIFFRACTION' ? 
x_torsion_impr_deg 0.88  . ? ? 'X-RAY DIFFRACTION' ? 
# 
loop_
_refine_ls_shell.d_res_high 
_refine_ls_shell.d_res_low 
_refine_ls_shell.number_reflns_all 
_refine_ls_shell.number_reflns_obs 
_refine_ls_shell.number_reflns_R_work 
_refine_ls_shell.percent_reflns_obs 
_refine_ls_shell.R_factor_R_work 
_refine_ls_shell.R_factor_R_free 
_refine_ls_shell.R_factor_R_free_error 
_refine_ls_shell.number_reflns_R_free 
_refine_ls_shell.percent_reflns_R_free 
_refine_ls_shell.pdbx_total_number_of_bins_used 
_refine_ls_shell.redundancy_reflns_obs 
_refine_ls_shell.pdbx_refine_id 
_refine_ls_shell.R_factor_all 
2.50 2.61  2753 1165 1060 42.3 0.329 0.356 0.035 105 9.0  . . 'X-RAY DIFFRACTION' . 
2.61 2.75  2766 1567 1448 56.6 0.299 0.328 0.030 119 7.6  . . 'X-RAY DIFFRACTION' . 
2.75 2.92  2774 1998 1819 72.0 0.289 0.327 0.024 179 9.0  . . 'X-RAY DIFFRACTION' . 
2.92 3.15  2772 2332 2102 84.1 0.271 0.284 0.019 230 9.9  . . 'X-RAY DIFFRACTION' . 
3.15 3.47  2780 2506 2227 90.1 0.236 0.238 0.014 279 11.1 . . 'X-RAY DIFFRACTION' . 
3.47 3.97  2765 2594 2387 93.8 0.195 0.243 0.017 207 8.0  . . 'X-RAY DIFFRACTION' . 
3.97 5.00  2774 2651 2386 95.6 0.171 0.177 0.011 265 10.0 . . 'X-RAY DIFFRACTION' . 
5.00 48.81 2779 2557 2348 92.0 0.226 0.247 0.017 209 8.2  . . 'X-RAY DIFFRACTION' . 
# 
_struct.entry_id                  1NNI 
_struct.title                     'Azobenzene Reductase from Bacillus subtilis' 
_struct.pdbx_model_details        ? 
_struct.pdbx_CASP_flag            ? 
_struct.pdbx_model_type_details   ? 
# 
_struct_keywords.entry_id        1NNI 
_struct_keywords.pdbx_keywords   OXIDOREDUCTASE 
_struct_keywords.text            
;azobenzene reductase, azoreductase, structural genomics, flavoproteins, PSI, Protein Structure Initiative, Midwest Center for Structural Genomics, MCSG, OXIDOREDUCTASE
;
# 
loop_
_struct_asym.id 
_struct_asym.pdbx_blank_PDB_chainid_flag 
_struct_asym.pdbx_modified 
_struct_asym.entity_id 
_struct_asym.details 
A N N 1 ? 
B N N 2 ? 
C N N 3 ? 
# 
_struct_ref.id                         1 
_struct_ref.entity_id                  1 
_struct_ref.db_name                    UNP 
_struct_ref.db_code                    O07529_BACSU 
_struct_ref.pdbx_db_accession          O07529 
_struct_ref.pdbx_align_begin           1 
_struct_ref.pdbx_seq_one_letter_code   
;MNMLVINGTPRKHGRTRIAASYIAALYHTDLIDLSEFVLPVFNGEAEQSELLKVQELKQRVTKADAIVLLSPEYHSGMSG
ALKNALDFLSSEQFKYKPVALLAVAGGGKGGINALNNMRTVMRGVYANVIPKQLVLDPVHIDVENATVAENIKESIKELV
EELSMFAKAGNPGV
;
_struct_ref.pdbx_db_isoform            ? 
# 
_struct_ref_seq.align_id                      1 
_struct_ref_seq.ref_id                        1 
_struct_ref_seq.pdbx_PDB_id_code              1NNI 
_struct_ref_seq.pdbx_strand_id                1 
_struct_ref_seq.seq_align_beg                 1 
_struct_ref_seq.pdbx_seq_align_beg_ins_code   ? 
_struct_ref_seq.seq_align_end                 174 
_struct_ref_seq.pdbx_seq_align_end_ins_code   ? 
_struct_ref_seq.pdbx_db_accession             O07529 
_struct_ref_seq.db_align_beg                  1 
_struct_ref_seq.pdbx_db_align_beg_ins_code    ? 
_struct_ref_seq.db_align_end                  174 
_struct_ref_seq.pdbx_db_align_end_ins_code    ? 
_struct_ref_seq.pdbx_auth_seq_align_beg       1 
_struct_ref_seq.pdbx_auth_seq_align_end       174 
# 
loop_
_struct_ref_seq_dif.align_id 
_struct_ref_seq_dif.pdbx_pdb_id_code 
_struct_ref_seq_dif.mon_id 
_struct_ref_seq_dif.pdbx_pdb_strand_id 
_struct_ref_seq_dif.seq_num 
_struct_ref_seq_dif.pdbx_pdb_ins_code 
_struct_ref_seq_dif.pdbx_seq_db_name 
_struct_ref_seq_dif.pdbx_seq_db_accession_code 
_struct_ref_seq_dif.db_mon_id 
_struct_ref_seq_dif.pdbx_seq_db_seq_num 
_struct_ref_seq_dif.details 
_struct_ref_seq_dif.pdbx_auth_seq_num 
_struct_ref_seq_dif.pdbx_ordinal 
1 1NNI MSE 1 1   ? UNP O07529 MET 1   'cloning artifact' 1   1 
1 1NNI MSE 1 3   ? UNP O07529 MET 3   'cloning artifact' 3   2 
1 1NNI MSE 1 78  ? UNP O07529 MET 78  'cloning artifact' 78  3 
1 1NNI MSE 1 118 ? UNP O07529 MET 118 'cloning artifact' 118 4 
1 1NNI MSE 1 122 ? UNP O07529 MET 122 'cloning artifact' 122 5 
1 1NNI MSE 1 165 ? UNP O07529 MET 165 'cloning artifact' 165 6 
# 
_pdbx_struct_assembly.id                   1 
_pdbx_struct_assembly.details              author_defined_assembly 
_pdbx_struct_assembly.method_details       ? 
_pdbx_struct_assembly.oligomeric_details   dimeric 
_pdbx_struct_assembly.oligomeric_count     2 
# 
_pdbx_struct_assembly_gen.assembly_id       1 
_pdbx_struct_assembly_gen.oper_expression   1,2 
_pdbx_struct_assembly_gen.asym_id_list      A,B,C 
# 
loop_
_pdbx_struct_oper_list.id 
_pdbx_struct_oper_list.type 
_pdbx_struct_oper_list.name 
_pdbx_struct_oper_list.symmetry_operation 
_pdbx_struct_oper_list.matrix[1][1] 
_pdbx_struct_oper_list.matrix[1][2] 
_pdbx_struct_oper_list.matrix[1][3] 
_pdbx_struct_oper_list.vector[1] 
_pdbx_struct_oper_list.matrix[2][1] 
_pdbx_struct_oper_list.matrix[2][2] 
_pdbx_struct_oper_list.matrix[2][3] 
_pdbx_struct_oper_list.vector[2] 
_pdbx_struct_oper_list.matrix[3][1] 
_pdbx_struct_oper_list.matrix[3][2] 
_pdbx_struct_oper_list.matrix[3][3] 
_pdbx_struct_oper_list.vector[3] 
1 'identity operation'         1_555  x,y,z            1.0000000000  0.0000000000  0.0000000000  0.0000000000  0.0000000000  1.0000000000  0.0000000000 0.0000000000  0.0000000000  0.0000000000 1.0000000000 0.0000000000 
2 'crystal symmetry operation' 10_664 -y+1,-x+1,-z-1/3 -0.8959639716 -0.0506179739 -0.4412327983 18.2422589755 -0.0506179739 -0.9753721925 0.2146786128 19.4043816751 -0.4412327983 0.2146786128 0.8713361641 2.0751895413 
# 
_struct_biol.id                    1 
_struct_biol.details               
;likely a dimer related by the crystallographic two fold axis: 
1-y, 1-x, 3/2-z
;
_struct_biol.pdbx_parent_biol_id   ? 
# 
loop_
_struct_conf.conf_type_id 
_struct_conf.id 
_struct_conf.pdbx_PDB_helix_id 
_struct_conf.beg_label_comp_id 
_struct_conf.beg_label_asym_id 
_struct_conf.beg_label_seq_id 
_struct_conf.pdbx_beg_PDB_ins_code 
_struct_conf.end_label_comp_id 
_struct_conf.end_label_asym_id 
_struct_conf.end_label_seq_id 
_struct_conf.pdbx_end_PDB_ins_code 
_struct_conf.beg_auth_comp_id 
_struct_conf.beg_auth_asym_id 
_struct_conf.beg_auth_seq_id 
_struct_conf.end_auth_comp_id 
_struct_conf.end_auth_asym_id 
_struct_conf.end_auth_seq_id 
_struct_conf.pdbx_PDB_helix_class 
_struct_conf.details 
_struct_conf.pdbx_PDB_helix_length 
HELX_P HELX_P1 1 GLY A 14  ? HIS A 28  ? GLY 1 14  HIS 1 28  1 ? 15 
HELX_P HELX_P2 2 GLU A 45  ? GLU A 50  ? GLU 1 45  GLU 1 50  1 ? 6  
HELX_P HELX_P3 3 LEU A 51  ? ALA A 64  ? LEU 1 51  ALA 1 64  1 ? 14 
HELX_P HELX_P4 4 SER A 79  ? LEU A 89  ? SER 1 79  LEU 1 89  1 ? 11 
HELX_P HELX_P5 5 SER A 90  ? LYS A 95  ? SER 1 90  LYS 1 95  1 ? 6  
HELX_P HELX_P6 6 GLY A 111 ? VAL A 125 ? GLY 1 111 VAL 1 125 1 ? 15 
HELX_P HELX_P7 7 ASP A 137 ? VAL A 139 ? ASP 1 137 VAL 1 139 5 ? 3  
HELX_P HELX_P8 8 VAL A 143 ? ALA A 146 ? VAL 1 143 ALA 1 146 5 ? 4  
HELX_P HELX_P9 9 ALA A 149 ? GLY A 170 ? ALA 1 149 GLY 1 170 1 ? 22 
# 
_struct_conf_type.id          HELX_P 
_struct_conf_type.criteria    ? 
_struct_conf_type.reference   ? 
# 
loop_
_struct_conn.id 
_struct_conn.conn_type_id 
_struct_conn.pdbx_leaving_atom_flag 
_struct_conn.pdbx_PDB_id 
_struct_conn.ptnr1_label_asym_id 
_struct_conn.ptnr1_label_comp_id 
_struct_conn.ptnr1_label_seq_id 
_struct_conn.ptnr1_label_atom_id 
_struct_conn.pdbx_ptnr1_label_alt_id 
_struct_conn.pdbx_ptnr1_PDB_ins_code 
_struct_conn.pdbx_ptnr1_standard_comp_id 
_struct_conn.ptnr1_symmetry 
_struct_conn.ptnr2_label_asym_id 
_struct_conn.ptnr2_label_comp_id 
_struct_conn.ptnr2_label_seq_id 
_struct_conn.ptnr2_label_atom_id 
_struct_conn.pdbx_ptnr2_label_alt_id 
_struct_conn.pdbx_ptnr2_PDB_ins_code 
_struct_conn.ptnr1_auth_asym_id 
_struct_conn.ptnr1_auth_comp_id 
_struct_conn.ptnr1_auth_seq_id 
_struct_conn.ptnr2_auth_asym_id 
_struct_conn.ptnr2_auth_comp_id 
_struct_conn.ptnr2_auth_seq_id 
_struct_conn.ptnr2_symmetry 
_struct_conn.pdbx_ptnr3_label_atom_id 
_struct_conn.pdbx_ptnr3_label_seq_id 
_struct_conn.pdbx_ptnr3_label_comp_id 
_struct_conn.pdbx_ptnr3_label_asym_id 
_struct_conn.pdbx_ptnr3_label_alt_id 
_struct_conn.pdbx_ptnr3_PDB_ins_code 
_struct_conn.details 
_struct_conn.pdbx_dist_value 
_struct_conn.pdbx_value_order 
_struct_conn.pdbx_role 
covale1  covale both ? A MSE 1   C ? ? ? 1_555 A ASN 2   N ? ? 1 MSE 1   1 ASN 2   1_555 ? ? ? ? ? ? ? 1.328 ? ? 
covale2  covale both ? A ASN 2   C ? ? ? 1_555 A MSE 3   N ? ? 1 ASN 2   1 MSE 3   1_555 ? ? ? ? ? ? ? 1.327 ? ? 
covale3  covale both ? A MSE 3   C ? ? ? 1_555 A LEU 4   N ? ? 1 MSE 3   1 LEU 4   1_555 ? ? ? ? ? ? ? 1.331 ? ? 
covale4  covale both ? A GLY 77  C ? ? ? 1_555 A MSE 78  N ? ? 1 GLY 77  1 MSE 78  1_555 ? ? ? ? ? ? ? 1.324 ? ? 
covale5  covale both ? A MSE 78  C ? ? ? 1_555 A SER 79  N ? ? 1 MSE 78  1 SER 79  1_555 ? ? ? ? ? ? ? 1.324 ? ? 
covale6  covale both ? A ASN 117 C ? ? ? 1_555 A MSE 118 N ? ? 1 ASN 117 1 MSE 118 1_555 ? ? ? ? ? ? ? 1.321 ? ? 
covale7  covale both ? A MSE 118 C ? ? ? 1_555 A ARG 119 N ? ? 1 MSE 118 1 ARG 119 1_555 ? ? ? ? ? ? ? 1.316 ? ? 
covale8  covale both ? A VAL 121 C ? ? ? 1_555 A MSE 122 N ? ? 1 VAL 121 1 MSE 122 1_555 ? ? ? ? ? ? ? 1.321 ? ? 
covale9  covale both ? A MSE 122 C ? ? ? 1_555 A ARG 123 N ? ? 1 MSE 122 1 ARG 123 1_555 ? ? ? ? ? ? ? 1.326 ? ? 
covale10 covale both ? A SER 164 C ? ? ? 1_555 A MSE 165 N ? ? 1 SER 164 1 MSE 165 1_555 ? ? ? ? ? ? ? 1.323 ? ? 
covale11 covale both ? A MSE 165 C ? ? ? 1_555 A PHE 166 N ? ? 1 MSE 165 1 PHE 166 1_555 ? ? ? ? ? ? ? 1.328 ? ? 
# 
_struct_conn_type.id          covale 
_struct_conn_type.criteria    ? 
_struct_conn_type.reference   ? 
# 
loop_
_pdbx_modification_feature.ordinal 
_pdbx_modification_feature.label_comp_id 
_pdbx_modification_feature.label_asym_id 
_pdbx_modification_feature.label_seq_id 
_pdbx_modification_feature.label_alt_id 
_pdbx_modification_feature.modified_residue_label_comp_id 
_pdbx_modification_feature.modified_residue_label_asym_id 
_pdbx_modification_feature.modified_residue_label_seq_id 
_pdbx_modification_feature.modified_residue_label_alt_id 
_pdbx_modification_feature.auth_comp_id 
_pdbx_modification_feature.auth_asym_id 
_pdbx_modification_feature.auth_seq_id 
_pdbx_modification_feature.PDB_ins_code 
_pdbx_modification_feature.symmetry 
_pdbx_modification_feature.modified_residue_auth_comp_id 
_pdbx_modification_feature.modified_residue_auth_asym_id 
_pdbx_modification_feature.modified_residue_auth_seq_id 
_pdbx_modification_feature.modified_residue_PDB_ins_code 
_pdbx_modification_feature.modified_residue_symmetry 
_pdbx_modification_feature.comp_id_linking_atom 
_pdbx_modification_feature.modified_residue_id_linking_atom 
_pdbx_modification_feature.modified_residue_id 
_pdbx_modification_feature.ref_pcm_id 
_pdbx_modification_feature.ref_comp_id 
_pdbx_modification_feature.type 
_pdbx_modification_feature.category 
1 MSE A 1   ? . . . . MSE 1 1   ? 1_555 . . . . . . . MET 1 MSE Selenomethionine 'Named protein modification' 
2 MSE A 3   ? . . . . MSE 1 3   ? 1_555 . . . . . . . MET 1 MSE Selenomethionine 'Named protein modification' 
3 MSE A 78  ? . . . . MSE 1 78  ? 1_555 . . . . . . . MET 1 MSE Selenomethionine 'Named protein modification' 
4 MSE A 118 ? . . . . MSE 1 118 ? 1_555 . . . . . . . MET 1 MSE Selenomethionine 'Named protein modification' 
5 MSE A 122 ? . . . . MSE 1 122 ? 1_555 . . . . . . . MET 1 MSE Selenomethionine 'Named protein modification' 
6 MSE A 165 ? . . . . MSE 1 165 ? 1_555 . . . . . . . MET 1 MSE Selenomethionine 'Named protein modification' 
# 
loop_
_struct_sheet.id 
_struct_sheet.type 
_struct_sheet.number_strands 
_struct_sheet.details 
A ? 5 ? 
B ? 5 ? 
C ? 2 ? 
# 
loop_
_struct_sheet_order.sheet_id 
_struct_sheet_order.range_id_1 
_struct_sheet_order.range_id_2 
_struct_sheet_order.offset 
_struct_sheet_order.sense 
A 1 2 ? parallel      
A 2 3 ? parallel      
A 3 4 ? parallel      
A 4 5 ? parallel      
B 1 2 ? parallel      
B 2 3 ? parallel      
B 3 4 ? parallel      
B 4 5 ? parallel      
C 1 2 ? anti-parallel 
# 
loop_
_struct_sheet_range.sheet_id 
_struct_sheet_range.id 
_struct_sheet_range.beg_label_comp_id 
_struct_sheet_range.beg_label_asym_id 
_struct_sheet_range.beg_label_seq_id 
_struct_sheet_range.pdbx_beg_PDB_ins_code 
_struct_sheet_range.end_label_comp_id 
_struct_sheet_range.end_label_asym_id 
_struct_sheet_range.end_label_seq_id 
_struct_sheet_range.pdbx_end_PDB_ins_code 
_struct_sheet_range.beg_auth_comp_id 
_struct_sheet_range.beg_auth_asym_id 
_struct_sheet_range.beg_auth_seq_id 
_struct_sheet_range.end_auth_comp_id 
_struct_sheet_range.end_auth_asym_id 
_struct_sheet_range.end_auth_seq_id 
A 1 ASP A 30  ? ASP A 33  ? ASP 1 30  ASP 1 33  
A 2 MSE A 3   ? ASN A 7   ? MSE 1 3   ASN 1 7   
A 3 ALA A 66  ? PRO A 72  ? ALA 1 66  PRO 1 72  
A 4 PRO A 98  ? VAL A 104 ? PRO 1 98  VAL 1 104 
A 5 ASN A 128 ? VAL A 129 ? ASN 1 128 VAL 1 129 
B 1 ASP A 30  ? ASP A 33  ? ASP 1 30  ASP 1 33  
B 2 MSE A 3   ? ASN A 7   ? MSE 1 3   ASN 1 7   
B 3 ALA A 66  ? PRO A 72  ? ALA 1 66  PRO 1 72  
B 4 PRO A 98  ? VAL A 104 ? PRO 1 98  VAL 1 104 
B 5 LEU A 134 ? LEU A 136 ? LEU 1 134 LEU 1 136 
C 1 ILE A 141 ? ASP A 142 ? ILE 1 141 ASP 1 142 
C 2 THR A 147 ? VAL A 148 ? THR 1 147 VAL 1 148 
# 
loop_
_pdbx_struct_sheet_hbond.sheet_id 
_pdbx_struct_sheet_hbond.range_id_1 
_pdbx_struct_sheet_hbond.range_id_2 
_pdbx_struct_sheet_hbond.range_1_label_atom_id 
_pdbx_struct_sheet_hbond.range_1_label_comp_id 
_pdbx_struct_sheet_hbond.range_1_label_asym_id 
_pdbx_struct_sheet_hbond.range_1_label_seq_id 
_pdbx_struct_sheet_hbond.range_1_PDB_ins_code 
_pdbx_struct_sheet_hbond.range_1_auth_atom_id 
_pdbx_struct_sheet_hbond.range_1_auth_comp_id 
_pdbx_struct_sheet_hbond.range_1_auth_asym_id 
_pdbx_struct_sheet_hbond.range_1_auth_seq_id 
_pdbx_struct_sheet_hbond.range_2_label_atom_id 
_pdbx_struct_sheet_hbond.range_2_label_comp_id 
_pdbx_struct_sheet_hbond.range_2_label_asym_id 
_pdbx_struct_sheet_hbond.range_2_label_seq_id 
_pdbx_struct_sheet_hbond.range_2_PDB_ins_code 
_pdbx_struct_sheet_hbond.range_2_auth_atom_id 
_pdbx_struct_sheet_hbond.range_2_auth_comp_id 
_pdbx_struct_sheet_hbond.range_2_auth_asym_id 
_pdbx_struct_sheet_hbond.range_2_auth_seq_id 
A 1 2 O ILE A 32  ? O ILE 1 32  N VAL A 5   ? N VAL 1 5   
A 2 3 N LEU A 4   ? N LEU 1 4   O VAL A 68  ? O VAL 1 68  
A 3 4 N LEU A 69  ? N LEU 1 69  O ALA A 100 ? O ALA 1 100 
A 4 5 N VAL A 99  ? N VAL 1 99  O ASN A 128 ? O ASN 1 128 
B 1 2 O ILE A 32  ? O ILE 1 32  N VAL A 5   ? N VAL 1 5   
B 2 3 N LEU A 4   ? N LEU 1 4   O VAL A 68  ? O VAL 1 68  
B 3 4 N LEU A 69  ? N LEU 1 69  O ALA A 100 ? O ALA 1 100 
B 4 5 N ALA A 103 ? N ALA 1 103 O LEU A 136 ? O LEU 1 136 
C 1 2 N ASP A 142 ? N ASP 1 142 O THR A 147 ? O THR 1 147 
# 
_struct_site.id                   AC1 
_struct_site.pdbx_evidence_code   Software 
_struct_site.pdbx_auth_asym_id    1 
_struct_site.pdbx_auth_comp_id    FMN 
_struct_site.pdbx_auth_seq_id     200 
_struct_site.pdbx_auth_ins_code   ? 
_struct_site.pdbx_num_residues    16 
_struct_site.details              'BINDING SITE FOR RESIDUE FMN 1 200' 
# 
loop_
_struct_site_gen.id 
_struct_site_gen.site_id 
_struct_site_gen.pdbx_num_res 
_struct_site_gen.label_comp_id 
_struct_site_gen.label_asym_id 
_struct_site_gen.label_seq_id 
_struct_site_gen.pdbx_auth_ins_code 
_struct_site_gen.auth_comp_id 
_struct_site_gen.auth_asym_id 
_struct_site_gen.auth_seq_id 
_struct_site_gen.label_atom_id 
_struct_site_gen.label_alt_id 
_struct_site_gen.symmetry 
_struct_site_gen.details 
1  AC1 16 THR A 9   ? THR 1 9   . ? 1_555  ? 
2  AC1 16 ARG A 11  ? ARG 1 11  . ? 1_555  ? 
3  AC1 16 GLY A 14  ? GLY 1 14  . ? 1_555  ? 
4  AC1 16 ARG A 15  ? ARG 1 15  . ? 1_555  ? 
5  AC1 16 THR A 16  ? THR 1 16  . ? 1_555  ? 
6  AC1 16 PRO A 72  ? PRO 1 72  . ? 1_555  ? 
7  AC1 16 GLU A 73  ? GLU 1 73  . ? 1_555  ? 
8  AC1 16 TYR A 74  ? TYR 1 74  . ? 1_555  ? 
9  AC1 16 HIS A 75  ? HIS 1 75  . ? 1_555  ? 
10 AC1 16 SER A 76  ? SER 1 76  . ? 1_555  ? 
11 AC1 16 ASP A 87  ? ASP 1 87  . ? 10_664 ? 
12 AC1 16 VAL A 104 ? VAL 1 104 . ? 1_555  ? 
13 AC1 16 ALA A 105 ? ALA 1 105 . ? 1_555  ? 
14 AC1 16 GLY A 106 ? GLY 1 106 . ? 1_555  ? 
15 AC1 16 GLY A 110 ? GLY 1 110 . ? 1_555  ? 
16 AC1 16 HOH C .   ? HOH 1 219 . ? 1_555  ? 
# 
_pdbx_entry_details.entry_id                   1NNI 
_pdbx_entry_details.compound_details           ? 
_pdbx_entry_details.source_details             ? 
_pdbx_entry_details.nonpolymer_details         ? 
_pdbx_entry_details.sequence_details           ? 
_pdbx_entry_details.has_ligand_of_interest     ? 
_pdbx_entry_details.has_protein_modification   Y 
# 
_pdbx_validate_close_contact.id               1 
_pdbx_validate_close_contact.PDB_model_num    1 
_pdbx_validate_close_contact.auth_atom_id_1   O 
_pdbx_validate_close_contact.auth_asym_id_1   1 
_pdbx_validate_close_contact.auth_comp_id_1   LEU 
_pdbx_validate_close_contact.auth_seq_id_1    51 
_pdbx_validate_close_contact.PDB_ins_code_1   ? 
_pdbx_validate_close_contact.label_alt_id_1   ? 
_pdbx_validate_close_contact.auth_atom_id_2   NE2 
_pdbx_validate_close_contact.auth_asym_id_2   1 
_pdbx_validate_close_contact.auth_comp_id_2   GLN 
_pdbx_validate_close_contact.auth_seq_id_2    55 
_pdbx_validate_close_contact.PDB_ins_code_2   ? 
_pdbx_validate_close_contact.label_alt_id_2   ? 
_pdbx_validate_close_contact.dist             2.16 
# 
loop_
_pdbx_validate_symm_contact.id 
_pdbx_validate_symm_contact.PDB_model_num 
_pdbx_validate_symm_contact.auth_atom_id_1 
_pdbx_validate_symm_contact.auth_asym_id_1 
_pdbx_validate_symm_contact.auth_comp_id_1 
_pdbx_validate_symm_contact.auth_seq_id_1 
_pdbx_validate_symm_contact.PDB_ins_code_1 
_pdbx_validate_symm_contact.label_alt_id_1 
_pdbx_validate_symm_contact.site_symmetry_1 
_pdbx_validate_symm_contact.auth_atom_id_2 
_pdbx_validate_symm_contact.auth_asym_id_2 
_pdbx_validate_symm_contact.auth_comp_id_2 
_pdbx_validate_symm_contact.auth_seq_id_2 
_pdbx_validate_symm_contact.PDB_ins_code_2 
_pdbx_validate_symm_contact.label_alt_id_2 
_pdbx_validate_symm_contact.site_symmetry_2 
_pdbx_validate_symm_contact.dist 
1 1 O 1 HOH 247 ? ? 1_555 O 1 HOH 247 ? ? 4_665  2.02 
2 1 O 1 HOH 248 ? ? 1_555 O 1 HOH 248 ? ? 11_555 2.17 
# 
loop_
_pdbx_validate_torsion.id 
_pdbx_validate_torsion.PDB_model_num 
_pdbx_validate_torsion.auth_comp_id 
_pdbx_validate_torsion.auth_asym_id 
_pdbx_validate_torsion.auth_seq_id 
_pdbx_validate_torsion.PDB_ins_code 
_pdbx_validate_torsion.label_alt_id 
_pdbx_validate_torsion.phi 
_pdbx_validate_torsion.psi 
1 1 LEU 1 34  ? ? -66.69  9.62   
2 1 PHE 1 42  ? ? -46.36  151.00 
3 1 ASN 1 43  ? ? -151.19 10.58  
4 1 LEU 1 52  ? ? -12.56  -71.28 
5 1 LYS 1 53  ? ? -42.65  -75.96 
6 1 ALA 1 64  ? ? -49.72  150.30 
7 1 ASN 1 128 ? ? -118.91 79.08  
8 1 ALA 1 146 ? ? 37.40   53.92  
# 
_pdbx_SG_project.id                    1 
_pdbx_SG_project.project_name          'PSI, Protein Structure Initiative' 
_pdbx_SG_project.full_name_of_center   'Midwest Center for Structural Genomics' 
_pdbx_SG_project.initial_of_center     MCSG 
# 
loop_
_pdbx_struct_mod_residue.id 
_pdbx_struct_mod_residue.label_asym_id 
_pdbx_struct_mod_residue.label_comp_id 
_pdbx_struct_mod_residue.label_seq_id 
_pdbx_struct_mod_residue.auth_asym_id 
_pdbx_struct_mod_residue.auth_comp_id 
_pdbx_struct_mod_residue.auth_seq_id 
_pdbx_struct_mod_residue.PDB_ins_code 
_pdbx_struct_mod_residue.parent_comp_id 
_pdbx_struct_mod_residue.details 
1 A MSE 1   1 MSE 1   ? MET SELENOMETHIONINE 
2 A MSE 3   1 MSE 3   ? MET SELENOMETHIONINE 
3 A MSE 78  1 MSE 78  ? MET SELENOMETHIONINE 
4 A MSE 118 1 MSE 118 ? MET SELENOMETHIONINE 
5 A MSE 122 1 MSE 122 ? MET SELENOMETHIONINE 
6 A MSE 165 1 MSE 165 ? MET SELENOMETHIONINE 
# 
_pdbx_struct_special_symmetry.id              1 
_pdbx_struct_special_symmetry.PDB_model_num   1 
_pdbx_struct_special_symmetry.auth_asym_id    1 
_pdbx_struct_special_symmetry.auth_comp_id    HOH 
_pdbx_struct_special_symmetry.auth_seq_id     279 
_pdbx_struct_special_symmetry.PDB_ins_code    ? 
_pdbx_struct_special_symmetry.label_asym_id   C 
_pdbx_struct_special_symmetry.label_comp_id   HOH 
_pdbx_struct_special_symmetry.label_seq_id    . 
# 
loop_
_pdbx_unobs_or_zero_occ_residues.id 
_pdbx_unobs_or_zero_occ_residues.PDB_model_num 
_pdbx_unobs_or_zero_occ_residues.polymer_flag 
_pdbx_unobs_or_zero_occ_residues.occupancy_flag 
_pdbx_unobs_or_zero_occ_residues.auth_asym_id 
_pdbx_unobs_or_zero_occ_residues.auth_comp_id 
_pdbx_unobs_or_zero_occ_residues.auth_seq_id 
_pdbx_unobs_or_zero_occ_residues.PDB_ins_code 
_pdbx_unobs_or_zero_occ_residues.label_asym_id 
_pdbx_unobs_or_zero_occ_residues.label_comp_id 
_pdbx_unobs_or_zero_occ_residues.label_seq_id 
1 1 Y 1 1 PRO 172 ? A PRO 172 
2 1 Y 1 1 GLY 173 ? A GLY 173 
3 1 Y 1 1 VAL 174 ? A VAL 174 
# 
loop_
_chem_comp_atom.comp_id 
_chem_comp_atom.atom_id 
_chem_comp_atom.type_symbol 
_chem_comp_atom.pdbx_aromatic_flag 
_chem_comp_atom.pdbx_stereo_config 
_chem_comp_atom.pdbx_ordinal 
ALA N      N  N N 1   
ALA CA     C  N S 2   
ALA C      C  N N 3   
ALA O      O  N N 4   
ALA CB     C  N N 5   
ALA OXT    O  N N 6   
ALA H      H  N N 7   
ALA H2     H  N N 8   
ALA HA     H  N N 9   
ALA HB1    H  N N 10  
ALA HB2    H  N N 11  
ALA HB3    H  N N 12  
ALA HXT    H  N N 13  
ARG N      N  N N 14  
ARG CA     C  N S 15  
ARG C      C  N N 16  
ARG O      O  N N 17  
ARG CB     C  N N 18  
ARG CG     C  N N 19  
ARG CD     C  N N 20  
ARG NE     N  N N 21  
ARG CZ     C  N N 22  
ARG NH1    N  N N 23  
ARG NH2    N  N N 24  
ARG OXT    O  N N 25  
ARG H      H  N N 26  
ARG H2     H  N N 27  
ARG HA     H  N N 28  
ARG HB2    H  N N 29  
ARG HB3    H  N N 30  
ARG HG2    H  N N 31  
ARG HG3    H  N N 32  
ARG HD2    H  N N 33  
ARG HD3    H  N N 34  
ARG HE     H  N N 35  
ARG HH11   H  N N 36  
ARG HH12   H  N N 37  
ARG HH21   H  N N 38  
ARG HH22   H  N N 39  
ARG HXT    H  N N 40  
ASN N      N  N N 41  
ASN CA     C  N S 42  
ASN C      C  N N 43  
ASN O      O  N N 44  
ASN CB     C  N N 45  
ASN CG     C  N N 46  
ASN OD1    O  N N 47  
ASN ND2    N  N N 48  
ASN OXT    O  N N 49  
ASN H      H  N N 50  
ASN H2     H  N N 51  
ASN HA     H  N N 52  
ASN HB2    H  N N 53  
ASN HB3    H  N N 54  
ASN HD21   H  N N 55  
ASN HD22   H  N N 56  
ASN HXT    H  N N 57  
ASP N      N  N N 58  
ASP CA     C  N S 59  
ASP C      C  N N 60  
ASP O      O  N N 61  
ASP CB     C  N N 62  
ASP CG     C  N N 63  
ASP OD1    O  N N 64  
ASP OD2    O  N N 65  
ASP OXT    O  N N 66  
ASP H      H  N N 67  
ASP H2     H  N N 68  
ASP HA     H  N N 69  
ASP HB2    H  N N 70  
ASP HB3    H  N N 71  
ASP HD2    H  N N 72  
ASP HXT    H  N N 73  
FMN N1     N  N N 74  
FMN C2     C  N N 75  
FMN O2     O  N N 76  
FMN N3     N  N N 77  
FMN C4     C  N N 78  
FMN O4     O  N N 79  
FMN C4A    C  N N 80  
FMN N5     N  N N 81  
FMN C5A    C  Y N 82  
FMN C6     C  Y N 83  
FMN C7     C  Y N 84  
FMN C7M    C  N N 85  
FMN C8     C  Y N 86  
FMN C8M    C  N N 87  
FMN C9     C  Y N 88  
FMN C9A    C  Y N 89  
FMN N10    N  N N 90  
FMN C10    C  N N 91  
FMN "C1'"  C  N N 92  
FMN "C2'"  C  N S 93  
FMN "O2'"  O  N N 94  
FMN "C3'"  C  N S 95  
FMN "O3'"  O  N N 96  
FMN "C4'"  C  N R 97  
FMN "O4'"  O  N N 98  
FMN "C5'"  C  N N 99  
FMN "O5'"  O  N N 100 
FMN P      P  N N 101 
FMN O1P    O  N N 102 
FMN O2P    O  N N 103 
FMN O3P    O  N N 104 
FMN HN3    H  N N 105 
FMN H6     H  N N 106 
FMN HM71   H  N N 107 
FMN HM72   H  N N 108 
FMN HM73   H  N N 109 
FMN HM81   H  N N 110 
FMN HM82   H  N N 111 
FMN HM83   H  N N 112 
FMN H9     H  N N 113 
FMN "H1'1" H  N N 114 
FMN "H1'2" H  N N 115 
FMN "H2'"  H  N N 116 
FMN "HO2'" H  N N 117 
FMN "H3'"  H  N N 118 
FMN "HO3'" H  N N 119 
FMN "H4'"  H  N N 120 
FMN "HO4'" H  N N 121 
FMN "H5'1" H  N N 122 
FMN "H5'2" H  N N 123 
FMN HOP2   H  N N 124 
FMN HOP3   H  N N 125 
GLN N      N  N N 126 
GLN CA     C  N S 127 
GLN C      C  N N 128 
GLN O      O  N N 129 
GLN CB     C  N N 130 
GLN CG     C  N N 131 
GLN CD     C  N N 132 
GLN OE1    O  N N 133 
GLN NE2    N  N N 134 
GLN OXT    O  N N 135 
GLN H      H  N N 136 
GLN H2     H  N N 137 
GLN HA     H  N N 138 
GLN HB2    H  N N 139 
GLN HB3    H  N N 140 
GLN HG2    H  N N 141 
GLN HG3    H  N N 142 
GLN HE21   H  N N 143 
GLN HE22   H  N N 144 
GLN HXT    H  N N 145 
GLU N      N  N N 146 
GLU CA     C  N S 147 
GLU C      C  N N 148 
GLU O      O  N N 149 
GLU CB     C  N N 150 
GLU CG     C  N N 151 
GLU CD     C  N N 152 
GLU OE1    O  N N 153 
GLU OE2    O  N N 154 
GLU OXT    O  N N 155 
GLU H      H  N N 156 
GLU H2     H  N N 157 
GLU HA     H  N N 158 
GLU HB2    H  N N 159 
GLU HB3    H  N N 160 
GLU HG2    H  N N 161 
GLU HG3    H  N N 162 
GLU HE2    H  N N 163 
GLU HXT    H  N N 164 
GLY N      N  N N 165 
GLY CA     C  N N 166 
GLY C      C  N N 167 
GLY O      O  N N 168 
GLY OXT    O  N N 169 
GLY H      H  N N 170 
GLY H2     H  N N 171 
GLY HA2    H  N N 172 
GLY HA3    H  N N 173 
GLY HXT    H  N N 174 
HIS N      N  N N 175 
HIS CA     C  N S 176 
HIS C      C  N N 177 
HIS O      O  N N 178 
HIS CB     C  N N 179 
HIS CG     C  Y N 180 
HIS ND1    N  Y N 181 
HIS CD2    C  Y N 182 
HIS CE1    C  Y N 183 
HIS NE2    N  Y N 184 
HIS OXT    O  N N 185 
HIS H      H  N N 186 
HIS H2     H  N N 187 
HIS HA     H  N N 188 
HIS HB2    H  N N 189 
HIS HB3    H  N N 190 
HIS HD1    H  N N 191 
HIS HD2    H  N N 192 
HIS HE1    H  N N 193 
HIS HE2    H  N N 194 
HIS HXT    H  N N 195 
HOH O      O  N N 196 
HOH H1     H  N N 197 
HOH H2     H  N N 198 
ILE N      N  N N 199 
ILE CA     C  N S 200 
ILE C      C  N N 201 
ILE O      O  N N 202 
ILE CB     C  N S 203 
ILE CG1    C  N N 204 
ILE CG2    C  N N 205 
ILE CD1    C  N N 206 
ILE OXT    O  N N 207 
ILE H      H  N N 208 
ILE H2     H  N N 209 
ILE HA     H  N N 210 
ILE HB     H  N N 211 
ILE HG12   H  N N 212 
ILE HG13   H  N N 213 
ILE HG21   H  N N 214 
ILE HG22   H  N N 215 
ILE HG23   H  N N 216 
ILE HD11   H  N N 217 
ILE HD12   H  N N 218 
ILE HD13   H  N N 219 
ILE HXT    H  N N 220 
LEU N      N  N N 221 
LEU CA     C  N S 222 
LEU C      C  N N 223 
LEU O      O  N N 224 
LEU CB     C  N N 225 
LEU CG     C  N N 226 
LEU CD1    C  N N 227 
LEU CD2    C  N N 228 
LEU OXT    O  N N 229 
LEU H      H  N N 230 
LEU H2     H  N N 231 
LEU HA     H  N N 232 
LEU HB2    H  N N 233 
LEU HB3    H  N N 234 
LEU HG     H  N N 235 
LEU HD11   H  N N 236 
LEU HD12   H  N N 237 
LEU HD13   H  N N 238 
LEU HD21   H  N N 239 
LEU HD22   H  N N 240 
LEU HD23   H  N N 241 
LEU HXT    H  N N 242 
LYS N      N  N N 243 
LYS CA     C  N S 244 
LYS C      C  N N 245 
LYS O      O  N N 246 
LYS CB     C  N N 247 
LYS CG     C  N N 248 
LYS CD     C  N N 249 
LYS CE     C  N N 250 
LYS NZ     N  N N 251 
LYS OXT    O  N N 252 
LYS H      H  N N 253 
LYS H2     H  N N 254 
LYS HA     H  N N 255 
LYS HB2    H  N N 256 
LYS HB3    H  N N 257 
LYS HG2    H  N N 258 
LYS HG3    H  N N 259 
LYS HD2    H  N N 260 
LYS HD3    H  N N 261 
LYS HE2    H  N N 262 
LYS HE3    H  N N 263 
LYS HZ1    H  N N 264 
LYS HZ2    H  N N 265 
LYS HZ3    H  N N 266 
LYS HXT    H  N N 267 
MET N      N  N N 268 
MET CA     C  N S 269 
MET C      C  N N 270 
MET O      O  N N 271 
MET CB     C  N N 272 
MET CG     C  N N 273 
MET SD     S  N N 274 
MET CE     C  N N 275 
MET OXT    O  N N 276 
MET H      H  N N 277 
MET H2     H  N N 278 
MET HA     H  N N 279 
MET HB2    H  N N 280 
MET HB3    H  N N 281 
MET HG2    H  N N 282 
MET HG3    H  N N 283 
MET HE1    H  N N 284 
MET HE2    H  N N 285 
MET HE3    H  N N 286 
MET HXT    H  N N 287 
MSE N      N  N N 288 
MSE CA     C  N S 289 
MSE C      C  N N 290 
MSE O      O  N N 291 
MSE OXT    O  N N 292 
MSE CB     C  N N 293 
MSE CG     C  N N 294 
MSE SE     SE N N 295 
MSE CE     C  N N 296 
MSE H      H  N N 297 
MSE H2     H  N N 298 
MSE HA     H  N N 299 
MSE HXT    H  N N 300 
MSE HB2    H  N N 301 
MSE HB3    H  N N 302 
MSE HG2    H  N N 303 
MSE HG3    H  N N 304 
MSE HE1    H  N N 305 
MSE HE2    H  N N 306 
MSE HE3    H  N N 307 
PHE N      N  N N 308 
PHE CA     C  N S 309 
PHE C      C  N N 310 
PHE O      O  N N 311 
PHE CB     C  N N 312 
PHE CG     C  Y N 313 
PHE CD1    C  Y N 314 
PHE CD2    C  Y N 315 
PHE CE1    C  Y N 316 
PHE CE2    C  Y N 317 
PHE CZ     C  Y N 318 
PHE OXT    O  N N 319 
PHE H      H  N N 320 
PHE H2     H  N N 321 
PHE HA     H  N N 322 
PHE HB2    H  N N 323 
PHE HB3    H  N N 324 
PHE HD1    H  N N 325 
PHE HD2    H  N N 326 
PHE HE1    H  N N 327 
PHE HE2    H  N N 328 
PHE HZ     H  N N 329 
PHE HXT    H  N N 330 
PRO N      N  N N 331 
PRO CA     C  N S 332 
PRO C      C  N N 333 
PRO O      O  N N 334 
PRO CB     C  N N 335 
PRO CG     C  N N 336 
PRO CD     C  N N 337 
PRO OXT    O  N N 338 
PRO H      H  N N 339 
PRO HA     H  N N 340 
PRO HB2    H  N N 341 
PRO HB3    H  N N 342 
PRO HG2    H  N N 343 
PRO HG3    H  N N 344 
PRO HD2    H  N N 345 
PRO HD3    H  N N 346 
PRO HXT    H  N N 347 
SER N      N  N N 348 
SER CA     C  N S 349 
SER C      C  N N 350 
SER O      O  N N 351 
SER CB     C  N N 352 
SER OG     O  N N 353 
SER OXT    O  N N 354 
SER H      H  N N 355 
SER H2     H  N N 356 
SER HA     H  N N 357 
SER HB2    H  N N 358 
SER HB3    H  N N 359 
SER HG     H  N N 360 
SER HXT    H  N N 361 
THR N      N  N N 362 
THR CA     C  N S 363 
THR C      C  N N 364 
THR O      O  N N 365 
THR CB     C  N R 366 
THR OG1    O  N N 367 
THR CG2    C  N N 368 
THR OXT    O  N N 369 
THR H      H  N N 370 
THR H2     H  N N 371 
THR HA     H  N N 372 
THR HB     H  N N 373 
THR HG1    H  N N 374 
THR HG21   H  N N 375 
THR HG22   H  N N 376 
THR HG23   H  N N 377 
THR HXT    H  N N 378 
TYR N      N  N N 379 
TYR CA     C  N S 380 
TYR C      C  N N 381 
TYR O      O  N N 382 
TYR CB     C  N N 383 
TYR CG     C  Y N 384 
TYR CD1    C  Y N 385 
TYR CD2    C  Y N 386 
TYR CE1    C  Y N 387 
TYR CE2    C  Y N 388 
TYR CZ     C  Y N 389 
TYR OH     O  N N 390 
TYR OXT    O  N N 391 
TYR H      H  N N 392 
TYR H2     H  N N 393 
TYR HA     H  N N 394 
TYR HB2    H  N N 395 
TYR HB3    H  N N 396 
TYR HD1    H  N N 397 
TYR HD2    H  N N 398 
TYR HE1    H  N N 399 
TYR HE2    H  N N 400 
TYR HH     H  N N 401 
TYR HXT    H  N N 402 
VAL N      N  N N 403 
VAL CA     C  N S 404 
VAL C      C  N N 405 
VAL O      O  N N 406 
VAL CB     C  N N 407 
VAL CG1    C  N N 408 
VAL CG2    C  N N 409 
VAL OXT    O  N N 410 
VAL H      H  N N 411 
VAL H2     H  N N 412 
VAL HA     H  N N 413 
VAL HB     H  N N 414 
VAL HG11   H  N N 415 
VAL HG12   H  N N 416 
VAL HG13   H  N N 417 
VAL HG21   H  N N 418 
VAL HG22   H  N N 419 
VAL HG23   H  N N 420 
VAL HXT    H  N N 421 
# 
loop_
_chem_comp_bond.comp_id 
_chem_comp_bond.atom_id_1 
_chem_comp_bond.atom_id_2 
_chem_comp_bond.value_order 
_chem_comp_bond.pdbx_aromatic_flag 
_chem_comp_bond.pdbx_stereo_config 
_chem_comp_bond.pdbx_ordinal 
ALA N     CA     sing N N 1   
ALA N     H      sing N N 2   
ALA N     H2     sing N N 3   
ALA CA    C      sing N N 4   
ALA CA    CB     sing N N 5   
ALA CA    HA     sing N N 6   
ALA C     O      doub N N 7   
ALA C     OXT    sing N N 8   
ALA CB    HB1    sing N N 9   
ALA CB    HB2    sing N N 10  
ALA CB    HB3    sing N N 11  
ALA OXT   HXT    sing N N 12  
ARG N     CA     sing N N 13  
ARG N     H      sing N N 14  
ARG N     H2     sing N N 15  
ARG CA    C      sing N N 16  
ARG CA    CB     sing N N 17  
ARG CA    HA     sing N N 18  
ARG C     O      doub N N 19  
ARG C     OXT    sing N N 20  
ARG CB    CG     sing N N 21  
ARG CB    HB2    sing N N 22  
ARG CB    HB3    sing N N 23  
ARG CG    CD     sing N N 24  
ARG CG    HG2    sing N N 25  
ARG CG    HG3    sing N N 26  
ARG CD    NE     sing N N 27  
ARG CD    HD2    sing N N 28  
ARG CD    HD3    sing N N 29  
ARG NE    CZ     sing N N 30  
ARG NE    HE     sing N N 31  
ARG CZ    NH1    sing N N 32  
ARG CZ    NH2    doub N N 33  
ARG NH1   HH11   sing N N 34  
ARG NH1   HH12   sing N N 35  
ARG NH2   HH21   sing N N 36  
ARG NH2   HH22   sing N N 37  
ARG OXT   HXT    sing N N 38  
ASN N     CA     sing N N 39  
ASN N     H      sing N N 40  
ASN N     H2     sing N N 41  
ASN CA    C      sing N N 42  
ASN CA    CB     sing N N 43  
ASN CA    HA     sing N N 44  
ASN C     O      doub N N 45  
ASN C     OXT    sing N N 46  
ASN CB    CG     sing N N 47  
ASN CB    HB2    sing N N 48  
ASN CB    HB3    sing N N 49  
ASN CG    OD1    doub N N 50  
ASN CG    ND2    sing N N 51  
ASN ND2   HD21   sing N N 52  
ASN ND2   HD22   sing N N 53  
ASN OXT   HXT    sing N N 54  
ASP N     CA     sing N N 55  
ASP N     H      sing N N 56  
ASP N     H2     sing N N 57  
ASP CA    C      sing N N 58  
ASP CA    CB     sing N N 59  
ASP CA    HA     sing N N 60  
ASP C     O      doub N N 61  
ASP C     OXT    sing N N 62  
ASP CB    CG     sing N N 63  
ASP CB    HB2    sing N N 64  
ASP CB    HB3    sing N N 65  
ASP CG    OD1    doub N N 66  
ASP CG    OD2    sing N N 67  
ASP OD2   HD2    sing N N 68  
ASP OXT   HXT    sing N N 69  
FMN N1    C2     sing N N 70  
FMN N1    C10    doub N N 71  
FMN C2    O2     doub N N 72  
FMN C2    N3     sing N N 73  
FMN N3    C4     sing N N 74  
FMN N3    HN3    sing N N 75  
FMN C4    O4     doub N N 76  
FMN C4    C4A    sing N N 77  
FMN C4A   N5     doub N N 78  
FMN C4A   C10    sing N N 79  
FMN N5    C5A    sing N N 80  
FMN C5A   C6     doub Y N 81  
FMN C5A   C9A    sing Y N 82  
FMN C6    C7     sing Y N 83  
FMN C6    H6     sing N N 84  
FMN C7    C7M    sing N N 85  
FMN C7    C8     doub Y N 86  
FMN C7M   HM71   sing N N 87  
FMN C7M   HM72   sing N N 88  
FMN C7M   HM73   sing N N 89  
FMN C8    C8M    sing N N 90  
FMN C8    C9     sing Y N 91  
FMN C8M   HM81   sing N N 92  
FMN C8M   HM82   sing N N 93  
FMN C8M   HM83   sing N N 94  
FMN C9    C9A    doub Y N 95  
FMN C9    H9     sing N N 96  
FMN C9A   N10    sing N N 97  
FMN N10   C10    sing N N 98  
FMN N10   "C1'"  sing N N 99  
FMN "C1'" "C2'"  sing N N 100 
FMN "C1'" "H1'1" sing N N 101 
FMN "C1'" "H1'2" sing N N 102 
FMN "C2'" "O2'"  sing N N 103 
FMN "C2'" "C3'"  sing N N 104 
FMN "C2'" "H2'"  sing N N 105 
FMN "O2'" "HO2'" sing N N 106 
FMN "C3'" "O3'"  sing N N 107 
FMN "C3'" "C4'"  sing N N 108 
FMN "C3'" "H3'"  sing N N 109 
FMN "O3'" "HO3'" sing N N 110 
FMN "C4'" "O4'"  sing N N 111 
FMN "C4'" "C5'"  sing N N 112 
FMN "C4'" "H4'"  sing N N 113 
FMN "O4'" "HO4'" sing N N 114 
FMN "C5'" "O5'"  sing N N 115 
FMN "C5'" "H5'1" sing N N 116 
FMN "C5'" "H5'2" sing N N 117 
FMN "O5'" P      sing N N 118 
FMN P     O1P    doub N N 119 
FMN P     O2P    sing N N 120 
FMN P     O3P    sing N N 121 
FMN O2P   HOP2   sing N N 122 
FMN O3P   HOP3   sing N N 123 
GLN N     CA     sing N N 124 
GLN N     H      sing N N 125 
GLN N     H2     sing N N 126 
GLN CA    C      sing N N 127 
GLN CA    CB     sing N N 128 
GLN CA    HA     sing N N 129 
GLN C     O      doub N N 130 
GLN C     OXT    sing N N 131 
GLN CB    CG     sing N N 132 
GLN CB    HB2    sing N N 133 
GLN CB    HB3    sing N N 134 
GLN CG    CD     sing N N 135 
GLN CG    HG2    sing N N 136 
GLN CG    HG3    sing N N 137 
GLN CD    OE1    doub N N 138 
GLN CD    NE2    sing N N 139 
GLN NE2   HE21   sing N N 140 
GLN NE2   HE22   sing N N 141 
GLN OXT   HXT    sing N N 142 
GLU N     CA     sing N N 143 
GLU N     H      sing N N 144 
GLU N     H2     sing N N 145 
GLU CA    C      sing N N 146 
GLU CA    CB     sing N N 147 
GLU CA    HA     sing N N 148 
GLU C     O      doub N N 149 
GLU C     OXT    sing N N 150 
GLU CB    CG     sing N N 151 
GLU CB    HB2    sing N N 152 
GLU CB    HB3    sing N N 153 
GLU CG    CD     sing N N 154 
GLU CG    HG2    sing N N 155 
GLU CG    HG3    sing N N 156 
GLU CD    OE1    doub N N 157 
GLU CD    OE2    sing N N 158 
GLU OE2   HE2    sing N N 159 
GLU OXT   HXT    sing N N 160 
GLY N     CA     sing N N 161 
GLY N     H      sing N N 162 
GLY N     H2     sing N N 163 
GLY CA    C      sing N N 164 
GLY CA    HA2    sing N N 165 
GLY CA    HA3    sing N N 166 
GLY C     O      doub N N 167 
GLY C     OXT    sing N N 168 
GLY OXT   HXT    sing N N 169 
HIS N     CA     sing N N 170 
HIS N     H      sing N N 171 
HIS N     H2     sing N N 172 
HIS CA    C      sing N N 173 
HIS CA    CB     sing N N 174 
HIS CA    HA     sing N N 175 
HIS C     O      doub N N 176 
HIS C     OXT    sing N N 177 
HIS CB    CG     sing N N 178 
HIS CB    HB2    sing N N 179 
HIS CB    HB3    sing N N 180 
HIS CG    ND1    sing Y N 181 
HIS CG    CD2    doub Y N 182 
HIS ND1   CE1    doub Y N 183 
HIS ND1   HD1    sing N N 184 
HIS CD2   NE2    sing Y N 185 
HIS CD2   HD2    sing N N 186 
HIS CE1   NE2    sing Y N 187 
HIS CE1   HE1    sing N N 188 
HIS NE2   HE2    sing N N 189 
HIS OXT   HXT    sing N N 190 
HOH O     H1     sing N N 191 
HOH O     H2     sing N N 192 
ILE N     CA     sing N N 193 
ILE N     H      sing N N 194 
ILE N     H2     sing N N 195 
ILE CA    C      sing N N 196 
ILE CA    CB     sing N N 197 
ILE CA    HA     sing N N 198 
ILE C     O      doub N N 199 
ILE C     OXT    sing N N 200 
ILE CB    CG1    sing N N 201 
ILE CB    CG2    sing N N 202 
ILE CB    HB     sing N N 203 
ILE CG1   CD1    sing N N 204 
ILE CG1   HG12   sing N N 205 
ILE CG1   HG13   sing N N 206 
ILE CG2   HG21   sing N N 207 
ILE CG2   HG22   sing N N 208 
ILE CG2   HG23   sing N N 209 
ILE CD1   HD11   sing N N 210 
ILE CD1   HD12   sing N N 211 
ILE CD1   HD13   sing N N 212 
ILE OXT   HXT    sing N N 213 
LEU N     CA     sing N N 214 
LEU N     H      sing N N 215 
LEU N     H2     sing N N 216 
LEU CA    C      sing N N 217 
LEU CA    CB     sing N N 218 
LEU CA    HA     sing N N 219 
LEU C     O      doub N N 220 
LEU C     OXT    sing N N 221 
LEU CB    CG     sing N N 222 
LEU CB    HB2    sing N N 223 
LEU CB    HB3    sing N N 224 
LEU CG    CD1    sing N N 225 
LEU CG    CD2    sing N N 226 
LEU CG    HG     sing N N 227 
LEU CD1   HD11   sing N N 228 
LEU CD1   HD12   sing N N 229 
LEU CD1   HD13   sing N N 230 
LEU CD2   HD21   sing N N 231 
LEU CD2   HD22   sing N N 232 
LEU CD2   HD23   sing N N 233 
LEU OXT   HXT    sing N N 234 
LYS N     CA     sing N N 235 
LYS N     H      sing N N 236 
LYS N     H2     sing N N 237 
LYS CA    C      sing N N 238 
LYS CA    CB     sing N N 239 
LYS CA    HA     sing N N 240 
LYS C     O      doub N N 241 
LYS C     OXT    sing N N 242 
LYS CB    CG     sing N N 243 
LYS CB    HB2    sing N N 244 
LYS CB    HB3    sing N N 245 
LYS CG    CD     sing N N 246 
LYS CG    HG2    sing N N 247 
LYS CG    HG3    sing N N 248 
LYS CD    CE     sing N N 249 
LYS CD    HD2    sing N N 250 
LYS CD    HD3    sing N N 251 
LYS CE    NZ     sing N N 252 
LYS CE    HE2    sing N N 253 
LYS CE    HE3    sing N N 254 
LYS NZ    HZ1    sing N N 255 
LYS NZ    HZ2    sing N N 256 
LYS NZ    HZ3    sing N N 257 
LYS OXT   HXT    sing N N 258 
MET N     CA     sing N N 259 
MET N     H      sing N N 260 
MET N     H2     sing N N 261 
MET CA    C      sing N N 262 
MET CA    CB     sing N N 263 
MET CA    HA     sing N N 264 
MET C     O      doub N N 265 
MET C     OXT    sing N N 266 
MET CB    CG     sing N N 267 
MET CB    HB2    sing N N 268 
MET CB    HB3    sing N N 269 
MET CG    SD     sing N N 270 
MET CG    HG2    sing N N 271 
MET CG    HG3    sing N N 272 
MET SD    CE     sing N N 273 
MET CE    HE1    sing N N 274 
MET CE    HE2    sing N N 275 
MET CE    HE3    sing N N 276 
MET OXT   HXT    sing N N 277 
MSE N     CA     sing N N 278 
MSE N     H      sing N N 279 
MSE N     H2     sing N N 280 
MSE CA    C      sing N N 281 
MSE CA    CB     sing N N 282 
MSE CA    HA     sing N N 283 
MSE C     O      doub N N 284 
MSE C     OXT    sing N N 285 
MSE OXT   HXT    sing N N 286 
MSE CB    CG     sing N N 287 
MSE CB    HB2    sing N N 288 
MSE CB    HB3    sing N N 289 
MSE CG    SE     sing N N 290 
MSE CG    HG2    sing N N 291 
MSE CG    HG3    sing N N 292 
MSE SE    CE     sing N N 293 
MSE CE    HE1    sing N N 294 
MSE CE    HE2    sing N N 295 
MSE CE    HE3    sing N N 296 
PHE N     CA     sing N N 297 
PHE N     H      sing N N 298 
PHE N     H2     sing N N 299 
PHE CA    C      sing N N 300 
PHE CA    CB     sing N N 301 
PHE CA    HA     sing N N 302 
PHE C     O      doub N N 303 
PHE C     OXT    sing N N 304 
PHE CB    CG     sing N N 305 
PHE CB    HB2    sing N N 306 
PHE CB    HB3    sing N N 307 
PHE CG    CD1    doub Y N 308 
PHE CG    CD2    sing Y N 309 
PHE CD1   CE1    sing Y N 310 
PHE CD1   HD1    sing N N 311 
PHE CD2   CE2    doub Y N 312 
PHE CD2   HD2    sing N N 313 
PHE CE1   CZ     doub Y N 314 
PHE CE1   HE1    sing N N 315 
PHE CE2   CZ     sing Y N 316 
PHE CE2   HE2    sing N N 317 
PHE CZ    HZ     sing N N 318 
PHE OXT   HXT    sing N N 319 
PRO N     CA     sing N N 320 
PRO N     CD     sing N N 321 
PRO N     H      sing N N 322 
PRO CA    C      sing N N 323 
PRO CA    CB     sing N N 324 
PRO CA    HA     sing N N 325 
PRO C     O      doub N N 326 
PRO C     OXT    sing N N 327 
PRO CB    CG     sing N N 328 
PRO CB    HB2    sing N N 329 
PRO CB    HB3    sing N N 330 
PRO CG    CD     sing N N 331 
PRO CG    HG2    sing N N 332 
PRO CG    HG3    sing N N 333 
PRO CD    HD2    sing N N 334 
PRO CD    HD3    sing N N 335 
PRO OXT   HXT    sing N N 336 
SER N     CA     sing N N 337 
SER N     H      sing N N 338 
SER N     H2     sing N N 339 
SER CA    C      sing N N 340 
SER CA    CB     sing N N 341 
SER CA    HA     sing N N 342 
SER C     O      doub N N 343 
SER C     OXT    sing N N 344 
SER CB    OG     sing N N 345 
SER CB    HB2    sing N N 346 
SER CB    HB3    sing N N 347 
SER OG    HG     sing N N 348 
SER OXT   HXT    sing N N 349 
THR N     CA     sing N N 350 
THR N     H      sing N N 351 
THR N     H2     sing N N 352 
THR CA    C      sing N N 353 
THR CA    CB     sing N N 354 
THR CA    HA     sing N N 355 
THR C     O      doub N N 356 
THR C     OXT    sing N N 357 
THR CB    OG1    sing N N 358 
THR CB    CG2    sing N N 359 
THR CB    HB     sing N N 360 
THR OG1   HG1    sing N N 361 
THR CG2   HG21   sing N N 362 
THR CG2   HG22   sing N N 363 
THR CG2   HG23   sing N N 364 
THR OXT   HXT    sing N N 365 
TYR N     CA     sing N N 366 
TYR N     H      sing N N 367 
TYR N     H2     sing N N 368 
TYR CA    C      sing N N 369 
TYR CA    CB     sing N N 370 
TYR CA    HA     sing N N 371 
TYR C     O      doub N N 372 
TYR C     OXT    sing N N 373 
TYR CB    CG     sing N N 374 
TYR CB    HB2    sing N N 375 
TYR CB    HB3    sing N N 376 
TYR CG    CD1    doub Y N 377 
TYR CG    CD2    sing Y N 378 
TYR CD1   CE1    sing Y N 379 
TYR CD1   HD1    sing N N 380 
TYR CD2   CE2    doub Y N 381 
TYR CD2   HD2    sing N N 382 
TYR CE1   CZ     doub Y N 383 
TYR CE1   HE1    sing N N 384 
TYR CE2   CZ     sing Y N 385 
TYR CE2   HE2    sing N N 386 
TYR CZ    OH     sing N N 387 
TYR OH    HH     sing N N 388 
TYR OXT   HXT    sing N N 389 
VAL N     CA     sing N N 390 
VAL N     H      sing N N 391 
VAL N     H2     sing N N 392 
VAL CA    C      sing N N 393 
VAL CA    CB     sing N N 394 
VAL CA    HA     sing N N 395 
VAL C     O      doub N N 396 
VAL C     OXT    sing N N 397 
VAL CB    CG1    sing N N 398 
VAL CB    CG2    sing N N 399 
VAL CB    HB     sing N N 400 
VAL CG1   HG11   sing N N 401 
VAL CG1   HG12   sing N N 402 
VAL CG1   HG13   sing N N 403 
VAL CG2   HG21   sing N N 404 
VAL CG2   HG22   sing N N 405 
VAL CG2   HG23   sing N N 406 
VAL OXT   HXT    sing N N 407 
# 
_atom_sites.entry_id                    1NNI 
_atom_sites.fract_transf_matrix[1][1]   0.00958642 
_atom_sites.fract_transf_matrix[1][2]   -0.00231942 
_atom_sites.fract_transf_matrix[1][3]   -0.00276913 
_atom_sites.fract_transf_matrix[2][1]   0.00724973 
_atom_sites.fract_transf_matrix[2][2]   -0.00118258 
_atom_sites.fract_transf_matrix[2][3]   0.00714020 
_atom_sites.fract_transf_matrix[3][1]   -0.00242478 
_atom_sites.fract_transf_matrix[3][2]   -0.01082146 
_atom_sites.fract_transf_matrix[3][3]   0.00066970 
_atom_sites.fract_transf_vector[1]      0.367188 
_atom_sites.fract_transf_vector[2]      0.508699 
_atom_sites.fract_transf_vector[3]      -0.040257 
# 
loop_
_atom_type.symbol 
C  
N  
O  
P  
SE 
# 
loop_
_atom_site.group_PDB 
_atom_site.id 
_atom_site.type_symbol 
_atom_site.label_atom_id 
_atom_site.label_alt_id 
_atom_site.label_comp_id 
_atom_site.label_asym_id 
_atom_site.label_entity_id 
_atom_site.label_seq_id 
_atom_site.pdbx_PDB_ins_code 
_atom_site.Cartn_x 
_atom_site.Cartn_y 
_atom_site.Cartn_z 
_atom_site.occupancy 
_atom_site.B_iso_or_equiv 
_atom_site.pdbx_formal_charge 
_atom_site.auth_seq_id 
_atom_site.auth_comp_id 
_atom_site.auth_asym_id 
_atom_site.auth_atom_id 
_atom_site.pdbx_PDB_model_num 
HETATM 1    N  N     . MSE A 1 1   ? -3.671  -18.233 0.784   1.00 83.23  ? 1   MSE 1 N     1 
HETATM 2    C  CA    . MSE A 1 1   ? -3.418  -16.856 0.265   1.00 83.31  ? 1   MSE 1 CA    1 
HETATM 3    C  C     . MSE A 1 1   ? -3.501  -15.812 1.381   1.00 80.35  ? 1   MSE 1 C     1 
HETATM 4    O  O     . MSE A 1 1   ? -4.572  -15.268 1.659   1.00 79.43  ? 1   MSE 1 O     1 
HETATM 5    C  CB    . MSE A 1 1   ? -4.438  -16.523 -0.828  1.00 88.11  ? 1   MSE 1 CB    1 
HETATM 6    C  CG    . MSE A 1 1   ? -4.218  -15.170 -1.489  1.00 93.70  ? 1   MSE 1 CG    1 
HETATM 7    SE SE    . MSE A 1 1   ? -2.467  -14.980 -2.302  1.00 100.88 ? 1   MSE 1 SE    1 
HETATM 8    C  CE    . MSE A 1 1   ? -2.852  -15.792 -4.020  1.00 97.19  ? 1   MSE 1 CE    1 
ATOM   9    N  N     . ASN A 1 2   ? -2.368  -15.530 2.016   1.00 77.36  ? 2   ASN 1 N     1 
ATOM   10   C  CA    . ASN A 1 2   ? -2.332  -14.559 3.106   1.00 74.66  ? 2   ASN 1 CA    1 
ATOM   11   C  C     . ASN A 1 2   ? -1.889  -13.212 2.555   1.00 71.16  ? 2   ASN 1 C     1 
ATOM   12   O  O     . ASN A 1 2   ? -0.698  -12.958 2.402   1.00 70.19  ? 2   ASN 1 O     1 
ATOM   13   C  CB    . ASN A 1 2   ? -1.361  -15.026 4.197   1.00 76.55  ? 2   ASN 1 CB    1 
ATOM   14   C  CG    . ASN A 1 2   ? -1.742  -14.514 5.573   1.00 77.82  ? 2   ASN 1 CG    1 
ATOM   15   O  OD1   . ASN A 1 2   ? -0.995  -14.685 6.540   1.00 79.34  ? 2   ASN 1 OD1   1 
ATOM   16   N  ND2   . ASN A 1 2   ? -2.916  -13.892 5.672   1.00 77.76  ? 2   ASN 1 ND2   1 
HETATM 17   N  N     . MSE A 1 3   ? -2.858  -12.349 2.283   1.00 68.18  ? 3   MSE 1 N     1 
HETATM 18   C  CA    . MSE A 1 3   ? -2.604  -11.039 1.696   1.00 64.97  ? 3   MSE 1 CA    1 
HETATM 19   C  C     . MSE A 1 3   ? -2.698  -9.871  2.676   1.00 61.22  ? 3   MSE 1 C     1 
HETATM 20   O  O     . MSE A 1 3   ? -3.466  -9.916  3.634   1.00 60.06  ? 3   MSE 1 O     1 
HETATM 21   C  CB    . MSE A 1 3   ? -3.592  -10.844 0.557   1.00 68.31  ? 3   MSE 1 CB    1 
HETATM 22   C  CG    . MSE A 1 3   ? -3.197  -9.846  -0.485  1.00 74.19  ? 3   MSE 1 CG    1 
HETATM 23   SE SE    . MSE A 1 3   ? -4.407  -10.068 -1.970  1.00 81.41  ? 3   MSE 1 SE    1 
HETATM 24   C  CE    . MSE A 1 3   ? -5.757  -8.787  -1.427  1.00 78.40  ? 3   MSE 1 CE    1 
ATOM   25   N  N     . LEU A 1 4   ? -1.916  -8.824  2.422   1.00 57.64  ? 4   LEU 1 N     1 
ATOM   26   C  CA    . LEU A 1 4   ? -1.913  -7.631  3.267   1.00 55.33  ? 4   LEU 1 CA    1 
ATOM   27   C  C     . LEU A 1 4   ? -2.139  -6.380  2.426   1.00 54.92  ? 4   LEU 1 C     1 
ATOM   28   O  O     . LEU A 1 4   ? -1.695  -6.308  1.283   1.00 56.94  ? 4   LEU 1 O     1 
ATOM   29   C  CB    . LEU A 1 4   ? -0.577  -7.505  4.009   1.00 54.32  ? 4   LEU 1 CB    1 
ATOM   30   C  CG    . LEU A 1 4   ? -0.223  -6.161  4.675   1.00 53.69  ? 4   LEU 1 CG    1 
ATOM   31   C  CD1   . LEU A 1 4   ? -1.159  -5.866  5.828   1.00 52.12  ? 4   LEU 1 CD1   1 
ATOM   32   C  CD2   . LEU A 1 4   ? 1.214   -6.200  5.166   1.00 52.70  ? 4   LEU 1 CD2   1 
ATOM   33   N  N     . VAL A 1 5   ? -2.843  -5.404  2.992   1.00 52.85  ? 5   VAL 1 N     1 
ATOM   34   C  CA    . VAL A 1 5   ? -3.106  -4.144  2.316   1.00 50.41  ? 5   VAL 1 CA    1 
ATOM   35   C  C     . VAL A 1 5   ? -2.643  -3.003  3.211   1.00 50.05  ? 5   VAL 1 C     1 
ATOM   36   O  O     . VAL A 1 5   ? -2.972  -2.970  4.397   1.00 51.01  ? 5   VAL 1 O     1 
ATOM   37   C  CB    . VAL A 1 5   ? -4.593  -3.946  2.044   1.00 51.10  ? 5   VAL 1 CB    1 
ATOM   38   C  CG1   . VAL A 1 5   ? -4.828  -2.539  1.499   1.00 53.38  ? 5   VAL 1 CG1   1 
ATOM   39   C  CG2   . VAL A 1 5   ? -5.082  -4.985  1.055   1.00 51.54  ? 5   VAL 1 CG2   1 
ATOM   40   N  N     . ILE A 1 6   ? -1.888  -2.058  2.657   1.00 48.31  ? 6   ILE 1 N     1 
ATOM   41   C  CA    . ILE A 1 6   ? -1.411  -0.941  3.465   1.00 46.01  ? 6   ILE 1 CA    1 
ATOM   42   C  C     . ILE A 1 6   ? -1.906  0.398   2.926   1.00 46.13  ? 6   ILE 1 C     1 
ATOM   43   O  O     . ILE A 1 6   ? -1.529  0.812   1.837   1.00 46.49  ? 6   ILE 1 O     1 
ATOM   44   C  CB    . ILE A 1 6   ? 0.130   -0.925  3.529   1.00 45.32  ? 6   ILE 1 CB    1 
ATOM   45   C  CG1   . ILE A 1 6   ? 0.650   -2.321  3.858   1.00 43.36  ? 6   ILE 1 CG1   1 
ATOM   46   C  CG2   . ILE A 1 6   ? 0.603   0.038   4.608   1.00 44.65  ? 6   ILE 1 CG2   1 
ATOM   47   C  CD1   . ILE A 1 6   ? 2.119   -2.380  4.085   1.00 43.70  ? 6   ILE 1 CD1   1 
ATOM   48   N  N     . ASN A 1 7   ? -2.766  1.070   3.680   1.00 45.88  ? 7   ASN 1 N     1 
ATOM   49   C  CA    . ASN A 1 7   ? -3.270  2.358   3.245   1.00 46.09  ? 7   ASN 1 CA    1 
ATOM   50   C  C     . ASN A 1 7   ? -2.287  3.440   3.632   1.00 47.64  ? 7   ASN 1 C     1 
ATOM   51   O  O     . ASN A 1 7   ? -2.287  3.902   4.765   1.00 47.98  ? 7   ASN 1 O     1 
ATOM   52   C  CB    . ASN A 1 7   ? -4.601  2.676   3.893   1.00 46.30  ? 7   ASN 1 CB    1 
ATOM   53   C  CG    . ASN A 1 7   ? -4.893  4.153   3.888   1.00 47.27  ? 7   ASN 1 CG    1 
ATOM   54   O  OD1   . ASN A 1 7   ? -4.768  4.813   2.865   1.00 46.99  ? 7   ASN 1 OD1   1 
ATOM   55   N  ND2   . ASN A 1 7   ? -5.276  4.685   5.039   1.00 51.37  ? 7   ASN 1 ND2   1 
ATOM   56   N  N     . GLY A 1 8   ? -1.465  3.856   2.678   1.00 48.45  ? 8   GLY 1 N     1 
ATOM   57   C  CA    . GLY A 1 8   ? -0.475  4.878   2.948   1.00 47.97  ? 8   GLY 1 CA    1 
ATOM   58   C  C     . GLY A 1 8   ? -0.966  6.253   3.356   1.00 48.67  ? 8   GLY 1 C     1 
ATOM   59   O  O     . GLY A 1 8   ? -0.160  7.053   3.805   1.00 50.55  ? 8   GLY 1 O     1 
ATOM   60   N  N     . THR A 1 9   ? -2.250  6.563   3.232   1.00 49.52  ? 9   THR 1 N     1 
ATOM   61   C  CA    . THR A 1 9   ? -2.660  7.914   3.599   1.00 51.28  ? 9   THR 1 CA    1 
ATOM   62   C  C     . THR A 1 9   ? -2.803  8.105   5.096   1.00 52.92  ? 9   THR 1 C     1 
ATOM   63   O  O     . THR A 1 9   ? -3.518  7.361   5.762   1.00 54.81  ? 9   THR 1 O     1 
ATOM   64   C  CB    . THR A 1 9   ? -3.982  8.342   2.921   1.00 51.24  ? 9   THR 1 CB    1 
ATOM   65   O  OG1   . THR A 1 9   ? -4.152  9.761   3.073   1.00 50.95  ? 9   THR 1 OG1   1 
ATOM   66   C  CG2   . THR A 1 9   ? -5.173  7.619   3.544   1.00 50.67  ? 9   THR 1 CG2   1 
ATOM   67   N  N     . PRO A 1 10  ? -2.112  9.107   5.651   1.00 53.49  ? 10  PRO 1 N     1 
ATOM   68   C  CA    . PRO A 1 10  ? -2.202  9.355   7.089   1.00 55.42  ? 10  PRO 1 CA    1 
ATOM   69   C  C     . PRO A 1 10  ? -3.575  9.905   7.466   1.00 57.37  ? 10  PRO 1 C     1 
ATOM   70   O  O     . PRO A 1 10  ? -4.111  9.579   8.529   1.00 59.54  ? 10  PRO 1 O     1 
ATOM   71   C  CB    . PRO A 1 10  ? -1.084  10.362  7.328   1.00 56.34  ? 10  PRO 1 CB    1 
ATOM   72   C  CG    . PRO A 1 10  ? -1.040  11.132  6.028   1.00 54.44  ? 10  PRO 1 CG    1 
ATOM   73   C  CD    . PRO A 1 10  ? -1.160  10.030  5.008   1.00 53.53  ? 10  PRO 1 CD    1 
ATOM   74   N  N     . ARG A 1 11  ? -4.136  10.727  6.582   1.00 57.47  ? 11  ARG 1 N     1 
ATOM   75   C  CA    . ARG A 1 11  ? -5.444  11.349  6.780   1.00 58.51  ? 11  ARG 1 CA    1 
ATOM   76   C  C     . ARG A 1 11  ? -6.574  10.319  6.927   1.00 60.28  ? 11  ARG 1 C     1 
ATOM   77   O  O     . ARG A 1 11  ? -6.813  9.517   6.029   1.00 60.29  ? 11  ARG 1 O     1 
ATOM   78   C  CB    . ARG A 1 11  ? -5.743  12.270  5.602   1.00 56.93  ? 11  ARG 1 CB    1 
ATOM   79   C  CG    . ARG A 1 11  ? -4.628  13.261  5.312   1.00 56.44  ? 11  ARG 1 CG    1 
ATOM   80   C  CD    . ARG A 1 11  ? -4.817  13.916  3.956   1.00 55.97  ? 11  ARG 1 CD    1 
ATOM   81   N  NE    . ARG A 1 11  ? -6.101  14.587  3.867   1.00 55.86  ? 11  ARG 1 NE    1 
ATOM   82   C  CZ    . ARG A 1 11  ? -6.682  14.933  2.726   1.00 57.12  ? 11  ARG 1 CZ    1 
ATOM   83   N  NH1   . ARG A 1 11  ? -6.092  14.670  1.570   1.00 57.99  ? 11  ARG 1 NH1   1 
ATOM   84   N  NH2   . ARG A 1 11  ? -7.862  15.535  2.738   1.00 59.76  ? 11  ARG 1 NH2   1 
ATOM   85   N  N     . LYS A 1 12  ? -7.268  10.352  8.063   1.00 62.59  ? 12  LYS 1 N     1 
ATOM   86   C  CA    . LYS A 1 12  ? -8.366  9.419   8.329   1.00 63.57  ? 12  LYS 1 CA    1 
ATOM   87   C  C     . LYS A 1 12  ? -9.542  9.715   7.399   1.00 62.57  ? 12  LYS 1 C     1 
ATOM   88   O  O     . LYS A 1 12  ? -10.338 8.831   7.078   1.00 62.03  ? 12  LYS 1 O     1 
ATOM   89   C  CB    . LYS A 1 12  ? -8.836  9.542   9.785   1.00 65.50  ? 12  LYS 1 CB    1 
ATOM   90   C  CG    . LYS A 1 12  ? -7.730  9.418   10.823  1.00 67.99  ? 12  LYS 1 CG    1 
ATOM   91   C  CD    . LYS A 1 12  ? -8.288  9.409   12.251  1.00 70.38  ? 12  LYS 1 CD    1 
ATOM   92   C  CE    . LYS A 1 12  ? -8.943  8.079   12.603  1.00 70.82  ? 12  LYS 1 CE    1 
ATOM   93   N  NZ    . LYS A 1 12  ? -7.963  6.951   12.587  1.00 72.06  ? 12  LYS 1 NZ    1 
ATOM   94   N  N     . HIS A 1 13  ? -9.634  10.968  6.972   1.00 61.08  ? 13  HIS 1 N     1 
ATOM   95   C  CA    . HIS A 1 13  ? -10.698 11.418  6.085   1.00 61.26  ? 13  HIS 1 CA    1 
ATOM   96   C  C     . HIS A 1 13  ? -10.261 11.378  4.626   1.00 59.83  ? 13  HIS 1 C     1 
ATOM   97   O  O     . HIS A 1 13  ? -10.902 11.970  3.761   1.00 60.44  ? 13  HIS 1 O     1 
ATOM   98   C  CB    . HIS A 1 13  ? -11.059 12.846  6.446   1.00 63.20  ? 13  HIS 1 CB    1 
ATOM   99   C  CG    . HIS A 1 13  ? -9.885  13.768  6.429   1.00 65.01  ? 13  HIS 1 CG    1 
ATOM   100  N  ND1   . HIS A 1 13  ? -9.623  14.620  5.379   1.00 67.13  ? 13  HIS 1 ND1   1 
ATOM   101  C  CD2   . HIS A 1 13  ? -8.873  13.936  7.312   1.00 66.60  ? 13  HIS 1 CD2   1 
ATOM   102  C  CE1   . HIS A 1 13  ? -8.501  15.277  5.617   1.00 68.33  ? 13  HIS 1 CE1   1 
ATOM   103  N  NE2   . HIS A 1 13  ? -8.026  14.880  6.784   1.00 68.56  ? 13  HIS 1 NE2   1 
ATOM   104  N  N     . GLY A 1 14  ? -9.167  10.678  4.362   1.00 58.25  ? 14  GLY 1 N     1 
ATOM   105  C  CA    . GLY A 1 14  ? -8.650  10.611  3.016   1.00 54.77  ? 14  GLY 1 CA    1 
ATOM   106  C  C     . GLY A 1 14  ? -9.227  9.536   2.131   1.00 53.96  ? 14  GLY 1 C     1 
ATOM   107  O  O     . GLY A 1 14  ? -9.542  8.431   2.577   1.00 54.83  ? 14  GLY 1 O     1 
ATOM   108  N  N     . ARG A 1 15  ? -9.341  9.867   0.853   1.00 51.75  ? 15  ARG 1 N     1 
ATOM   109  C  CA    . ARG A 1 15  ? -9.878  8.951   -0.129  1.00 48.84  ? 15  ARG 1 CA    1 
ATOM   110  C  C     . ARG A 1 15  ? -9.152  7.611   -0.169  1.00 46.29  ? 15  ARG 1 C     1 
ATOM   111  O  O     . ARG A 1 15  ? -9.780  6.579   -0.349  1.00 48.34  ? 15  ARG 1 O     1 
ATOM   112  C  CB    . ARG A 1 15  ? -9.823  9.578   -1.525  1.00 49.66  ? 15  ARG 1 CB    1 
ATOM   113  C  CG    . ARG A 1 15  ? -10.701 10.808  -1.745  1.00 49.05  ? 15  ARG 1 CG    1 
ATOM   114  C  CD    . ARG A 1 15  ? -10.768 11.120  -3.238  1.00 49.01  ? 15  ARG 1 CD    1 
ATOM   115  N  NE    . ARG A 1 15  ? -11.524 12.332  -3.532  1.00 51.30  ? 15  ARG 1 NE    1 
ATOM   116  C  CZ    . ARG A 1 15  ? -11.094 13.566  -3.282  1.00 52.38  ? 15  ARG 1 CZ    1 
ATOM   117  N  NH1   . ARG A 1 15  ? -9.902  13.759  -2.731  1.00 53.66  ? 15  ARG 1 NH1   1 
ATOM   118  N  NH2   . ARG A 1 15  ? -11.858 14.612  -3.581  1.00 51.13  ? 15  ARG 1 NH2   1 
ATOM   119  N  N     . THR A 1 16  ? -7.836  7.621   -0.011  1.00 44.59  ? 16  THR 1 N     1 
ATOM   120  C  CA    . THR A 1 16  ? -7.072  6.382   -0.077  1.00 42.69  ? 16  THR 1 CA    1 
ATOM   121  C  C     . THR A 1 16  ? -7.593  5.392   0.944   1.00 42.68  ? 16  THR 1 C     1 
ATOM   122  O  O     . THR A 1 16  ? -7.541  4.174   0.742   1.00 40.38  ? 16  THR 1 O     1 
ATOM   123  C  CB    . THR A 1 16  ? -5.558  6.630   0.164   1.00 41.28  ? 16  THR 1 CB    1 
ATOM   124  O  OG1   . THR A 1 16  ? -5.146  7.812   -0.530  1.00 38.98  ? 16  THR 1 OG1   1 
ATOM   125  C  CG2   . THR A 1 16  ? -4.736  5.473   -0.383  1.00 39.44  ? 16  THR 1 CG2   1 
ATOM   126  N  N     . ARG A 1 17  ? -8.113  5.919   2.043   1.00 45.55  ? 17  ARG 1 N     1 
ATOM   127  C  CA    . ARG A 1 17  ? -8.645  5.057   3.087   1.00 46.88  ? 17  ARG 1 CA    1 
ATOM   128  C  C     . ARG A 1 17  ? -9.794  4.252   2.506   1.00 46.79  ? 17  ARG 1 C     1 
ATOM   129  O  O     . ARG A 1 17  ? -9.845  3.030   2.634   1.00 47.64  ? 17  ARG 1 O     1 
ATOM   130  C  CB    . ARG A 1 17  ? -9.147  5.877   4.271   1.00 48.95  ? 17  ARG 1 CB    1 
ATOM   131  C  CG    . ARG A 1 17  ? -9.313  5.025   5.523   1.00 53.23  ? 17  ARG 1 CG    1 
ATOM   132  C  CD    . ARG A 1 17  ? -9.995  5.772   6.669   1.00 55.29  ? 17  ARG 1 CD    1 
ATOM   133  N  NE    . ARG A 1 17  ? -9.942  4.978   7.896   1.00 55.99  ? 17  ARG 1 NE    1 
ATOM   134  C  CZ    . ARG A 1 17  ? -10.623 5.258   8.999   1.00 56.50  ? 17  ARG 1 CZ    1 
ATOM   135  N  NH1   . ARG A 1 17  ? -11.422 6.320   9.037   1.00 56.76  ? 17  ARG 1 NH1   1 
ATOM   136  N  NH2   . ARG A 1 17  ? -10.493 4.482   10.069  1.00 55.97  ? 17  ARG 1 NH2   1 
ATOM   137  N  N     . ILE A 1 18  ? -10.716 4.955   1.859   1.00 46.96  ? 18  ILE 1 N     1 
ATOM   138  C  CA    . ILE A 1 18  ? -11.873 4.333   1.236   1.00 43.93  ? 18  ILE 1 CA    1 
ATOM   139  C  C     . ILE A 1 18  ? -11.458 3.223   0.288   1.00 44.13  ? 18  ILE 1 C     1 
ATOM   140  O  O     . ILE A 1 18  ? -11.980 2.116   0.363   1.00 45.47  ? 18  ILE 1 O     1 
ATOM   141  C  CB    . ILE A 1 18  ? -12.698 5.358   0.450   1.00 42.56  ? 18  ILE 1 CB    1 
ATOM   142  C  CG1   . ILE A 1 18  ? -13.191 6.460   1.386   1.00 42.35  ? 18  ILE 1 CG1   1 
ATOM   143  C  CG2   . ILE A 1 18  ? -13.866 4.671   -0.207  1.00 43.07  ? 18  ILE 1 CG2   1 
ATOM   144  C  CD1   . ILE A 1 18  ? -14.125 7.458   0.726   1.00 43.63  ? 18  ILE 1 CD1   1 
ATOM   145  N  N     . ALA A 1 19  ? -10.515 3.513   -0.603  1.00 43.60  ? 19  ALA 1 N     1 
ATOM   146  C  CA    . ALA A 1 19  ? -10.060 2.516   -1.563  1.00 43.21  ? 19  ALA 1 CA    1 
ATOM   147  C  C     . ALA A 1 19  ? -9.486  1.302   -0.857  1.00 44.28  ? 19  ALA 1 C     1 
ATOM   148  O  O     . ALA A 1 19  ? -9.862  0.169   -1.128  1.00 43.86  ? 19  ALA 1 O     1 
ATOM   149  C  CB    . ALA A 1 19  ? -9.017  3.117   -2.476  1.00 43.12  ? 19  ALA 1 CB    1 
ATOM   150  N  N     . ALA A 1 20  ? -8.563  1.551   0.058   1.00 46.03  ? 20  ALA 1 N     1 
ATOM   151  C  CA    . ALA A 1 20  ? -7.913  0.482   0.797   1.00 46.35  ? 20  ALA 1 CA    1 
ATOM   152  C  C     . ALA A 1 20  ? -8.923  -0.320  1.590   1.00 46.81  ? 20  ALA 1 C     1 
ATOM   153  O  O     . ALA A 1 20  ? -8.849  -1.551  1.667   1.00 48.15  ? 20  ALA 1 O     1 
ATOM   154  C  CB    . ALA A 1 20  ? -6.875  1.072   1.731   1.00 47.76  ? 20  ALA 1 CB    1 
ATOM   155  N  N     . SER A 1 21  ? -9.868  0.392   2.184   1.00 47.14  ? 21  SER 1 N     1 
ATOM   156  C  CA    . SER A 1 21  ? -10.903 -0.218  2.996   1.00 46.10  ? 21  SER 1 CA    1 
ATOM   157  C  C     . SER A 1 21  ? -11.826 -1.098  2.155   1.00 45.34  ? 21  SER 1 C     1 
ATOM   158  O  O     . SER A 1 21  ? -12.356 -2.083  2.655   1.00 44.99  ? 21  SER 1 O     1 
ATOM   159  C  CB    . SER A 1 21  ? -11.696 0.883   3.683   1.00 47.90  ? 21  SER 1 CB    1 
ATOM   160  O  OG    . SER A 1 21  ? -12.584 0.337   4.636   1.00 54.30  ? 21  SER 1 OG    1 
ATOM   161  N  N     . TYR A 1 22  ? -12.017 -0.730  0.886   1.00 45.18  ? 22  TYR 1 N     1 
ATOM   162  C  CA    . TYR A 1 22  ? -12.857 -1.491  -0.042  1.00 43.78  ? 22  TYR 1 CA    1 
ATOM   163  C  C     . TYR A 1 22  ? -12.154 -2.780  -0.445  1.00 44.33  ? 22  TYR 1 C     1 
ATOM   164  O  O     . TYR A 1 22  ? -12.722 -3.860  -0.363  1.00 46.22  ? 22  TYR 1 O     1 
ATOM   165  C  CB    . TYR A 1 22  ? -13.145 -0.666  -1.296  1.00 42.88  ? 22  TYR 1 CB    1 
ATOM   166  C  CG    . TYR A 1 22  ? -13.621 -1.474  -2.491  1.00 41.79  ? 22  TYR 1 CG    1 
ATOM   167  C  CD1   . TYR A 1 22  ? -14.962 -1.809  -2.651  1.00 42.20  ? 22  TYR 1 CD1   1 
ATOM   168  C  CD2   . TYR A 1 22  ? -12.718 -1.919  -3.458  1.00 42.45  ? 22  TYR 1 CD2   1 
ATOM   169  C  CE1   . TYR A 1 22  ? -15.397 -2.567  -3.749  1.00 40.32  ? 22  TYR 1 CE1   1 
ATOM   170  C  CE2   . TYR A 1 22  ? -13.142 -2.686  -4.550  1.00 41.25  ? 22  TYR 1 CE2   1 
ATOM   171  C  CZ    . TYR A 1 22  ? -14.477 -3.001  -4.687  1.00 38.97  ? 22  TYR 1 CZ    1 
ATOM   172  O  OH    . TYR A 1 22  ? -14.883 -3.759  -5.762  1.00 38.73  ? 22  TYR 1 OH    1 
ATOM   173  N  N     . ILE A 1 23  ? -10.912 -2.660  -0.887  1.00 44.49  ? 23  ILE 1 N     1 
ATOM   174  C  CA    . ILE A 1 23  ? -10.135 -3.817  -1.295  1.00 44.65  ? 23  ILE 1 CA    1 
ATOM   175  C  C     . ILE A 1 23  ? -9.981  -4.858  -0.180  1.00 46.44  ? 23  ILE 1 C     1 
ATOM   176  O  O     . ILE A 1 23  ? -10.191 -6.059  -0.401  1.00 45.93  ? 23  ILE 1 O     1 
ATOM   177  C  CB    . ILE A 1 23  ? -8.732  -3.392  -1.751  1.00 42.82  ? 23  ILE 1 CB    1 
ATOM   178  C  CG1   . ILE A 1 23  ? -8.847  -2.428  -2.928  1.00 43.74  ? 23  ILE 1 CG1   1 
ATOM   179  C  CG2   . ILE A 1 23  ? -7.911  -4.616  -2.130  1.00 43.36  ? 23  ILE 1 CG2   1 
ATOM   180  C  CD1   . ILE A 1 23  ? -7.517  -2.126  -3.621  1.00 44.05  ? 23  ILE 1 CD1   1 
ATOM   181  N  N     . ALA A 1 24  ? -9.605  -4.401  1.013   1.00 47.34  ? 24  ALA 1 N     1 
ATOM   182  C  CA    . ALA A 1 24  ? -9.401  -5.307  2.138   1.00 48.30  ? 24  ALA 1 CA    1 
ATOM   183  C  C     . ALA A 1 24  ? -10.653 -6.109  2.430   1.00 49.65  ? 24  ALA 1 C     1 
ATOM   184  O  O     . ALA A 1 24  ? -10.591 -7.327  2.637   1.00 50.40  ? 24  ALA 1 O     1 
ATOM   185  C  CB    . ALA A 1 24  ? -8.986  -4.526  3.367   1.00 50.12  ? 24  ALA 1 CB    1 
ATOM   186  N  N     . ALA A 1 25  ? -11.792 -5.419  2.444   1.00 49.96  ? 25  ALA 1 N     1 
ATOM   187  C  CA    . ALA A 1 25  ? -13.073 -6.065  2.703   1.00 48.27  ? 25  ALA 1 CA    1 
ATOM   188  C  C     . ALA A 1 25  ? -13.421 -7.073  1.629   1.00 48.66  ? 25  ALA 1 C     1 
ATOM   189  O  O     . ALA A 1 25  ? -13.801 -8.199  1.931   1.00 51.42  ? 25  ALA 1 O     1 
ATOM   190  C  CB    . ALA A 1 25  ? -14.159 -5.036  2.792   1.00 47.98  ? 25  ALA 1 CB    1 
ATOM   191  N  N     . LEU A 1 26  ? -13.278 -6.683  0.370   1.00 47.91  ? 26  LEU 1 N     1 
ATOM   192  C  CA    . LEU A 1 26  ? -13.622 -7.581  -0.728  1.00 48.27  ? 26  LEU 1 CA    1 
ATOM   193  C  C     . LEU A 1 26  ? -12.734 -8.805  -0.848  1.00 48.95  ? 26  LEU 1 C     1 
ATOM   194  O  O     . LEU A 1 26  ? -13.096 -9.767  -1.525  1.00 49.17  ? 26  LEU 1 O     1 
ATOM   195  C  CB    . LEU A 1 26  ? -13.614 -6.829  -2.062  1.00 47.63  ? 26  LEU 1 CB    1 
ATOM   196  C  CG    . LEU A 1 26  ? -14.157 -7.627  -3.245  1.00 45.34  ? 26  LEU 1 CG    1 
ATOM   197  C  CD1   . LEU A 1 26  ? -15.622 -7.905  -3.013  1.00 47.26  ? 26  LEU 1 CD1   1 
ATOM   198  C  CD2   . LEU A 1 26  ? -13.972 -6.856  -4.524  1.00 47.02  ? 26  LEU 1 CD2   1 
ATOM   199  N  N     . TYR A 1 27  ? -11.572 -8.779  -0.205  1.00 50.20  ? 27  TYR 1 N     1 
ATOM   200  C  CA    . TYR A 1 27  ? -10.659 -9.920  -0.288  1.00 50.59  ? 27  TYR 1 CA    1 
ATOM   201  C  C     . TYR A 1 27  ? -10.240 -10.503 1.069   1.00 51.56  ? 27  TYR 1 C     1 
ATOM   202  O  O     . TYR A 1 27  ? -9.373  -11.375 1.138   1.00 51.62  ? 27  TYR 1 O     1 
ATOM   203  C  CB    . TYR A 1 27  ? -9.433  -9.533  -1.116  1.00 48.54  ? 27  TYR 1 CB    1 
ATOM   204  C  CG    . TYR A 1 27  ? -9.786  -9.179  -2.544  1.00 46.23  ? 27  TYR 1 CG    1 
ATOM   205  C  CD1   . TYR A 1 27  ? -10.337 -7.942  -2.861  1.00 46.04  ? 27  TYR 1 CD1   1 
ATOM   206  C  CD2   . TYR A 1 27  ? -9.627  -10.108 -3.572  1.00 45.45  ? 27  TYR 1 CD2   1 
ATOM   207  C  CE1   . TYR A 1 27  ? -10.730 -7.636  -4.167  1.00 43.96  ? 27  TYR 1 CE1   1 
ATOM   208  C  CE2   . TYR A 1 27  ? -10.020 -9.814  -4.880  1.00 43.26  ? 27  TYR 1 CE2   1 
ATOM   209  C  CZ    . TYR A 1 27  ? -10.572 -8.578  -5.165  1.00 43.33  ? 27  TYR 1 CZ    1 
ATOM   210  O  OH    . TYR A 1 27  ? -11.000 -8.284  -6.444  1.00 45.92  ? 27  TYR 1 OH    1 
ATOM   211  N  N     . HIS A 1 28  ? -10.878 -10.032 2.139   1.00 53.20  ? 28  HIS 1 N     1 
ATOM   212  C  CA    . HIS A 1 28  ? -10.595 -10.516 3.495   1.00 53.82  ? 28  HIS 1 CA    1 
ATOM   213  C  C     . HIS A 1 28  ? -9.100  -10.474 3.764   1.00 53.09  ? 28  HIS 1 C     1 
ATOM   214  O  O     . HIS A 1 28  ? -8.484  -11.507 4.024   1.00 54.28  ? 28  HIS 1 O     1 
ATOM   215  C  CB    . HIS A 1 28  ? -11.074 -11.968 3.667   1.00 54.14  ? 28  HIS 1 CB    1 
ATOM   216  C  CG    . HIS A 1 28  ? -12.335 -12.286 2.925   1.00 54.97  ? 28  HIS 1 CG    1 
ATOM   217  N  ND1   . HIS A 1 28  ? -13.510 -11.588 3.115   1.00 55.59  ? 28  HIS 1 ND1   1 
ATOM   218  C  CD2   . HIS A 1 28  ? -12.604 -13.228 1.992   1.00 54.96  ? 28  HIS 1 CD2   1 
ATOM   219  C  CE1   . HIS A 1 28  ? -14.447 -12.087 2.329   1.00 55.56  ? 28  HIS 1 CE1   1 
ATOM   220  N  NE2   . HIS A 1 28  ? -13.923 -13.083 1.637   1.00 55.82  ? 28  HIS 1 NE2   1 
ATOM   221  N  N     . THR A 1 29  ? -8.516  -9.289  3.722   1.00 51.06  ? 29  THR 1 N     1 
ATOM   222  C  CA    . THR A 1 29  ? -7.088  -9.174  3.935   1.00 49.60  ? 29  THR 1 CA    1 
ATOM   223  C  C     . THR A 1 29  ? -6.743  -8.468  5.218   1.00 49.60  ? 29  THR 1 C     1 
ATOM   224  O  O     . THR A 1 29  ? -7.605  -7.915  5.897   1.00 49.43  ? 29  THR 1 O     1 
ATOM   225  C  CB    . THR A 1 29  ? -6.433  -8.379  2.808   1.00 50.59  ? 29  THR 1 CB    1 
ATOM   226  O  OG1   . THR A 1 29  ? -6.887  -7.018  2.866   1.00 48.69  ? 29  THR 1 OG1   1 
ATOM   227  C  CG2   . THR A 1 29  ? -6.791  -8.979  1.463   1.00 51.57  ? 29  THR 1 CG2   1 
ATOM   228  N  N     . ASP A 1 30  ? -5.458  -8.505  5.543   1.00 48.43  ? 30  ASP 1 N     1 
ATOM   229  C  CA    . ASP A 1 30  ? -4.968  -7.828  6.722   1.00 47.28  ? 30  ASP 1 CA    1 
ATOM   230  C  C     . ASP A 1 30  ? -5.025  -6.384  6.227   1.00 44.96  ? 30  ASP 1 C     1 
ATOM   231  O  O     . ASP A 1 30  ? -5.148  -6.151  5.032   1.00 44.09  ? 30  ASP 1 O     1 
ATOM   232  C  CB    . ASP A 1 30  ? -3.525  -8.260  7.010   1.00 48.99  ? 30  ASP 1 CB    1 
ATOM   233  C  CG    . ASP A 1 30  ? -3.035  -7.829  8.390   1.00 50.14  ? 30  ASP 1 CG    1 
ATOM   234  O  OD1   . ASP A 1 30  ? -3.695  -6.994  9.044   1.00 51.90  ? 30  ASP 1 OD1   1 
ATOM   235  O  OD2   . ASP A 1 30  ? -1.967  -8.319  8.810   1.00 50.57  ? 30  ASP 1 OD2   1 
ATOM   236  N  N     . LEU A 1 31  ? -4.960  -5.418  7.124   1.00 43.34  ? 31  LEU 1 N     1 
ATOM   237  C  CA    . LEU A 1 31  ? -5.015  -4.045  6.695   1.00 43.39  ? 31  LEU 1 CA    1 
ATOM   238  C  C     . LEU A 1 31  ? -4.298  -3.132  7.651   1.00 45.36  ? 31  LEU 1 C     1 
ATOM   239  O  O     . LEU A 1 31  ? -4.626  -3.089  8.838   1.00 46.89  ? 31  LEU 1 O     1 
ATOM   240  C  CB    . LEU A 1 31  ? -6.459  -3.576  6.583   1.00 43.06  ? 31  LEU 1 CB    1 
ATOM   241  C  CG    . LEU A 1 31  ? -6.555  -2.067  6.369   1.00 40.71  ? 31  LEU 1 CG    1 
ATOM   242  C  CD1   . LEU A 1 31  ? -6.165  -1.737  4.939   1.00 40.41  ? 31  LEU 1 CD1   1 
ATOM   243  C  CD2   . LEU A 1 31  ? -7.953  -1.593  6.670   1.00 43.47  ? 31  LEU 1 CD2   1 
ATOM   244  N  N     . ILE A 1 32  ? -3.326  -2.386  7.135   1.00 45.25  ? 32  ILE 1 N     1 
ATOM   245  C  CA    . ILE A 1 32  ? -2.604  -1.457  7.972   1.00 45.32  ? 32  ILE 1 CA    1 
ATOM   246  C  C     . ILE A 1 32  ? -2.975  -0.083  7.480   1.00 45.30  ? 32  ILE 1 C     1 
ATOM   247  O  O     . ILE A 1 32  ? -2.552  0.334   6.416   1.00 48.34  ? 32  ILE 1 O     1 
ATOM   248  C  CB    . ILE A 1 32  ? -1.076  -1.681  7.879   1.00 44.81  ? 32  ILE 1 CB    1 
ATOM   249  C  CG1   . ILE A 1 32  ? -0.759  -3.123  8.264   1.00 43.47  ? 32  ILE 1 CG1   1 
ATOM   250  C  CG2   . ILE A 1 32  ? -0.339  -0.715  8.821   1.00 43.78  ? 32  ILE 1 CG2   1 
ATOM   251  C  CD1   . ILE A 1 32  ? 0.710   -3.420  8.408   1.00 44.31  ? 32  ILE 1 CD1   1 
ATOM   252  N  N     . ASP A 1 33  ? -3.798  0.607   8.249   1.00 45.85  ? 33  ASP 1 N     1 
ATOM   253  C  CA    . ASP A 1 33  ? -4.248  1.937   7.882   1.00 46.79  ? 33  ASP 1 CA    1 
ATOM   254  C  C     . ASP A 1 33  ? -3.379  2.946   8.596   1.00 46.80  ? 33  ASP 1 C     1 
ATOM   255  O  O     . ASP A 1 33  ? -3.469  3.087   9.806   1.00 47.61  ? 33  ASP 1 O     1 
ATOM   256  C  CB    . ASP A 1 33  ? -5.697  2.129   8.312   1.00 48.03  ? 33  ASP 1 CB    1 
ATOM   257  C  CG    . ASP A 1 33  ? -6.203  3.525   8.029   1.00 49.63  ? 33  ASP 1 CG    1 
ATOM   258  O  OD1   . ASP A 1 33  ? -5.380  4.458   7.926   1.00 46.19  ? 33  ASP 1 OD1   1 
ATOM   259  O  OD2   . ASP A 1 33  ? -7.434  3.692   7.920   1.00 54.53  ? 33  ASP 1 OD2   1 
ATOM   260  N  N     . LEU A 1 34  ? -2.556  3.665   7.852   1.00 47.66  ? 34  LEU 1 N     1 
ATOM   261  C  CA    . LEU A 1 34  ? -1.665  4.631   8.463   1.00 49.75  ? 34  LEU 1 CA    1 
ATOM   262  C  C     . LEU A 1 34  ? -2.359  5.825   9.107   1.00 53.06  ? 34  LEU 1 C     1 
ATOM   263  O  O     . LEU A 1 34  ? -1.713  6.794   9.518   1.00 55.19  ? 34  LEU 1 O     1 
ATOM   264  C  CB    . LEU A 1 34  ? -0.613  5.082   7.446   1.00 47.70  ? 34  LEU 1 CB    1 
ATOM   265  C  CG    . LEU A 1 34  ? 0.716   4.341   7.590   1.00 45.32  ? 34  LEU 1 CG    1 
ATOM   266  C  CD1   . LEU A 1 34  ? 0.494   2.853   7.576   1.00 45.12  ? 34  LEU 1 CD1   1 
ATOM   267  C  CD2   . LEU A 1 34  ? 1.643   4.743   6.477   1.00 47.38  ? 34  LEU 1 CD2   1 
ATOM   268  N  N     . SER A 1 35  ? -3.679  5.750   9.212   1.00 56.43  ? 35  SER 1 N     1 
ATOM   269  C  CA    . SER A 1 35  ? -4.442  6.819   9.855   1.00 58.74  ? 35  SER 1 CA    1 
ATOM   270  C  C     . SER A 1 35  ? -4.513  6.475   11.339  1.00 59.24  ? 35  SER 1 C     1 
ATOM   271  O  O     . SER A 1 35  ? -4.552  7.357   12.197  1.00 59.89  ? 35  SER 1 O     1 
ATOM   272  C  CB    . SER A 1 35  ? -5.873  6.885   9.307   1.00 60.18  ? 35  SER 1 CB    1 
ATOM   273  O  OG    . SER A 1 35  ? -5.897  6.949   7.893   1.00 61.87  ? 35  SER 1 OG    1 
ATOM   274  N  N     . GLU A 1 36  ? -4.524  5.177   11.622  1.00 59.07  ? 36  GLU 1 N     1 
ATOM   275  C  CA    . GLU A 1 36  ? -4.622  4.685   12.984  1.00 61.13  ? 36  GLU 1 CA    1 
ATOM   276  C  C     . GLU A 1 36  ? -3.299  4.151   13.475  1.00 60.36  ? 36  GLU 1 C     1 
ATOM   277  O  O     . GLU A 1 36  ? -2.920  4.377   14.620  1.00 61.61  ? 36  GLU 1 O     1 
ATOM   278  C  CB    . GLU A 1 36  ? -5.689  3.580   13.063  1.00 63.53  ? 36  GLU 1 CB    1 
ATOM   279  C  CG    . GLU A 1 36  ? -5.402  2.365   12.192  1.00 65.64  ? 36  GLU 1 CG    1 
ATOM   280  C  CD    . GLU A 1 36  ? -4.850  1.181   12.983  1.00 68.12  ? 36  GLU 1 CD    1 
ATOM   281  O  OE1   . GLU A 1 36  ? -4.053  1.398   13.929  1.00 67.91  ? 36  GLU 1 OE1   1 
ATOM   282  O  OE2   . GLU A 1 36  ? -5.209  0.029   12.646  1.00 68.89  ? 36  GLU 1 OE2   1 
ATOM   283  N  N     . PHE A 1 37  ? -2.608  3.434   12.594  1.00 59.42  ? 37  PHE 1 N     1 
ATOM   284  C  CA    . PHE A 1 37  ? -1.309  2.826   12.889  1.00 56.96  ? 37  PHE 1 CA    1 
ATOM   285  C  C     . PHE A 1 37  ? -0.232  3.898   12.846  1.00 56.13  ? 37  PHE 1 C     1 
ATOM   286  O  O     . PHE A 1 37  ? 0.597   3.890   11.950  1.00 57.40  ? 37  PHE 1 O     1 
ATOM   287  C  CB    . PHE A 1 37  ? -1.006  1.769   11.834  1.00 55.30  ? 37  PHE 1 CB    1 
ATOM   288  C  CG    . PHE A 1 37  ? 0.066   0.801   12.222  1.00 56.60  ? 37  PHE 1 CG    1 
ATOM   289  C  CD1   . PHE A 1 37  ? -0.263  -0.431  12.782  1.00 56.40  ? 37  PHE 1 CD1   1 
ATOM   290  C  CD2   . PHE A 1 37  ? 1.409   1.093   11.987  1.00 56.90  ? 37  PHE 1 CD2   1 
ATOM   291  C  CE1   . PHE A 1 37  ? 0.732   -1.363  13.098  1.00 57.40  ? 37  PHE 1 CE1   1 
ATOM   292  C  CE2   . PHE A 1 37  ? 2.412   0.171   12.299  1.00 57.49  ? 37  PHE 1 CE2   1 
ATOM   293  C  CZ    . PHE A 1 37  ? 2.072   -1.061  12.855  1.00 57.16  ? 37  PHE 1 CZ    1 
ATOM   294  N  N     . VAL A 1 38  ? -0.246  4.817   13.809  1.00 55.32  ? 38  VAL 1 N     1 
ATOM   295  C  CA    . VAL A 1 38  ? 0.741   5.891   13.848  1.00 54.91  ? 38  VAL 1 CA    1 
ATOM   296  C  C     . VAL A 1 38  ? 2.086   5.513   14.476  1.00 55.10  ? 38  VAL 1 C     1 
ATOM   297  O  O     . VAL A 1 38  ? 2.163   5.026   15.616  1.00 54.25  ? 38  VAL 1 O     1 
ATOM   298  C  CB    . VAL A 1 38  ? 0.205   7.126   14.577  1.00 54.76  ? 38  VAL 1 CB    1 
ATOM   299  C  CG1   . VAL A 1 38  ? 1.264   8.226   14.579  1.00 54.09  ? 38  VAL 1 CG1   1 
ATOM   300  C  CG2   . VAL A 1 38  ? -1.066  7.604   13.895  1.00 56.27  ? 38  VAL 1 CG2   1 
ATOM   301  N  N     . LEU A 1 39  ? 3.143   5.756   13.702  1.00 53.71  ? 39  LEU 1 N     1 
ATOM   302  C  CA    . LEU A 1 39  ? 4.508   5.467   14.102  1.00 51.36  ? 39  LEU 1 CA    1 
ATOM   303  C  C     . LEU A 1 39  ? 5.230   6.780   14.334  1.00 51.78  ? 39  LEU 1 C     1 
ATOM   304  O  O     . LEU A 1 39  ? 4.727   7.846   13.983  1.00 52.57  ? 39  LEU 1 O     1 
ATOM   305  C  CB    . LEU A 1 39  ? 5.210   4.701   12.992  1.00 49.23  ? 39  LEU 1 CB    1 
ATOM   306  C  CG    . LEU A 1 39  ? 4.740   3.271   12.764  1.00 49.32  ? 39  LEU 1 CG    1 
ATOM   307  C  CD1   . LEU A 1 39  ? 4.944   2.857   11.327  1.00 49.38  ? 39  LEU 1 CD1   1 
ATOM   308  C  CD2   . LEU A 1 39  ? 5.515   2.355   13.692  1.00 53.17  ? 39  LEU 1 CD2   1 
ATOM   309  N  N     . PRO A 1 40  ? 6.412   6.730   14.958  1.00 51.27  ? 40  PRO 1 N     1 
ATOM   310  C  CA    . PRO A 1 40  ? 7.119   7.986   15.176  1.00 51.79  ? 40  PRO 1 CA    1 
ATOM   311  C  C     . PRO A 1 40  ? 8.066   8.141   14.000  1.00 52.78  ? 40  PRO 1 C     1 
ATOM   312  O  O     . PRO A 1 40  ? 8.404   7.145   13.347  1.00 52.23  ? 40  PRO 1 O     1 
ATOM   313  C  CB    . PRO A 1 40  ? 7.867   7.722   16.473  1.00 49.67  ? 40  PRO 1 CB    1 
ATOM   314  C  CG    . PRO A 1 40  ? 8.317   6.309   16.269  1.00 50.09  ? 40  PRO 1 CG    1 
ATOM   315  C  CD    . PRO A 1 40  ? 7.066   5.628   15.692  1.00 51.52  ? 40  PRO 1 CD    1 
ATOM   316  N  N     . VAL A 1 41  ? 8.489   9.367   13.715  1.00 53.81  ? 41  VAL 1 N     1 
ATOM   317  C  CA    . VAL A 1 41  ? 9.424   9.564   12.620  1.00 54.88  ? 41  VAL 1 CA    1 
ATOM   318  C  C     . VAL A 1 41  ? 10.686  8.783   12.950  1.00 55.72  ? 41  VAL 1 C     1 
ATOM   319  O  O     . VAL A 1 41  ? 11.252  8.932   14.030  1.00 58.66  ? 41  VAL 1 O     1 
ATOM   320  C  CB    . VAL A 1 41  ? 9.791   11.033  12.443  1.00 55.60  ? 41  VAL 1 CB    1 
ATOM   321  C  CG1   . VAL A 1 41  ? 10.820  11.175  11.341  1.00 56.81  ? 41  VAL 1 CG1   1 
ATOM   322  C  CG2   . VAL A 1 41  ? 8.542   11.841  12.108  1.00 57.35  ? 41  VAL 1 CG2   1 
ATOM   323  N  N     . PHE A 1 42  ? 11.103  7.929   12.025  1.00 56.49  ? 42  PHE 1 N     1 
ATOM   324  C  CA    . PHE A 1 42  ? 12.296  7.099   12.187  1.00 56.70  ? 42  PHE 1 CA    1 
ATOM   325  C  C     . PHE A 1 42  ? 13.469  7.933   12.713  1.00 57.66  ? 42  PHE 1 C     1 
ATOM   326  O  O     . PHE A 1 42  ? 13.532  9.138   12.459  1.00 56.29  ? 42  PHE 1 O     1 
ATOM   327  C  CB    . PHE A 1 42  ? 12.634  6.499   10.824  1.00 56.95  ? 42  PHE 1 CB    1 
ATOM   328  C  CG    . PHE A 1 42  ? 13.899  5.688   10.786  1.00 56.02  ? 42  PHE 1 CG    1 
ATOM   329  C  CD1   . PHE A 1 42  ? 13.885  4.338   11.109  1.00 54.90  ? 42  PHE 1 CD1   1 
ATOM   330  C  CD2   . PHE A 1 42  ? 15.088  6.257   10.330  1.00 56.77  ? 42  PHE 1 CD2   1 
ATOM   331  C  CE1   . PHE A 1 42  ? 15.036  3.557   10.971  1.00 55.30  ? 42  PHE 1 CE1   1 
ATOM   332  C  CE2   . PHE A 1 42  ? 16.242  5.489   10.192  1.00 56.80  ? 42  PHE 1 CE2   1 
ATOM   333  C  CZ    . PHE A 1 42  ? 16.211  4.129   10.511  1.00 56.18  ? 42  PHE 1 CZ    1 
ATOM   334  N  N     . ASN A 1 43  ? 14.383  7.301   13.451  1.00 59.80  ? 43  ASN 1 N     1 
ATOM   335  C  CA    . ASN A 1 43  ? 15.555  8.001   13.983  1.00 61.82  ? 43  ASN 1 CA    1 
ATOM   336  C  C     . ASN A 1 43  ? 16.787  7.104   14.174  1.00 63.65  ? 43  ASN 1 C     1 
ATOM   337  O  O     . ASN A 1 43  ? 17.772  7.506   14.793  1.00 63.97  ? 43  ASN 1 O     1 
ATOM   338  C  CB    . ASN A 1 43  ? 15.201  8.719   15.297  1.00 62.08  ? 43  ASN 1 CB    1 
ATOM   339  C  CG    . ASN A 1 43  ? 15.069  7.773   16.485  1.00 63.10  ? 43  ASN 1 CG    1 
ATOM   340  O  OD1   . ASN A 1 43  ? 14.686  8.199   17.575  1.00 64.40  ? 43  ASN 1 OD1   1 
ATOM   341  N  ND2   . ASN A 1 43  ? 15.390  6.496   16.288  1.00 63.28  ? 43  ASN 1 ND2   1 
ATOM   342  N  N     . GLY A 1 44  ? 16.728  5.883   13.646  1.00 65.32  ? 44  GLY 1 N     1 
ATOM   343  C  CA    . GLY A 1 44  ? 17.863  4.979   13.746  1.00 68.29  ? 44  GLY 1 CA    1 
ATOM   344  C  C     . GLY A 1 44  ? 18.114  4.285   15.076  1.00 70.81  ? 44  GLY 1 C     1 
ATOM   345  O  O     . GLY A 1 44  ? 18.689  3.189   15.103  1.00 70.63  ? 44  GLY 1 O     1 
ATOM   346  N  N     . GLU A 1 45  ? 17.695  4.913   16.174  1.00 72.50  ? 45  GLU 1 N     1 
ATOM   347  C  CA    . GLU A 1 45  ? 17.867  4.354   17.520  1.00 73.92  ? 45  GLU 1 CA    1 
ATOM   348  C  C     . GLU A 1 45  ? 17.222  2.972   17.630  1.00 75.30  ? 45  GLU 1 C     1 
ATOM   349  O  O     . GLU A 1 45  ? 16.047  2.804   17.300  1.00 77.23  ? 45  GLU 1 O     1 
ATOM   350  C  CB    . GLU A 1 45  ? 17.242  5.276   18.578  1.00 74.01  ? 45  GLU 1 CB    1 
ATOM   351  C  CG    . GLU A 1 45  ? 17.432  6.760   18.309  1.00 75.19  ? 45  GLU 1 CG    1 
ATOM   352  C  CD    . GLU A 1 45  ? 18.855  7.208   18.547  1.00 76.26  ? 45  GLU 1 CD    1 
ATOM   353  O  OE1   . GLU A 1 45  ? 19.791  6.505   18.112  1.00 78.49  ? 45  GLU 1 OE1   1 
ATOM   354  O  OE2   . GLU A 1 45  ? 19.034  8.273   19.171  1.00 76.96  ? 45  GLU 1 OE2   1 
ATOM   355  N  N     . ALA A 1 46  ? 17.976  1.989   18.109  1.00 76.75  ? 46  ALA 1 N     1 
ATOM   356  C  CA    . ALA A 1 46  ? 17.444  0.633   18.253  1.00 78.23  ? 46  ALA 1 CA    1 
ATOM   357  C  C     . ALA A 1 46  ? 16.381  0.550   19.341  1.00 79.47  ? 46  ALA 1 C     1 
ATOM   358  O  O     . ALA A 1 46  ? 15.620  -0.415  19.396  1.00 79.81  ? 46  ALA 1 O     1 
ATOM   359  C  CB    . ALA A 1 46  ? 18.571  -0.345  18.560  1.00 78.16  ? 46  ALA 1 CB    1 
ATOM   360  N  N     . GLU A 1 47  ? 16.334  1.559   20.208  1.00 80.76  ? 47  GLU 1 N     1 
ATOM   361  C  CA    . GLU A 1 47  ? 15.362  1.622   21.293  1.00 81.89  ? 47  GLU 1 CA    1 
ATOM   362  C  C     . GLU A 1 47  ? 14.011  2.053   20.746  1.00 81.22  ? 47  GLU 1 C     1 
ATOM   363  O  O     . GLU A 1 47  ? 13.024  2.154   21.488  1.00 83.19  ? 47  GLU 1 O     1 
ATOM   364  C  CB    . GLU A 1 47  ? 15.829  2.538   22.401  1.00 83.11  ? 47  GLU 1 CB    1 
ATOM   365  C  CG    . GLU A 1 47  ? 16.000  3.981   21.967  1.00 86.13  ? 47  GLU 1 CG    1 
ATOM   366  C  CD    . GLU A 1 47  ? 17.184  4.651   22.648  1.00 88.63  ? 47  GLU 1 CD    1 
ATOM   367  O  OE1   . GLU A 1 47  ? 18.339  4.278   22.327  1.00 89.20  ? 47  GLU 1 OE1   1 
ATOM   368  O  OE2   . GLU A 1 47  ? 16.963  5.540   23.506  1.00 89.99  ? 47  GLU 1 OE2   1 
ATOM   369  N  N     . GLN A 1 48  ? 14.013  2.288   19.449  1.00 80.15  ? 48  GLN 1 N     1 
ATOM   370  C  CA    . GLN A 1 48  ? 12.830  2.648   18.668  1.00 77.31  ? 48  GLN 1 CA    1 
ATOM   371  C  C     . GLN A 1 48  ? 12.271  1.374   18.028  1.00 76.88  ? 48  GLN 1 C     1 
ATOM   372  O  O     . GLN A 1 48  ? 11.065  1.265   17.798  1.00 76.87  ? 48  GLN 1 O     1 
ATOM   373  C  CB    . GLN A 1 48  ? 13.189  3.643   17.574  1.00 76.47  ? 48  GLN 1 CB    1 
ATOM   374  C  CG    . GLN A 1 48  ? 12.023  4.431   16.981  1.00 74.99  ? 48  GLN 1 CG    1 
ATOM   375  C  CD    . GLN A 1 48  ? 12.532  5.407   15.949  1.00 73.57  ? 48  GLN 1 CD    1 
ATOM   376  O  OE1   . GLN A 1 48  ? 13.284  5.036   15.037  1.00 74.05  ? 48  GLN 1 OE1   1 
ATOM   377  N  NE2   . GLN A 1 48  ? 12.264  6.700   15.892  1.00 72.71  ? 48  GLN 1 NE2   1 
ATOM   378  N  N     . SER A 1 49  ? 13.186  0.427   17.761  1.00 76.66  ? 49  SER 1 N     1 
ATOM   379  C  CA    . SER A 1 49  ? 12.837  -0.873  17.243  1.00 77.52  ? 49  SER 1 CA    1 
ATOM   380  C  C     . SER A 1 49  ? 12.082  -1.640  18.314  1.00 78.77  ? 49  SER 1 C     1 
ATOM   381  O  O     . SER A 1 49  ? 11.344  -2.581  18.012  1.00 79.15  ? 49  SER 1 O     1 
ATOM   382  C  CB    . SER A 1 49  ? 14.069  -1.683  16.817  1.00 77.64  ? 49  SER 1 CB    1 
ATOM   383  O  OG    . SER A 1 49  ? 13.996  -3.012  17.316  1.00 79.12  ? 49  SER 1 OG    1 
ATOM   384  N  N     . GLU A 1 50  ? 12.283  -1.243  19.591  1.00 80.55  ? 50  GLU 1 N     1 
ATOM   385  C  CA    . GLU A 1 50  ? 11.579  -1.930  20.675  1.00 81.73  ? 50  GLU 1 CA    1 
ATOM   386  C  C     . GLU A 1 50  ? 10.270  -1.163  20.921  1.00 81.27  ? 50  GLU 1 C     1 
ATOM   387  O  O     . GLU A 1 50  ? 9.692   -1.263  22.005  1.00 82.53  ? 50  GLU 1 O     1 
ATOM   388  C  CB    . GLU A 1 50  ? 12.372  -1.991  21.991  1.00 83.68  ? 50  GLU 1 CB    1 
ATOM   389  C  CG    . GLU A 1 50  ? 11.729  -2.903  23.040  1.00 86.95  ? 50  GLU 1 CG    1 
ATOM   390  C  CD    . GLU A 1 50  ? 11.857  -4.366  22.686  1.00 89.40  ? 50  GLU 1 CD    1 
ATOM   391  O  OE1   . GLU A 1 50  ? 12.943  -4.775  22.248  1.00 89.83  ? 50  GLU 1 OE1   1 
ATOM   392  O  OE2   . GLU A 1 50  ? 10.857  -5.115  22.838  1.00 91.03  ? 50  GLU 1 OE2   1 
ATOM   393  N  N     . LEU A 1 51  ? 9.816   -0.422  19.924  1.00 80.06  ? 51  LEU 1 N     1 
ATOM   394  C  CA    . LEU A 1 51  ? 8.588   0.323   20.155  1.00 79.02  ? 51  LEU 1 CA    1 
ATOM   395  C  C     . LEU A 1 51  ? 7.349   -0.470  19.756  1.00 78.63  ? 51  LEU 1 C     1 
ATOM   396  O  O     . LEU A 1 51  ? 7.245   -1.006  18.664  1.00 77.94  ? 51  LEU 1 O     1 
ATOM   397  C  CB    . LEU A 1 51  ? 8.605   1.702   19.451  1.00 79.01  ? 51  LEU 1 CB    1 
ATOM   398  C  CG    . LEU A 1 51  ? 8.057   2.954   20.179  1.00 79.01  ? 51  LEU 1 CG    1 
ATOM   399  C  CD1   . LEU A 1 51  ? 8.968   4.134   19.938  1.00 79.34  ? 51  LEU 1 CD1   1 
ATOM   400  C  CD2   . LEU A 1 51  ? 6.649   3.267   19.729  1.00 78.76  ? 51  LEU 1 CD2   1 
ATOM   401  N  N     . LEU A 1 52  ? 6.396   -0.492  20.679  1.00 78.60  ? 52  LEU 1 N     1 
ATOM   402  C  CA    . LEU A 1 52  ? 5.067   -1.132  20.588  1.00 78.32  ? 52  LEU 1 CA    1 
ATOM   403  C  C     . LEU A 1 52  ? 4.704   -1.561  19.174  1.00 77.84  ? 52  LEU 1 C     1 
ATOM   404  O  O     . LEU A 1 52  ? 4.669   -2.730  18.787  1.00 78.13  ? 52  LEU 1 O     1 
ATOM   405  C  CB    . LEU A 1 52  ? 4.004   -0.141  21.131  1.00 78.80  ? 52  LEU 1 CB    1 
ATOM   406  C  CG    . LEU A 1 52  ? 4.438   1.118   21.900  1.00 79.56  ? 52  LEU 1 CG    1 
ATOM   407  C  CD1   . LEU A 1 52  ? 3.488   2.266   21.610  1.00 78.94  ? 52  LEU 1 CD1   1 
ATOM   408  C  CD2   . LEU A 1 52  ? 4.510   0.848   23.391  1.00 79.91  ? 52  LEU 1 CD2   1 
ATOM   409  N  N     . LYS A 1 53  ? 4.464   -0.491  18.473  1.00 76.47  ? 53  LYS 1 N     1 
ATOM   410  C  CA    . LYS A 1 53  ? 4.116   -0.374  17.087  1.00 74.35  ? 53  LYS 1 CA    1 
ATOM   411  C  C     . LYS A 1 53  ? 4.882   -1.256  16.114  1.00 73.02  ? 53  LYS 1 C     1 
ATOM   412  O  O     . LYS A 1 53  ? 4.411   -2.276  15.593  1.00 73.25  ? 53  LYS 1 O     1 
ATOM   413  C  CB    . LYS A 1 53  ? 4.503   1.015   16.653  1.00 74.25  ? 53  LYS 1 CB    1 
ATOM   414  C  CG    . LYS A 1 53  ? 3.471   1.727   15.823  1.00 74.63  ? 53  LYS 1 CG    1 
ATOM   415  C  CD    . LYS A 1 53  ? 2.520   2.432   16.772  1.00 76.12  ? 53  LYS 1 CD    1 
ATOM   416  C  CE    . LYS A 1 53  ? 1.096   2.322   16.269  1.00 76.14  ? 53  LYS 1 CE    1 
ATOM   417  N  NZ    . LYS A 1 53  ? 0.427   1.076   16.727  1.00 76.17  ? 53  LYS 1 NZ    1 
ATOM   418  N  N     . VAL A 1 54  ? 6.145   -0.739  15.916  1.00 70.75  ? 54  VAL 1 N     1 
ATOM   419  C  CA    . VAL A 1 54  ? 7.260   -1.193  15.051  1.00 67.20  ? 54  VAL 1 CA    1 
ATOM   420  C  C     . VAL A 1 54  ? 7.459   -2.694  14.914  1.00 65.99  ? 54  VAL 1 C     1 
ATOM   421  O  O     . VAL A 1 54  ? 7.700   -3.194  13.820  1.00 65.55  ? 54  VAL 1 O     1 
ATOM   422  C  CB    . VAL A 1 54  ? 8.592   -0.553  15.511  1.00 66.71  ? 54  VAL 1 CB    1 
ATOM   423  C  CG1   . VAL A 1 54  ? 9.738   -0.973  14.609  1.00 66.30  ? 54  VAL 1 CG1   1 
ATOM   424  C  CG2   . VAL A 1 54  ? 8.486   0.963   15.549  1.00 66.21  ? 54  VAL 1 CG2   1 
ATOM   425  N  N     . GLN A 1 55  ? 7.338   -3.418  16.020  1.00 67.00  ? 55  GLN 1 N     1 
ATOM   426  C  CA    . GLN A 1 55  ? 7.504   -4.873  16.004  1.00 67.94  ? 55  GLN 1 CA    1 
ATOM   427  C  C     . GLN A 1 55  ? 6.347   -5.544  15.264  1.00 67.37  ? 55  GLN 1 C     1 
ATOM   428  O  O     . GLN A 1 55  ? 6.531   -6.544  14.562  1.00 65.81  ? 55  GLN 1 O     1 
ATOM   429  C  CB    . GLN A 1 55  ? 7.567   -5.421  17.431  1.00 69.78  ? 55  GLN 1 CB    1 
ATOM   430  C  CG    . GLN A 1 55  ? 8.632   -4.788  18.314  1.00 73.70  ? 55  GLN 1 CG    1 
ATOM   431  C  CD    . GLN A 1 55  ? 8.300   -3.356  18.704  1.00 74.62  ? 55  GLN 1 CD    1 
ATOM   432  O  OE1   . GLN A 1 55  ? 7.314   -3.102  19.406  1.00 73.95  ? 55  GLN 1 OE1   1 
ATOM   433  N  NE2   . GLN A 1 55  ? 8.975   -2.275  18.374  1.00 76.32  ? 55  GLN 1 NE2   1 
ATOM   434  N  N     . GLU A 1 56  ? 5.152   -4.985  15.438  1.00 66.95  ? 56  GLU 1 N     1 
ATOM   435  C  CA    . GLU A 1 56  ? 3.958   -5.513  14.790  1.00 66.34  ? 56  GLU 1 CA    1 
ATOM   436  C  C     . GLU A 1 56  ? 4.074   -5.324  13.273  1.00 65.08  ? 56  GLU 1 C     1 
ATOM   437  O  O     . GLU A 1 56  ? 3.768   -6.240  12.497  1.00 64.48  ? 56  GLU 1 O     1 
ATOM   438  C  CB    . GLU A 1 56  ? 2.707   -4.797  15.315  1.00 67.09  ? 56  GLU 1 CB    1 
ATOM   439  C  CG    . GLU A 1 56  ? 1.494   -5.714  15.431  1.00 68.37  ? 56  GLU 1 CG    1 
ATOM   440  C  CD    . GLU A 1 56  ? 0.217   -4.966  15.726  1.00 69.29  ? 56  GLU 1 CD    1 
ATOM   441  O  OE1   . GLU A 1 56  ? -0.274  -4.262  14.816  1.00 71.83  ? 56  GLU 1 OE1   1 
ATOM   442  O  OE2   . GLU A 1 56  ? -0.297  -5.076  16.861  1.00 68.02  ? 56  GLU 1 OE2   1 
ATOM   443  N  N     . LEU A 1 57  ? 4.530   -4.136  12.862  1.00 62.37  ? 57  LEU 1 N     1 
ATOM   444  C  CA    . LEU A 1 57  ? 4.691   -3.819  11.446  1.00 59.08  ? 57  LEU 1 CA    1 
ATOM   445  C  C     . LEU A 1 57  ? 5.521   -4.877  10.742  1.00 58.26  ? 57  LEU 1 C     1 
ATOM   446  O  O     . LEU A 1 57  ? 5.061   -5.502  9.789   1.00 59.06  ? 57  LEU 1 O     1 
ATOM   447  C  CB    . LEU A 1 57  ? 5.359   -2.459  11.276  1.00 57.49  ? 57  LEU 1 CB    1 
ATOM   448  C  CG    . LEU A 1 57  ? 5.560   -1.987  9.836   1.00 56.19  ? 57  LEU 1 CG    1 
ATOM   449  C  CD1   . LEU A 1 57  ? 4.244   -2.045  9.088   1.00 56.68  ? 57  LEU 1 CD1   1 
ATOM   450  C  CD2   . LEU A 1 57  ? 6.143   -0.585  9.816   1.00 56.37  ? 57  LEU 1 CD2   1 
ATOM   451  N  N     . LYS A 1 58  ? 6.745   -5.083  11.216  1.00 56.50  ? 58  LYS 1 N     1 
ATOM   452  C  CA    . LYS A 1 58  ? 7.614   -6.074  10.611  1.00 54.67  ? 58  LYS 1 CA    1 
ATOM   453  C  C     . LYS A 1 58  ? 6.893   -7.413  10.612  1.00 54.71  ? 58  LYS 1 C     1 
ATOM   454  O  O     . LYS A 1 58  ? 6.945   -8.153  9.642   1.00 52.86  ? 58  LYS 1 O     1 
ATOM   455  C  CB    . LYS A 1 58  ? 8.942   -6.181  11.370  1.00 55.51  ? 58  LYS 1 CB    1 
ATOM   456  C  CG    . LYS A 1 58  ? 9.526   -4.827  11.732  1.00 56.65  ? 58  LYS 1 CG    1 
ATOM   457  C  CD    . LYS A 1 58  ? 10.962  -4.942  12.218  1.00 58.08  ? 58  LYS 1 CD    1 
ATOM   458  C  CE    . LYS A 1 58  ? 11.477  -3.588  12.700  1.00 58.94  ? 58  LYS 1 CE    1 
ATOM   459  N  NZ    . LYS A 1 58  ? 12.902  -3.652  13.135  1.00 61.16  ? 58  LYS 1 NZ    1 
ATOM   460  N  N     . GLN A 1 59  ? 6.228   -7.707  11.731  1.00 56.00  ? 59  GLN 1 N     1 
ATOM   461  C  CA    . GLN A 1 59  ? 5.490   -8.956  11.903  1.00 56.16  ? 59  GLN 1 CA    1 
ATOM   462  C  C     . GLN A 1 59  ? 4.414   -9.169  10.848  1.00 54.74  ? 59  GLN 1 C     1 
ATOM   463  O  O     . GLN A 1 59  ? 4.429   -10.160 10.121  1.00 52.98  ? 59  GLN 1 O     1 
ATOM   464  C  CB    . GLN A 1 59  ? 4.823   -9.003  13.308  1.00 60.04  ? 59  GLN 1 CB    1 
ATOM   465  C  CG    . GLN A 1 59  ? 5.356   -10.135 14.195  1.00 64.00  ? 59  GLN 1 CG    1 
ATOM   466  C  CD    . GLN A 1 59  ? 4.658   -10.295 15.539  1.00 65.77  ? 59  GLN 1 CD    1 
ATOM   467  O  OE1   . GLN A 1 59  ? 3.455   -10.072 15.676  1.00 66.31  ? 59  GLN 1 OE1   1 
ATOM   468  N  NE2   . GLN A 1 59  ? 5.239   -10.679 16.686  1.00 63.96  ? 59  GLN 1 NE2   1 
ATOM   469  N  N     . ARG A 1 60  ? 3.480   -8.234  10.761  1.00 54.21  ? 60  ARG 1 N     1 
ATOM   470  C  CA    . ARG A 1 60  ? 2.403   -8.354  9.785   1.00 55.22  ? 60  ARG 1 CA    1 
ATOM   471  C  C     . ARG A 1 60  ? 2.884   -8.270  8.343   1.00 54.00  ? 60  ARG 1 C     1 
ATOM   472  O  O     . ARG A 1 60  ? 2.433   -9.033  7.488   1.00 53.50  ? 60  ARG 1 O     1 
ATOM   473  C  CB    . ARG A 1 60  ? 1.340   -7.290  10.061  1.00 55.19  ? 60  ARG 1 CB    1 
ATOM   474  C  CG    . ARG A 1 60  ? 0.739   -7.449  11.452  1.00 55.84  ? 60  ARG 1 CG    1 
ATOM   475  C  CD    . ARG A 1 60  ? -0.061  -6.250  11.897  1.00 55.94  ? 60  ARG 1 CD    1 
ATOM   476  N  NE    . ARG A 1 60  ? -1.276  -6.098  11.122  1.00 57.85  ? 60  ARG 1 NE    1 
ATOM   477  C  CZ    . ARG A 1 60  ? -2.209  -5.197  11.399  1.00 60.82  ? 60  ARG 1 CZ    1 
ATOM   478  N  NH1   . ARG A 1 60  ? -2.047  -4.380  12.435  1.00 62.48  ? 60  ARG 1 NH1   1 
ATOM   479  N  NH2   . ARG A 1 60  ? -3.300  -5.113  10.649  1.00 61.30  ? 60  ARG 1 NH2   1 
ATOM   480  N  N     . VAL A 1 61  ? 3.812   -7.359  8.072   1.00 53.70  ? 61  VAL 1 N     1 
ATOM   481  C  CA    . VAL A 1 61  ? 4.317   -7.212  6.717   1.00 54.32  ? 61  VAL 1 CA    1 
ATOM   482  C  C     . VAL A 1 61  ? 5.054   -8.453  6.250   1.00 55.17  ? 61  VAL 1 C     1 
ATOM   483  O  O     . VAL A 1 61  ? 5.008   -8.798  5.074   1.00 55.60  ? 61  VAL 1 O     1 
ATOM   484  C  CB    . VAL A 1 61  ? 5.270   -6.014  6.579   1.00 53.62  ? 61  VAL 1 CB    1 
ATOM   485  C  CG1   . VAL A 1 61  ? 5.697   -5.871  5.129   1.00 53.71  ? 61  VAL 1 CG1   1 
ATOM   486  C  CG2   . VAL A 1 61  ? 4.597   -4.748  7.048   1.00 53.48  ? 61  VAL 1 CG2   1 
ATOM   487  N  N     . THR A 1 62  ? 5.735   -9.134  7.166   1.00 57.41  ? 62  THR 1 N     1 
ATOM   488  C  CA    . THR A 1 62  ? 6.475   -10.333 6.777   1.00 58.93  ? 62  THR 1 CA    1 
ATOM   489  C  C     . THR A 1 62  ? 5.599   -11.571 6.741   1.00 59.09  ? 62  THR 1 C     1 
ATOM   490  O  O     . THR A 1 62  ? 5.954   -12.575 6.130   1.00 58.72  ? 62  THR 1 O     1 
ATOM   491  C  CB    . THR A 1 62  ? 7.677   -10.593 7.708   1.00 60.32  ? 62  THR 1 CB    1 
ATOM   492  O  OG1   . THR A 1 62  ? 8.366   -11.768 7.269   1.00 61.06  ? 62  THR 1 OG1   1 
ATOM   493  C  CG2   . THR A 1 62  ? 7.223   -10.781 9.143   1.00 60.95  ? 62  THR 1 CG2   1 
ATOM   494  N  N     . LYS A 1 63  ? 4.450   -11.487 7.404   1.00 60.88  ? 63  LYS 1 N     1 
ATOM   495  C  CA    . LYS A 1 63  ? 3.486   -12.583 7.446   1.00 61.68  ? 63  LYS 1 CA    1 
ATOM   496  C  C     . LYS A 1 63  ? 2.875   -12.721 6.052   1.00 61.36  ? 63  LYS 1 C     1 
ATOM   497  O  O     . LYS A 1 63  ? 2.852   -13.810 5.472   1.00 61.03  ? 63  LYS 1 O     1 
ATOM   498  C  CB    . LYS A 1 63  ? 2.380   -12.262 8.459   1.00 63.94  ? 63  LYS 1 CB    1 
ATOM   499  C  CG    . LYS A 1 63  ? 1.316   -13.341 8.610   1.00 66.49  ? 63  LYS 1 CG    1 
ATOM   500  C  CD    . LYS A 1 63  ? -0.016  -12.754 9.083   1.00 69.72  ? 63  LYS 1 CD    1 
ATOM   501  C  CE    . LYS A 1 63  ? 0.078   -12.102 10.462  1.00 72.51  ? 63  LYS 1 CE    1 
ATOM   502  N  NZ    . LYS A 1 63  ? 0.219   -13.097 11.570  1.00 75.15  ? 63  LYS 1 NZ    1 
ATOM   503  N  N     . ALA A 1 64  ? 2.396   -11.593 5.523   1.00 60.27  ? 64  ALA 1 N     1 
ATOM   504  C  CA    . ALA A 1 64  ? 1.763   -11.543 4.208   1.00 59.64  ? 64  ALA 1 CA    1 
ATOM   505  C  C     . ALA A 1 64  ? 2.583   -12.218 3.118   1.00 58.22  ? 64  ALA 1 C     1 
ATOM   506  O  O     . ALA A 1 64  ? 3.802   -12.244 3.183   1.00 59.16  ? 64  ALA 1 O     1 
ATOM   507  C  CB    . ALA A 1 64  ? 1.491   -10.098 3.828   1.00 61.04  ? 64  ALA 1 CB    1 
ATOM   508  N  N     . ASP A 1 65  ? 1.897   -12.752 2.115   1.00 57.13  ? 65  ASP 1 N     1 
ATOM   509  C  CA    . ASP A 1 65  ? 2.545   -13.432 1.002   1.00 57.25  ? 65  ASP 1 CA    1 
ATOM   510  C  C     . ASP A 1 65  ? 2.399   -12.611 -0.276  1.00 56.10  ? 65  ASP 1 C     1 
ATOM   511  O  O     . ASP A 1 65  ? 2.923   -12.963 -1.332  1.00 56.89  ? 65  ASP 1 O     1 
ATOM   512  C  CB    . ASP A 1 65  ? 1.919   -14.810 0.789   1.00 61.06  ? 65  ASP 1 CB    1 
ATOM   513  C  CG    . ASP A 1 65  ? 1.874   -15.637 2.069   1.00 64.72  ? 65  ASP 1 CG    1 
ATOM   514  O  OD1   . ASP A 1 65  ? 2.886   -15.660 2.812   1.00 66.53  ? 65  ASP 1 OD1   1 
ATOM   515  O  OD2   . ASP A 1 65  ? 0.832   -16.274 2.324   1.00 66.22  ? 65  ASP 1 OD2   1 
ATOM   516  N  N     . ALA A 1 66  ? 1.662   -11.516 -0.162  1.00 54.74  ? 66  ALA 1 N     1 
ATOM   517  C  CA    . ALA A 1 66  ? 1.413   -10.593 -1.259  1.00 52.15  ? 66  ALA 1 CA    1 
ATOM   518  C  C     . ALA A 1 66  ? 0.928   -9.322  -0.596  1.00 51.21  ? 66  ALA 1 C     1 
ATOM   519  O  O     . ALA A 1 66  ? 0.256   -9.370  0.438   1.00 52.11  ? 66  ALA 1 O     1 
ATOM   520  C  CB    . ALA A 1 66  ? 0.342   -11.132 -2.173  1.00 53.85  ? 66  ALA 1 CB    1 
ATOM   521  N  N     . ILE A 1 67  ? 1.264   -8.182  -1.174  1.00 49.65  ? 67  ILE 1 N     1 
ATOM   522  C  CA    . ILE A 1 67  ? 0.845   -6.924  -0.586  1.00 47.21  ? 67  ILE 1 CA    1 
ATOM   523  C  C     . ILE A 1 67  ? 0.285   -5.960  -1.620  1.00 45.86  ? 67  ILE 1 C     1 
ATOM   524  O  O     . ILE A 1 67  ? 0.742   -5.907  -2.761  1.00 45.82  ? 67  ILE 1 O     1 
ATOM   525  C  CB    . ILE A 1 67  ? 2.020   -6.247  0.137   1.00 47.77  ? 67  ILE 1 CB    1 
ATOM   526  C  CG1   . ILE A 1 67  ? 2.569   -7.179  1.223   1.00 49.94  ? 67  ILE 1 CG1   1 
ATOM   527  C  CG2   . ILE A 1 67  ? 1.565   -4.936  0.745   1.00 50.46  ? 67  ILE 1 CG2   1 
ATOM   528  C  CD1   . ILE A 1 67  ? 3.740   -6.618  2.015   1.00 48.31  ? 67  ILE 1 CD1   1 
ATOM   529  N  N     . VAL A 1 68  ? -0.741  -5.223  -1.223  1.00 43.71  ? 68  VAL 1 N     1 
ATOM   530  C  CA    . VAL A 1 68  ? -1.334  -4.224  -2.093  1.00 42.14  ? 68  VAL 1 CA    1 
ATOM   531  C  C     . VAL A 1 68  ? -0.937  -2.942  -1.388  1.00 40.24  ? 68  VAL 1 C     1 
ATOM   532  O  O     . VAL A 1 68  ? -1.431  -2.635  -0.311  1.00 42.35  ? 68  VAL 1 O     1 
ATOM   533  C  CB    . VAL A 1 68  ? -2.876  -4.347  -2.166  1.00 41.26  ? 68  VAL 1 CB    1 
ATOM   534  C  CG1   . VAL A 1 68  ? -3.437  -3.244  -3.020  1.00 39.88  ? 68  VAL 1 CG1   1 
ATOM   535  C  CG2   . VAL A 1 68  ? -3.260  -5.693  -2.762  1.00 41.02  ? 68  VAL 1 CG2   1 
ATOM   536  N  N     . LEU A 1 69  ? -0.018  -2.208  -1.987  1.00 38.52  ? 69  LEU 1 N     1 
ATOM   537  C  CA    . LEU A 1 69  ? 0.483   -0.994  -1.368  1.00 38.40  ? 69  LEU 1 CA    1 
ATOM   538  C  C     . LEU A 1 69  ? -0.216  0.193   -1.997  1.00 38.05  ? 69  LEU 1 C     1 
ATOM   539  O  O     . LEU A 1 69  ? -0.070  0.432   -3.202  1.00 39.43  ? 69  LEU 1 O     1 
ATOM   540  C  CB    . LEU A 1 69  ? 2.005   -0.918  -1.594  1.00 39.00  ? 69  LEU 1 CB    1 
ATOM   541  C  CG    . LEU A 1 69  ? 3.038   -0.152  -0.755  1.00 37.84  ? 69  LEU 1 CG    1 
ATOM   542  C  CD1   . LEU A 1 69  ? 2.951   -0.494  0.723   1.00 39.06  ? 69  LEU 1 CD1   1 
ATOM   543  C  CD2   . LEU A 1 69  ? 4.409   -0.527  -1.281  1.00 37.38  ? 69  LEU 1 CD2   1 
ATOM   544  N  N     . LEU A 1 70  ? -0.996  0.917   -1.199  1.00 35.12  ? 70  LEU 1 N     1 
ATOM   545  C  CA    . LEU A 1 70  ? -1.691  2.096   -1.688  1.00 34.68  ? 70  LEU 1 CA    1 
ATOM   546  C  C     . LEU A 1 70  ? -1.136  3.339   -1.042  1.00 36.11  ? 70  LEU 1 C     1 
ATOM   547  O  O     . LEU A 1 70  ? -0.647  3.292   0.075   1.00 38.16  ? 70  LEU 1 O     1 
ATOM   548  C  CB    . LEU A 1 70  ? -3.182  2.053   -1.367  1.00 34.93  ? 70  LEU 1 CB    1 
ATOM   549  C  CG    . LEU A 1 70  ? -4.108  1.061   -2.039  1.00 34.80  ? 70  LEU 1 CG    1 
ATOM   550  C  CD1   . LEU A 1 70  ? -3.944  -0.319  -1.419  1.00 35.45  ? 70  LEU 1 CD1   1 
ATOM   551  C  CD2   . LEU A 1 70  ? -5.524  1.556   -1.855  1.00 36.82  ? 70  LEU 1 CD2   1 
ATOM   552  N  N     . SER A 1 71  ? -1.236  4.462   -1.742  1.00 37.41  ? 71  SER 1 N     1 
ATOM   553  C  CA    . SER A 1 71  ? -0.777  5.732   -1.207  1.00 37.78  ? 71  SER 1 CA    1 
ATOM   554  C  C     . SER A 1 71  ? -1.278  6.846   -2.102  1.00 37.43  ? 71  SER 1 C     1 
ATOM   555  O  O     . SER A 1 71  ? -1.529  6.635   -3.284  1.00 39.58  ? 71  SER 1 O     1 
ATOM   556  C  CB    . SER A 1 71  ? 0.749   5.784   -1.161  1.00 40.83  ? 71  SER 1 CB    1 
ATOM   557  O  OG    . SER A 1 71  ? 1.199   7.113   -0.926  1.00 42.79  ? 71  SER 1 OG    1 
ATOM   558  N  N     . PRO A 1 72  ? -1.460  8.042   -1.544  1.00 34.67  ? 72  PRO 1 N     1 
ATOM   559  C  CA    . PRO A 1 72  ? -1.922  9.198   -2.291  1.00 35.58  ? 72  PRO 1 CA    1 
ATOM   560  C  C     . PRO A 1 72  ? -0.657  9.819   -2.784  1.00 36.95  ? 72  PRO 1 C     1 
ATOM   561  O  O     . PRO A 1 72  ? 0.386   9.603   -2.188  1.00 40.75  ? 72  PRO 1 O     1 
ATOM   562  C  CB    . PRO A 1 72  ? -2.552  10.057  -1.218  1.00 34.03  ? 72  PRO 1 CB    1 
ATOM   563  C  CG    . PRO A 1 72  ? -1.640  9.826   -0.103  1.00 33.57  ? 72  PRO 1 CG    1 
ATOM   564  C  CD    . PRO A 1 72  ? -1.481  8.336   -0.111  1.00 33.92  ? 72  PRO 1 CD    1 
ATOM   565  N  N     . GLU A 1 73  ? -0.714  10.582  -3.862  1.00 37.87  ? 73  GLU 1 N     1 
ATOM   566  C  CA    . GLU A 1 73  ? 0.498   11.206  -4.335  1.00 37.06  ? 73  GLU 1 CA    1 
ATOM   567  C  C     . GLU A 1 73  ? 0.502   12.535  -3.642  1.00 38.14  ? 73  GLU 1 C     1 
ATOM   568  O  O     . GLU A 1 73  ? -0.463  13.279  -3.722  1.00 40.43  ? 73  GLU 1 O     1 
ATOM   569  C  CB    . GLU A 1 73  ? 0.441   11.389  -5.848  1.00 37.13  ? 73  GLU 1 CB    1 
ATOM   570  C  CG    . GLU A 1 73  ? 1.676   12.035  -6.453  1.00 35.02  ? 73  GLU 1 CG    1 
ATOM   571  C  CD    . GLU A 1 73  ? 1.593   12.153  -7.951  1.00 31.81  ? 73  GLU 1 CD    1 
ATOM   572  O  OE1   . GLU A 1 73  ? 2.039   11.232  -8.648  1.00 37.25  ? 73  GLU 1 OE1   1 
ATOM   573  O  OE2   . GLU A 1 73  ? 1.083   13.167  -8.441  1.00 29.36  ? 73  GLU 1 OE2   1 
ATOM   574  N  N     . TYR A 1 74  ? 1.573   12.814  -2.919  1.00 40.13  ? 74  TYR 1 N     1 
ATOM   575  C  CA    . TYR A 1 74  ? 1.733   14.080  -2.215  1.00 40.35  ? 74  TYR 1 CA    1 
ATOM   576  C  C     . TYR A 1 74  ? 2.991   14.658  -2.817  1.00 39.92  ? 74  TYR 1 C     1 
ATOM   577  O  O     . TYR A 1 74  ? 4.030   14.025  -2.763  1.00 41.78  ? 74  TYR 1 O     1 
ATOM   578  C  CB    . TYR A 1 74  ? 1.978   13.875  -0.715  1.00 41.37  ? 74  TYR 1 CB    1 
ATOM   579  C  CG    . TYR A 1 74  ? 0.793   13.458  0.138   1.00 41.94  ? 74  TYR 1 CG    1 
ATOM   580  C  CD1   . TYR A 1 74  ? 0.999   12.897  1.400   1.00 41.55  ? 74  TYR 1 CD1   1 
ATOM   581  C  CD2   . TYR A 1 74  ? -0.520  13.626  -0.300  1.00 43.32  ? 74  TYR 1 CD2   1 
ATOM   582  C  CE1   . TYR A 1 74  ? -0.060  12.513  2.200   1.00 42.31  ? 74  TYR 1 CE1   1 
ATOM   583  C  CE2   . TYR A 1 74  ? -1.598  13.238  0.502   1.00 43.60  ? 74  TYR 1 CE2   1 
ATOM   584  C  CZ    . TYR A 1 74  ? -1.356  12.682  1.751   1.00 43.23  ? 74  TYR 1 CZ    1 
ATOM   585  O  OH    . TYR A 1 74  ? -2.403  12.278  2.556   1.00 45.50  ? 74  TYR 1 OH    1 
ATOM   586  N  N     . HIS A 1 75  ? 2.900   15.848  -3.388  1.00 41.21  ? 75  HIS 1 N     1 
ATOM   587  C  CA    . HIS A 1 75  ? 4.061   16.465  -3.989  1.00 40.08  ? 75  HIS 1 CA    1 
ATOM   588  C  C     . HIS A 1 75  ? 4.751   15.459  -4.875  1.00 40.74  ? 75  HIS 1 C     1 
ATOM   589  O  O     . HIS A 1 75  ? 5.916   15.138  -4.687  1.00 44.47  ? 75  HIS 1 O     1 
ATOM   590  C  CB    . HIS A 1 75  ? 5.001   16.936  -2.900  1.00 42.78  ? 75  HIS 1 CB    1 
ATOM   591  C  CG    . HIS A 1 75  ? 4.369   17.914  -1.957  1.00 45.36  ? 75  HIS 1 CG    1 
ATOM   592  N  ND1   . HIS A 1 75  ? 3.598   18.968  -2.393  1.00 45.27  ? 75  HIS 1 ND1   1 
ATOM   593  C  CD2   . HIS A 1 75  ? 4.411   18.008  -0.607  1.00 45.59  ? 75  HIS 1 CD2   1 
ATOM   594  C  CE1   . HIS A 1 75  ? 3.190   19.673  -1.352  1.00 45.50  ? 75  HIS 1 CE1   1 
ATOM   595  N  NE2   . HIS A 1 75  ? 3.670   19.110  -0.259  1.00 46.43  ? 75  HIS 1 NE2   1 
ATOM   596  N  N     . SER A 1 76  ? 4.013   14.953  -5.849  1.00 41.26  ? 76  SER 1 N     1 
ATOM   597  C  CA    . SER A 1 76  ? 4.541   13.972  -6.773  1.00 38.13  ? 76  SER 1 CA    1 
ATOM   598  C  C     . SER A 1 76  ? 5.321   12.857  -6.110  1.00 36.52  ? 76  SER 1 C     1 
ATOM   599  O  O     . SER A 1 76  ? 6.295   12.377  -6.679  1.00 39.16  ? 76  SER 1 O     1 
ATOM   600  C  CB    . SER A 1 76  ? 5.440   14.645  -7.799  1.00 39.18  ? 76  SER 1 CB    1 
ATOM   601  O  OG    . SER A 1 76  ? 4.685   15.455  -8.668  1.00 43.49  ? 76  SER 1 OG    1 
ATOM   602  N  N     . GLY A 1 77  ? 4.927   12.426  -4.923  1.00 34.75  ? 77  GLY 1 N     1 
ATOM   603  C  CA    . GLY A 1 77  ? 5.672   11.342  -4.318  1.00 35.78  ? 77  GLY 1 CA    1 
ATOM   604  C  C     . GLY A 1 77  ? 4.761   10.472  -3.505  1.00 36.39  ? 77  GLY 1 C     1 
ATOM   605  O  O     . GLY A 1 77  ? 3.557   10.669  -3.512  1.00 36.69  ? 77  GLY 1 O     1 
HETATM 606  N  N     . MSE A 1 78  ? 5.308   9.491   -2.804  1.00 39.42  ? 78  MSE 1 N     1 
HETATM 607  C  CA    . MSE A 1 78  ? 4.439   8.686   -1.970  1.00 41.31  ? 78  MSE 1 CA    1 
HETATM 608  C  C     . MSE A 1 78  ? 4.344   9.505   -0.706  1.00 42.41  ? 78  MSE 1 C     1 
HETATM 609  O  O     . MSE A 1 78  ? 5.057   10.482  -0.573  1.00 44.38  ? 78  MSE 1 O     1 
HETATM 610  C  CB    . MSE A 1 78  ? 5.033   7.315   -1.676  1.00 44.85  ? 78  MSE 1 CB    1 
HETATM 611  C  CG    . MSE A 1 78  ? 6.090   7.249   -0.601  1.00 49.24  ? 78  MSE 1 CG    1 
HETATM 612  SE SE    . MSE A 1 78  ? 6.547   5.379   -0.331  1.00 53.95  ? 78  MSE 1 SE    1 
HETATM 613  C  CE    . MSE A 1 78  ? 7.940   5.163   -1.641  1.00 51.19  ? 78  MSE 1 CE    1 
ATOM   614  N  N     . SER A 1 79  ? 3.479   9.135   0.227   1.00 43.42  ? 79  SER 1 N     1 
ATOM   615  C  CA    . SER A 1 79  ? 3.352   9.928   1.444   1.00 43.06  ? 79  SER 1 CA    1 
ATOM   616  C  C     . SER A 1 79  ? 4.545   9.793   2.392   1.00 42.73  ? 79  SER 1 C     1 
ATOM   617  O  O     . SER A 1 79  ? 5.150   8.729   2.503   1.00 43.37  ? 79  SER 1 O     1 
ATOM   618  C  CB    . SER A 1 79  ? 2.073   9.552   2.191   1.00 45.69  ? 79  SER 1 CB    1 
ATOM   619  O  OG    . SER A 1 79  ? 2.183   8.280   2.816   1.00 49.07  ? 79  SER 1 OG    1 
ATOM   620  N  N     . GLY A 1 80  ? 4.902   10.881  3.063   1.00 41.80  ? 80  GLY 1 N     1 
ATOM   621  C  CA    . GLY A 1 80  ? 6.001   10.807  4.001   1.00 42.24  ? 80  GLY 1 CA    1 
ATOM   622  C  C     . GLY A 1 80  ? 5.647   9.752   5.033   1.00 43.03  ? 80  GLY 1 C     1 
ATOM   623  O  O     . GLY A 1 80  ? 6.497   9.010   5.520   1.00 44.36  ? 80  GLY 1 O     1 
ATOM   624  N  N     . ALA A 1 81  ? 4.366   9.682   5.365   1.00 43.54  ? 81  ALA 1 N     1 
ATOM   625  C  CA    . ALA A 1 81  ? 3.876   8.723   6.340   1.00 43.73  ? 81  ALA 1 CA    1 
ATOM   626  C  C     . ALA A 1 81  ? 4.222   7.285   5.975   1.00 42.86  ? 81  ALA 1 C     1 
ATOM   627  O  O     . ALA A 1 81  ? 4.664   6.513   6.821   1.00 44.44  ? 81  ALA 1 O     1 
ATOM   628  C  CB    . ALA A 1 81  ? 2.376   8.870   6.486   1.00 45.23  ? 81  ALA 1 CB    1 
ATOM   629  N  N     . LEU A 1 82  ? 4.009   6.915   4.723   1.00 41.83  ? 82  LEU 1 N     1 
ATOM   630  C  CA    . LEU A 1 82  ? 4.302   5.555   4.280   1.00 40.84  ? 82  LEU 1 CA    1 
ATOM   631  C  C     . LEU A 1 82  ? 5.799   5.300   4.109   1.00 40.97  ? 82  LEU 1 C     1 
ATOM   632  O  O     . LEU A 1 82  ? 6.280   4.189   4.335   1.00 40.33  ? 82  LEU 1 O     1 
ATOM   633  C  CB    . LEU A 1 82  ? 3.573   5.279   2.961   1.00 39.73  ? 82  LEU 1 CB    1 
ATOM   634  C  CG    . LEU A 1 82  ? 3.977   4.051   2.145   1.00 36.60  ? 82  LEU 1 CG    1 
ATOM   635  C  CD1   . LEU A 1 82  ? 3.795   2.790   2.940   1.00 37.45  ? 82  LEU 1 CD1   1 
ATOM   636  C  CD2   . LEU A 1 82  ? 3.133   4.007   0.903   1.00 39.29  ? 82  LEU 1 CD2   1 
ATOM   637  N  N     . LYS A 1 83  ? 6.538   6.326   3.697   1.00 41.48  ? 83  LYS 1 N     1 
ATOM   638  C  CA    . LYS A 1 83  ? 7.972   6.162   3.487   1.00 41.28  ? 83  LYS 1 CA    1 
ATOM   639  C  C     . LYS A 1 83  ? 8.596   5.921   4.840   1.00 42.68  ? 83  LYS 1 C     1 
ATOM   640  O  O     . LYS A 1 83  ? 9.398   5.001   5.003   1.00 44.08  ? 83  LYS 1 O     1 
ATOM   641  C  CB    . LYS A 1 83  ? 8.568   7.406   2.823   1.00 39.83  ? 83  LYS 1 CB    1 
ATOM   642  C  CG    . LYS A 1 83  ? 10.067  7.322   2.497   1.00 36.57  ? 83  LYS 1 CG    1 
ATOM   643  C  CD    . LYS A 1 83  ? 10.389  6.096   1.677   1.00 37.33  ? 83  LYS 1 CD    1 
ATOM   644  C  CE    . LYS A 1 83  ? 11.760  6.172   0.991   1.00 35.09  ? 83  LYS 1 CE    1 
ATOM   645  N  NZ    . LYS A 1 83  ? 12.887  6.159   1.937   1.00 33.69  ? 83  LYS 1 NZ    1 
ATOM   646  N  N     . ASN A 1 84  ? 8.209   6.737   5.817   1.00 44.46  ? 84  ASN 1 N     1 
ATOM   647  C  CA    . ASN A 1 84  ? 8.719   6.581   7.178   1.00 45.12  ? 84  ASN 1 CA    1 
ATOM   648  C  C     . ASN A 1 84  ? 8.487   5.139   7.609   1.00 45.06  ? 84  ASN 1 C     1 
ATOM   649  O  O     . ASN A 1 84  ? 9.394   4.463   8.086   1.00 47.26  ? 84  ASN 1 O     1 
ATOM   650  C  CB    . ASN A 1 84  ? 7.985   7.498   8.137   1.00 46.05  ? 84  ASN 1 CB    1 
ATOM   651  C  CG    . ASN A 1 84  ? 8.752   7.714   9.420   1.00 48.65  ? 84  ASN 1 CG    1 
ATOM   652  O  OD1   . ASN A 1 84  ? 9.166   6.759   10.078  1.00 51.35  ? 84  ASN 1 OD1   1 
ATOM   653  N  ND2   . ASN A 1 84  ? 8.945   8.973   9.787   1.00 50.05  ? 84  ASN 1 ND2   1 
ATOM   654  N  N     . ALA A 1 85  ? 7.258   4.674   7.439   1.00 45.38  ? 85  ALA 1 N     1 
ATOM   655  C  CA    . ALA A 1 85  ? 6.915   3.305   7.777   1.00 44.42  ? 85  ALA 1 CA    1 
ATOM   656  C  C     . ALA A 1 85  ? 7.964   2.374   7.176   1.00 44.23  ? 85  ALA 1 C     1 
ATOM   657  O  O     . ALA A 1 85  ? 8.673   1.696   7.896   1.00 45.94  ? 85  ALA 1 O     1 
ATOM   658  C  CB    . ALA A 1 85  ? 5.533   2.972   7.234   1.00 42.80  ? 85  ALA 1 CB    1 
ATOM   659  N  N     . LEU A 1 86  ? 8.067   2.363   5.853   1.00 44.70  ? 86  LEU 1 N     1 
ATOM   660  C  CA    . LEU A 1 86  ? 9.013   1.505   5.146   1.00 44.64  ? 86  LEU 1 CA    1 
ATOM   661  C  C     . LEU A 1 86  ? 10.461  1.631   5.663   1.00 46.04  ? 86  LEU 1 C     1 
ATOM   662  O  O     . LEU A 1 86  ? 11.213  0.645   5.712   1.00 44.52  ? 86  LEU 1 O     1 
ATOM   663  C  CB    . LEU A 1 86  ? 8.967   1.820   3.641   1.00 43.72  ? 86  LEU 1 CB    1 
ATOM   664  C  CG    . LEU A 1 86  ? 7.645   1.619   2.879   1.00 41.86  ? 86  LEU 1 CG    1 
ATOM   665  C  CD1   . LEU A 1 86  ? 7.665   2.380   1.567   1.00 39.89  ? 86  LEU 1 CD1   1 
ATOM   666  C  CD2   . LEU A 1 86  ? 7.429   0.148   2.619   1.00 40.15  ? 86  LEU 1 CD2   1 
ATOM   667  N  N     . ASP A 1 87  ? 10.866  2.833   6.052   1.00 46.17  ? 87  ASP 1 N     1 
ATOM   668  C  CA    . ASP A 1 87  ? 12.228  2.985   6.536   1.00 48.23  ? 87  ASP 1 CA    1 
ATOM   669  C  C     . ASP A 1 87  ? 12.524  2.045   7.718   1.00 49.57  ? 87  ASP 1 C     1 
ATOM   670  O  O     . ASP A 1 87  ? 13.677  1.631   7.926   1.00 50.89  ? 87  ASP 1 O     1 
ATOM   671  C  CB    . ASP A 1 87  ? 12.506  4.447   6.901   1.00 46.52  ? 87  ASP 1 CB    1 
ATOM   672  C  CG    . ASP A 1 87  ? 12.608  5.344   5.664   1.00 44.53  ? 87  ASP 1 CG    1 
ATOM   673  O  OD1   . ASP A 1 87  ? 12.889  4.817   4.571   1.00 44.11  ? 87  ASP 1 OD1   1 
ATOM   674  O  OD2   . ASP A 1 87  ? 12.422  6.573   5.773   1.00 45.79  ? 87  ASP 1 OD2   1 
ATOM   675  N  N     . PHE A 1 88  ? 11.487  1.687   8.472   1.00 48.38  ? 88  PHE 1 N     1 
ATOM   676  C  CA    . PHE A 1 88  ? 11.656  0.787   9.602   1.00 46.81  ? 88  PHE 1 CA    1 
ATOM   677  C  C     . PHE A 1 88  ? 11.896  -0.629  9.125   1.00 47.03  ? 88  PHE 1 C     1 
ATOM   678  O  O     . PHE A 1 88  ? 12.474  -1.432  9.852   1.00 47.26  ? 88  PHE 1 O     1 
ATOM   679  C  CB    . PHE A 1 88  ? 10.417  0.778   10.496  1.00 45.24  ? 88  PHE 1 CB    1 
ATOM   680  C  CG    . PHE A 1 88  ? 10.302  1.970   11.390  1.00 42.73  ? 88  PHE 1 CG    1 
ATOM   681  C  CD1   . PHE A 1 88  ? 9.459   3.024   11.067  1.00 43.05  ? 88  PHE 1 CD1   1 
ATOM   682  C  CD2   . PHE A 1 88  ? 11.048  2.042   12.555  1.00 41.92  ? 88  PHE 1 CD2   1 
ATOM   683  C  CE1   . PHE A 1 88  ? 9.363   4.143   11.900  1.00 42.60  ? 88  PHE 1 CE1   1 
ATOM   684  C  CE2   . PHE A 1 88  ? 10.961  3.150   13.389  1.00 41.27  ? 88  PHE 1 CE2   1 
ATOM   685  C  CZ    . PHE A 1 88  ? 10.119  4.203   13.062  1.00 40.63  ? 88  PHE 1 CZ    1 
ATOM   686  N  N     . LEU A 1 89  ? 11.450  -0.945  7.913   1.00 46.42  ? 89  LEU 1 N     1 
ATOM   687  C  CA    . LEU A 1 89  ? 11.620  -2.302  7.402   1.00 47.01  ? 89  LEU 1 CA    1 
ATOM   688  C  C     . LEU A 1 89  ? 12.843  -2.425  6.522   1.00 47.40  ? 89  LEU 1 C     1 
ATOM   689  O  O     . LEU A 1 89  ? 13.621  -1.486  6.407   1.00 48.23  ? 89  LEU 1 O     1 
ATOM   690  C  CB    . LEU A 1 89  ? 10.388  -2.742  6.616   1.00 46.95  ? 89  LEU 1 CB    1 
ATOM   691  C  CG    . LEU A 1 89  ? 9.047   -2.451  7.288   1.00 46.62  ? 89  LEU 1 CG    1 
ATOM   692  C  CD1   . LEU A 1 89  ? 7.939   -3.117  6.493   1.00 48.64  ? 89  LEU 1 CD1   1 
ATOM   693  C  CD2   . LEU A 1 89  ? 9.057   -2.954  8.706   1.00 45.22  ? 89  LEU 1 CD2   1 
ATOM   694  N  N     . SER A 1 90  ? 13.007  -3.586  5.896   1.00 47.31  ? 90  SER 1 N     1 
ATOM   695  C  CA    . SER A 1 90  ? 14.150  -3.825  5.035   1.00 47.77  ? 90  SER 1 CA    1 
ATOM   696  C  C     . SER A 1 90  ? 13.849  -4.998  4.120   1.00 47.94  ? 90  SER 1 C     1 
ATOM   697  O  O     . SER A 1 90  ? 12.771  -5.576  4.194   1.00 47.09  ? 90  SER 1 O     1 
ATOM   698  C  CB    . SER A 1 90  ? 15.369  -4.164  5.875   1.00 48.78  ? 90  SER 1 CB    1 
ATOM   699  O  OG    . SER A 1 90  ? 15.256  -5.496  6.350   1.00 51.04  ? 90  SER 1 OG    1 
ATOM   700  N  N     . SER A 1 91  ? 14.816  -5.358  3.276   1.00 50.16  ? 91  SER 1 N     1 
ATOM   701  C  CA    . SER A 1 91  ? 14.644  -6.463  2.345   1.00 52.28  ? 91  SER 1 CA    1 
ATOM   702  C  C     . SER A 1 91  ? 14.452  -7.748  3.115   1.00 54.01  ? 91  SER 1 C     1 
ATOM   703  O  O     . SER A 1 91  ? 14.267  -8.814  2.527   1.00 55.02  ? 91  SER 1 O     1 
ATOM   704  C  CB    . SER A 1 91  ? 15.855  -6.601  1.428   1.00 53.41  ? 91  SER 1 CB    1 
ATOM   705  O  OG    . SER A 1 91  ? 16.960  -7.126  2.130   1.00 56.89  ? 91  SER 1 OG    1 
ATOM   706  N  N     . GLU A 1 92  ? 14.501  -7.640  4.438   1.00 54.96  ? 92  GLU 1 N     1 
ATOM   707  C  CA    . GLU A 1 92  ? 14.307  -8.794  5.297   1.00 56.40  ? 92  GLU 1 CA    1 
ATOM   708  C  C     . GLU A 1 92  ? 12.860  -9.260  5.169   1.00 56.12  ? 92  GLU 1 C     1 
ATOM   709  O  O     . GLU A 1 92  ? 12.590  -10.448 4.924   1.00 56.00  ? 92  GLU 1 O     1 
ATOM   710  C  CB    . GLU A 1 92  ? 14.592  -8.420  6.753   1.00 59.63  ? 92  GLU 1 CB    1 
ATOM   711  C  CG    . GLU A 1 92  ? 14.166  -9.473  7.777   1.00 64.88  ? 92  GLU 1 CG    1 
ATOM   712  C  CD    . GLU A 1 92  ? 14.996  -10.752 7.712   1.00 67.98  ? 92  GLU 1 CD    1 
ATOM   713  O  OE1   . GLU A 1 92  ? 15.006  -11.421 6.649   1.00 68.79  ? 92  GLU 1 OE1   1 
ATOM   714  O  OE2   . GLU A 1 92  ? 15.639  -11.088 8.734   1.00 70.07  ? 92  GLU 1 OE2   1 
ATOM   715  N  N     . GLN A 1 93  ? 11.940  -8.305  5.319   1.00 54.56  ? 93  GLN 1 N     1 
ATOM   716  C  CA    . GLN A 1 93  ? 10.513  -8.571  5.247   1.00 52.12  ? 93  GLN 1 CA    1 
ATOM   717  C  C     . GLN A 1 93  ? 9.918   -8.515  3.841   1.00 52.08  ? 93  GLN 1 C     1 
ATOM   718  O  O     . GLN A 1 93  ? 8.826   -9.050  3.609   1.00 52.96  ? 93  GLN 1 O     1 
ATOM   719  C  CB    . GLN A 1 93  ? 9.755   -7.586  6.138   1.00 51.78  ? 93  GLN 1 CB    1 
ATOM   720  C  CG    . GLN A 1 93  ? 10.189  -7.586  7.592   1.00 52.39  ? 93  GLN 1 CG    1 
ATOM   721  C  CD    . GLN A 1 93  ? 11.244  -6.547  7.881   1.00 52.66  ? 93  GLN 1 CD    1 
ATOM   722  O  OE1   . GLN A 1 93  ? 12.121  -6.308  7.068   1.00 54.83  ? 93  GLN 1 OE1   1 
ATOM   723  N  NE2   . GLN A 1 93  ? 11.172  -5.929  9.053   1.00 56.38  ? 93  GLN 1 NE2   1 
ATOM   724  N  N     . PHE A 1 94  ? 10.621  -7.898  2.893   1.00 49.27  ? 94  PHE 1 N     1 
ATOM   725  C  CA    . PHE A 1 94  ? 10.072  -7.775  1.543   1.00 46.51  ? 94  PHE 1 CA    1 
ATOM   726  C  C     . PHE A 1 94  ? 10.670  -8.650  0.453   1.00 48.07  ? 94  PHE 1 C     1 
ATOM   727  O  O     . PHE A 1 94  ? 10.046  -8.856  -0.592  1.00 47.80  ? 94  PHE 1 O     1 
ATOM   728  C  CB    . PHE A 1 94  ? 10.172  -6.321  1.072   1.00 42.52  ? 94  PHE 1 CB    1 
ATOM   729  C  CG    . PHE A 1 94  ? 9.121   -5.411  1.642   1.00 37.12  ? 94  PHE 1 CG    1 
ATOM   730  C  CD1   . PHE A 1 94  ? 9.471   -4.401  2.524   1.00 35.17  ? 94  PHE 1 CD1   1 
ATOM   731  C  CD2   . PHE A 1 94  ? 7.787   -5.536  1.260   1.00 34.76  ? 94  PHE 1 CD2   1 
ATOM   732  C  CE1   . PHE A 1 94  ? 8.514   -3.521  3.017   1.00 33.10  ? 94  PHE 1 CE1   1 
ATOM   733  C  CE2   . PHE A 1 94  ? 6.826   -4.664  1.748   1.00 33.39  ? 94  PHE 1 CE2   1 
ATOM   734  C  CZ    . PHE A 1 94  ? 7.194   -3.653  2.628   1.00 33.37  ? 94  PHE 1 CZ    1 
ATOM   735  N  N     . LYS A 1 95  ? 11.866  -9.177  0.681   1.00 49.24  ? 95  LYS 1 N     1 
ATOM   736  C  CA    . LYS A 1 95  ? 12.512  -9.944  -0.368  1.00 50.50  ? 95  LYS 1 CA    1 
ATOM   737  C  C     . LYS A 1 95  ? 11.632  -10.919 -1.123  1.00 50.78  ? 95  LYS 1 C     1 
ATOM   738  O  O     . LYS A 1 95  ? 11.022  -11.809 -0.541  1.00 53.01  ? 95  LYS 1 O     1 
ATOM   739  C  CB    . LYS A 1 95  ? 13.748  -10.674 0.155   1.00 51.13  ? 95  LYS 1 CB    1 
ATOM   740  C  CG    . LYS A 1 95  ? 14.415  -11.520 -0.926  1.00 51.54  ? 95  LYS 1 CG    1 
ATOM   741  C  CD    . LYS A 1 95  ? 15.908  -11.702 -0.688  1.00 54.23  ? 95  LYS 1 CD    1 
ATOM   742  C  CE    . LYS A 1 95  ? 16.566  -12.359 -1.906  1.00 54.77  ? 95  LYS 1 CE    1 
ATOM   743  N  NZ    . LYS A 1 95  ? 18.045  -12.451 -1.776  1.00 55.53  ? 95  LYS 1 NZ    1 
ATOM   744  N  N     . TYR A 1 96  ? 11.575  -10.721 -2.434  1.00 51.25  ? 96  TYR 1 N     1 
ATOM   745  C  CA    . TYR A 1 96  ? 10.813  -11.573 -3.333  1.00 52.25  ? 96  TYR 1 CA    1 
ATOM   746  C  C     . TYR A 1 96  ? 9.308   -11.599 -3.120  1.00 52.29  ? 96  TYR 1 C     1 
ATOM   747  O  O     . TYR A 1 96  ? 8.598   -12.373 -3.762  1.00 52.49  ? 96  TYR 1 O     1 
ATOM   748  C  CB    . TYR A 1 96  ? 11.367  -12.994 -3.265  1.00 53.08  ? 96  TYR 1 CB    1 
ATOM   749  C  CG    . TYR A 1 96  ? 12.700  -13.142 -3.960  1.00 55.25  ? 96  TYR 1 CG    1 
ATOM   750  C  CD1   . TYR A 1 96  ? 13.043  -12.309 -5.023  1.00 57.34  ? 96  TYR 1 CD1   1 
ATOM   751  C  CD2   . TYR A 1 96  ? 13.581  -14.162 -3.618  1.00 54.92  ? 96  TYR 1 CD2   1 
ATOM   752  C  CE1   . TYR A 1 96  ? 14.227  -12.488 -5.729  1.00 59.03  ? 96  TYR 1 CE1   1 
ATOM   753  C  CE2   . TYR A 1 96  ? 14.764  -14.355 -4.321  1.00 56.68  ? 96  TYR 1 CE2   1 
ATOM   754  C  CZ    . TYR A 1 96  ? 15.078  -13.513 -5.378  1.00 58.45  ? 96  TYR 1 CZ    1 
ATOM   755  O  OH    . TYR A 1 96  ? 16.237  -13.699 -6.104  1.00 61.23  ? 96  TYR 1 OH    1 
ATOM   756  N  N     . LYS A 1 97  ? 8.816   -10.738 -2.241  1.00 52.10  ? 97  LYS 1 N     1 
ATOM   757  C  CA    . LYS A 1 97  ? 7.396   -10.713 -1.953  1.00 51.77  ? 97  LYS 1 CA    1 
ATOM   758  C  C     . LYS A 1 97  ? 6.630   -9.931  -3.011  1.00 51.66  ? 97  LYS 1 C     1 
ATOM   759  O  O     . LYS A 1 97  ? 7.030   -8.841  -3.407  1.00 53.92  ? 97  LYS 1 O     1 
ATOM   760  C  CB    . LYS A 1 97  ? 7.183   -10.120 -0.568  1.00 52.04  ? 97  LYS 1 CB    1 
ATOM   761  C  CG    . LYS A 1 97  ? 5.820   -10.383 0.001   1.00 53.77  ? 97  LYS 1 CG    1 
ATOM   762  C  CD    . LYS A 1 97  ? 5.792   -10.136 1.502   1.00 54.62  ? 97  LYS 1 CD    1 
ATOM   763  C  CE    . LYS A 1 97  ? 6.623   -11.160 2.247   1.00 53.01  ? 97  LYS 1 CE    1 
ATOM   764  N  NZ    . LYS A 1 97  ? 6.428   -10.996 3.713   1.00 54.16  ? 97  LYS 1 NZ    1 
ATOM   765  N  N     . PRO A 1 98  ? 5.514   -10.487 -3.496  1.00 51.35  ? 98  PRO 1 N     1 
ATOM   766  C  CA    . PRO A 1 98  ? 4.707   -9.818  -4.521  1.00 50.12  ? 98  PRO 1 CA    1 
ATOM   767  C  C     . PRO A 1 98  ? 4.031   -8.548  -4.019  1.00 49.01  ? 98  PRO 1 C     1 
ATOM   768  O  O     . PRO A 1 98  ? 3.415   -8.545  -2.956  1.00 49.54  ? 98  PRO 1 O     1 
ATOM   769  C  CB    . PRO A 1 98  ? 3.687   -10.883 -4.901  1.00 50.70  ? 98  PRO 1 CB    1 
ATOM   770  C  CG    . PRO A 1 98  ? 4.390   -12.168 -4.569  1.00 51.02  ? 98  PRO 1 CG    1 
ATOM   771  C  CD    . PRO A 1 98  ? 5.000   -11.840 -3.242  1.00 50.57  ? 98  PRO 1 CD    1 
ATOM   772  N  N     . VAL A 1 99  ? 4.142   -7.467  -4.783  1.00 47.43  ? 99  VAL 1 N     1 
ATOM   773  C  CA    . VAL A 1 99  ? 3.509   -6.215  -4.396  1.00 43.55  ? 99  VAL 1 CA    1 
ATOM   774  C  C     . VAL A 1 99  ? 2.778   -5.599  -5.573  1.00 43.20  ? 99  VAL 1 C     1 
ATOM   775  O  O     . VAL A 1 99  ? 3.259   -5.630  -6.701  1.00 44.09  ? 99  VAL 1 O     1 
ATOM   776  C  CB    . VAL A 1 99  ? 4.528   -5.189  -3.885  1.00 42.50  ? 99  VAL 1 CB    1 
ATOM   777  C  CG1   . VAL A 1 99  ? 3.808   -3.928  -3.454  1.00 42.04  ? 99  VAL 1 CG1   1 
ATOM   778  C  CG2   . VAL A 1 99  ? 5.326   -5.764  -2.730  1.00 41.40  ? 99  VAL 1 CG2   1 
ATOM   779  N  N     . ALA A 1 100 ? 1.600   -5.056  -5.299  1.00 42.27  ? 100 ALA 1 N     1 
ATOM   780  C  CA    . ALA A 1 100 ? 0.791   -4.397  -6.304  1.00 40.20  ? 100 ALA 1 CA    1 
ATOM   781  C  C     . ALA A 1 100 ? 0.711   -2.951  -5.867  1.00 40.69  ? 100 ALA 1 C     1 
ATOM   782  O  O     . ALA A 1 100 ? 0.301   -2.644  -4.738  1.00 38.26  ? 100 ALA 1 O     1 
ATOM   783  C  CB    . ALA A 1 100 ? -0.588  -4.989  -6.348  1.00 41.61  ? 100 ALA 1 CB    1 
ATOM   784  N  N     . LEU A 1 101 ? 1.113   -2.060  -6.765  1.00 40.76  ? 101 LEU 1 N     1 
ATOM   785  C  CA    . LEU A 1 101 ? 1.087   -0.641  -6.480  1.00 41.13  ? 101 LEU 1 CA    1 
ATOM   786  C  C     . LEU A 1 101 ? -0.231  -0.025  -6.919  1.00 39.96  ? 101 LEU 1 C     1 
ATOM   787  O  O     . LEU A 1 101 ? -0.793  -0.416  -7.929  1.00 41.79  ? 101 LEU 1 O     1 
ATOM   788  C  CB    . LEU A 1 101 ? 2.252   0.026   -7.191  1.00 42.57  ? 101 LEU 1 CB    1 
ATOM   789  C  CG    . LEU A 1 101 ? 3.560   -0.694  -6.905  1.00 41.39  ? 101 LEU 1 CG    1 
ATOM   790  C  CD1   . LEU A 1 101 ? 4.673   -0.137  -7.782  1.00 42.01  ? 101 LEU 1 CD1   1 
ATOM   791  C  CD2   . LEU A 1 101 ? 3.886   -0.529  -5.443  1.00 44.01  ? 101 LEU 1 CD2   1 
ATOM   792  N  N     . LEU A 1 102 ? -0.720  0.940   -6.151  1.00 39.82  ? 102 LEU 1 N     1 
ATOM   793  C  CA    . LEU A 1 102 ? -1.975  1.612   -6.458  1.00 38.54  ? 102 LEU 1 CA    1 
ATOM   794  C  C     . LEU A 1 102 ? -1.867  2.986   -5.798  1.00 38.19  ? 102 LEU 1 C     1 
ATOM   795  O  O     . LEU A 1 102 ? -1.622  3.087   -4.603  1.00 38.64  ? 102 LEU 1 O     1 
ATOM   796  C  CB    . LEU A 1 102 ? -3.123  0.787   -5.881  1.00 40.82  ? 102 LEU 1 CB    1 
ATOM   797  C  CG    . LEU A 1 102 ? -4.577  1.104   -6.234  1.00 42.35  ? 102 LEU 1 CG    1 
ATOM   798  C  CD1   . LEU A 1 102 ? -5.431  -0.142  -6.025  1.00 41.43  ? 102 LEU 1 CD1   1 
ATOM   799  C  CD2   . LEU A 1 102 ? -5.068  2.261   -5.379  1.00 42.04  ? 102 LEU 1 CD2   1 
ATOM   800  N  N     . ALA A 1 103 ? -2.020  4.044   -6.584  1.00 37.28  ? 103 ALA 1 N     1 
ATOM   801  C  CA    . ALA A 1 103 ? -1.889  5.400   -6.070  1.00 36.08  ? 103 ALA 1 CA    1 
ATOM   802  C  C     . ALA A 1 103 ? -3.181  6.180   -6.201  1.00 36.42  ? 103 ALA 1 C     1 
ATOM   803  O  O     . ALA A 1 103 ? -3.959  5.939   -7.111  1.00 37.85  ? 103 ALA 1 O     1 
ATOM   804  C  CB    . ALA A 1 103 ? -0.778  6.122   -6.815  1.00 38.92  ? 103 ALA 1 CB    1 
ATOM   805  N  N     . VAL A 1 104 ? -3.402  7.127   -5.302  1.00 35.99  ? 104 VAL 1 N     1 
ATOM   806  C  CA    . VAL A 1 104 ? -4.613  7.920   -5.328  1.00 38.34  ? 104 VAL 1 CA    1 
ATOM   807  C  C     . VAL A 1 104 ? -4.281  9.385   -5.489  1.00 40.04  ? 104 VAL 1 C     1 
ATOM   808  O  O     . VAL A 1 104 ? -3.860  10.041  -4.539  1.00 40.61  ? 104 VAL 1 O     1 
ATOM   809  C  CB    . VAL A 1 104 ? -5.414  7.715   -4.045  1.00 38.98  ? 104 VAL 1 CB    1 
ATOM   810  C  CG1   . VAL A 1 104 ? -6.628  8.633   -4.032  1.00 41.25  ? 104 VAL 1 CG1   1 
ATOM   811  C  CG2   . VAL A 1 104 ? -5.843  6.267   -3.955  1.00 39.06  ? 104 VAL 1 CG2   1 
ATOM   812  N  N     . ALA A 1 105 ? -4.497  9.891   -6.701  1.00 41.33  ? 105 ALA 1 N     1 
ATOM   813  C  CA    . ALA A 1 105 ? -4.188  11.266  -7.050  1.00 42.18  ? 105 ALA 1 CA    1 
ATOM   814  C  C     . ALA A 1 105 ? -5.394  12.141  -6.937  1.00 43.10  ? 105 ALA 1 C     1 
ATOM   815  O  O     . ALA A 1 105 ? -6.432  11.704  -6.461  1.00 45.69  ? 105 ALA 1 O     1 
ATOM   816  C  CB    . ALA A 1 105 ? -3.647  11.326  -8.472  1.00 44.75  ? 105 ALA 1 CB    1 
ATOM   817  N  N     . GLY A 1 106 ? -5.263  13.377  -7.398  1.00 43.86  ? 106 GLY 1 N     1 
ATOM   818  C  CA    . GLY A 1 106 ? -6.372  14.303  -7.329  1.00 45.04  ? 106 GLY 1 CA    1 
ATOM   819  C  C     . GLY A 1 106 ? -6.939  14.634  -8.686  1.00 45.40  ? 106 GLY 1 C     1 
ATOM   820  O  O     . GLY A 1 106 ? -7.758  15.547  -8.805  1.00 47.02  ? 106 GLY 1 O     1 
ATOM   821  N  N     . GLY A 1 107 ? -6.503  13.900  -9.709  1.00 46.25  ? 107 GLY 1 N     1 
ATOM   822  C  CA    . GLY A 1 107 ? -6.995  14.125  -11.063 1.00 44.22  ? 107 GLY 1 CA    1 
ATOM   823  C  C     . GLY A 1 107 ? -5.888  14.348  -12.077 1.00 42.66  ? 107 GLY 1 C     1 
ATOM   824  O  O     . GLY A 1 107 ? -4.777  13.869  -11.894 1.00 44.38  ? 107 GLY 1 O     1 
ATOM   825  N  N     . GLY A 1 108 ? -6.196  15.070  -13.148 1.00 42.10  ? 108 GLY 1 N     1 
ATOM   826  C  CA    . GLY A 1 108 ? -5.210  15.357  -14.177 1.00 39.35  ? 108 GLY 1 CA    1 
ATOM   827  C  C     . GLY A 1 108 ? -4.267  14.216  -14.464 1.00 37.61  ? 108 GLY 1 C     1 
ATOM   828  O  O     . GLY A 1 108 ? -4.712  13.089  -14.632 1.00 36.95  ? 108 GLY 1 O     1 
ATOM   829  N  N     . LYS A 1 109 ? -2.968  14.508  -14.520 1.00 37.83  ? 109 LYS 1 N     1 
ATOM   830  C  CA    . LYS A 1 109 ? -1.961  13.485  -14.786 1.00 37.52  ? 109 LYS 1 CA    1 
ATOM   831  C  C     . LYS A 1 109 ? -1.257  13.072  -13.513 1.00 38.28  ? 109 LYS 1 C     1 
ATOM   832  O  O     . LYS A 1 109 ? -0.180  12.487  -13.553 1.00 40.82  ? 109 LYS 1 O     1 
ATOM   833  C  CB    . LYS A 1 109 ? -0.917  14.002  -15.771 1.00 36.57  ? 109 LYS 1 CB    1 
ATOM   834  C  CG    . LYS A 1 109 ? -1.460  14.282  -17.155 1.00 37.56  ? 109 LYS 1 CG    1 
ATOM   835  C  CD    . LYS A 1 109 ? -1.826  13.002  -17.908 1.00 36.76  ? 109 LYS 1 CD    1 
ATOM   836  C  CE    . LYS A 1 109 ? -2.347  13.336  -19.296 1.00 36.22  ? 109 LYS 1 CE    1 
ATOM   837  N  NZ    . LYS A 1 109 ? -2.555  12.111  -20.076 1.00 37.43  ? 109 LYS 1 NZ    1 
ATOM   838  N  N     . GLY A 1 110 ? -1.859  13.365  -12.375 1.00 37.84  ? 110 GLY 1 N     1 
ATOM   839  C  CA    . GLY A 1 110 ? -1.218  13.016  -11.131 1.00 37.40  ? 110 GLY 1 CA    1 
ATOM   840  C  C     . GLY A 1 110 ? -1.332  11.549  -10.817 1.00 37.01  ? 110 GLY 1 C     1 
ATOM   841  O  O     . GLY A 1 110 ? -2.287  10.898  -11.219 1.00 38.09  ? 110 GLY 1 O     1 
ATOM   842  N  N     . GLY A 1 111 ? -0.343  11.029  -10.098 1.00 37.37  ? 111 GLY 1 N     1 
ATOM   843  C  CA    . GLY A 1 111 ? -0.375  9.636   -9.719  1.00 35.63  ? 111 GLY 1 CA    1 
ATOM   844  C  C     . GLY A 1 111 ? 0.746   8.753   -10.207 1.00 34.83  ? 111 GLY 1 C     1 
ATOM   845  O  O     . GLY A 1 111 ? 1.057   7.764   -9.558  1.00 35.89  ? 111 GLY 1 O     1 
ATOM   846  N  N     . ILE A 1 112 ? 1.369   9.080   -11.327 1.00 33.56  ? 112 ILE 1 N     1 
ATOM   847  C  CA    . ILE A 1 112 ? 2.420   8.205   -11.817 1.00 34.12  ? 112 ILE 1 CA    1 
ATOM   848  C  C     . ILE A 1 112 ? 3.708   8.363   -11.040 1.00 34.50  ? 112 ILE 1 C     1 
ATOM   849  O  O     . ILE A 1 112 ? 4.429   7.396   -10.809 1.00 37.65  ? 112 ILE 1 O     1 
ATOM   850  C  CB    . ILE A 1 112 ? 2.728   8.448   -13.304 1.00 35.64  ? 112 ILE 1 CB    1 
ATOM   851  C  CG1   . ILE A 1 112 ? 1.462   8.273   -14.137 1.00 34.36  ? 112 ILE 1 CG1   1 
ATOM   852  C  CG2   . ILE A 1 112 ? 3.807   7.468   -13.780 1.00 37.43  ? 112 ILE 1 CG2   1 
ATOM   853  C  CD1   . ILE A 1 112 ? 0.937   6.903   -14.164 1.00 31.20  ? 112 ILE 1 CD1   1 
ATOM   854  N  N     . ASN A 1 113 ? 4.021   9.583   -10.642 1.00 34.95  ? 113 ASN 1 N     1 
ATOM   855  C  CA    . ASN A 1 113 ? 5.237   9.789   -9.891  1.00 33.16  ? 113 ASN 1 CA    1 
ATOM   856  C  C     . ASN A 1 113 ? 5.117   9.103   -8.552  1.00 33.29  ? 113 ASN 1 C     1 
ATOM   857  O  O     . ASN A 1 113 ? 6.102   8.604   -8.011  1.00 35.46  ? 113 ASN 1 O     1 
ATOM   858  C  CB    . ASN A 1 113 ? 5.523   11.276  -9.749  1.00 33.07  ? 113 ASN 1 CB    1 
ATOM   859  C  CG    . ASN A 1 113 ? 5.973   11.897  -11.068 1.00 34.96  ? 113 ASN 1 CG    1 
ATOM   860  O  OD1   . ASN A 1 113 ? 6.877   11.370  -11.738 1.00 33.94  ? 113 ASN 1 OD1   1 
ATOM   861  N  ND2   . ASN A 1 113 ? 5.349   13.012  -11.450 1.00 35.49  ? 113 ASN 1 ND2   1 
ATOM   862  N  N     . ALA A 1 114 ? 3.910   9.039   -8.018  1.00 32.60  ? 114 ALA 1 N     1 
ATOM   863  C  CA    . ALA A 1 114 ? 3.743   8.369   -6.751  1.00 33.61  ? 114 ALA 1 CA    1 
ATOM   864  C  C     . ALA A 1 114 ? 4.070   6.899   -6.972  1.00 35.52  ? 114 ALA 1 C     1 
ATOM   865  O  O     . ALA A 1 114 ? 4.708   6.247   -6.136  1.00 37.79  ? 114 ALA 1 O     1 
ATOM   866  C  CB    . ALA A 1 114 ? 2.331   8.531   -6.268  1.00 36.16  ? 114 ALA 1 CB    1 
ATOM   867  N  N     . LEU A 1 115 ? 3.653   6.389   -8.122  1.00 36.03  ? 115 LEU 1 N     1 
ATOM   868  C  CA    . LEU A 1 115 ? 3.877   4.991   -8.471  1.00 36.92  ? 115 LEU 1 CA    1 
ATOM   869  C  C     . LEU A 1 115 ? 5.336   4.670   -8.759  1.00 37.96  ? 115 LEU 1 C     1 
ATOM   870  O  O     . LEU A 1 115 ? 5.865   3.665   -8.293  1.00 38.58  ? 115 LEU 1 O     1 
ATOM   871  C  CB    . LEU A 1 115 ? 3.006   4.613   -9.673  1.00 38.78  ? 115 LEU 1 CB    1 
ATOM   872  C  CG    . LEU A 1 115 ? 1.486   4.629   -9.459  1.00 38.08  ? 115 LEU 1 CG    1 
ATOM   873  C  CD1   . LEU A 1 115 ? 0.770   4.306   -10.761 1.00 39.27  ? 115 LEU 1 CD1   1 
ATOM   874  C  CD2   . LEU A 1 115 ? 1.114   3.618   -8.400  1.00 39.90  ? 115 LEU 1 CD2   1 
ATOM   875  N  N     . ASN A 1 116 ? 5.998   5.504   -9.544  1.00 39.05  ? 116 ASN 1 N     1 
ATOM   876  C  CA    . ASN A 1 116 ? 7.396   5.236   -9.832  1.00 38.55  ? 116 ASN 1 CA    1 
ATOM   877  C  C     . ASN A 1 116 ? 8.197   5.274   -8.552  1.00 38.45  ? 116 ASN 1 C     1 
ATOM   878  O  O     . ASN A 1 116 ? 9.130   4.496   -8.375  1.00 40.21  ? 116 ASN 1 O     1 
ATOM   879  C  CB    . ASN A 1 116 ? 7.941   6.261   -10.805 1.00 39.11  ? 116 ASN 1 CB    1 
ATOM   880  C  CG    . ASN A 1 116 ? 7.226   6.235   -12.101 1.00 40.20  ? 116 ASN 1 CG    1 
ATOM   881  O  OD1   . ASN A 1 116 ? 6.880   5.171   -12.601 1.00 45.17  ? 116 ASN 1 OD1   1 
ATOM   882  N  ND2   . ASN A 1 116 ? 7.004   7.401   -12.677 1.00 44.87  ? 116 ASN 1 ND2   1 
ATOM   883  N  N     . ASN A 1 117 ? 7.836   6.194   -7.665  1.00 38.27  ? 117 ASN 1 N     1 
ATOM   884  C  CA    . ASN A 1 117 ? 8.521   6.331   -6.386  1.00 38.74  ? 117 ASN 1 CA    1 
ATOM   885  C  C     . ASN A 1 117 ? 8.431   5.000   -5.663  1.00 39.85  ? 117 ASN 1 C     1 
ATOM   886  O  O     . ASN A 1 117 ? 9.427   4.383   -5.338  1.00 41.19  ? 117 ASN 1 O     1 
ATOM   887  C  CB    . ASN A 1 117 ? 7.851   7.421   -5.549  1.00 39.14  ? 117 ASN 1 CB    1 
ATOM   888  C  CG    . ASN A 1 117 ? 8.572   7.676   -4.252  1.00 38.30  ? 117 ASN 1 CG    1 
ATOM   889  O  OD1   . ASN A 1 117 ? 8.025   8.290   -3.341  1.00 40.01  ? 117 ASN 1 OD1   1 
ATOM   890  N  ND2   . ASN A 1 117 ? 9.810   7.209   -4.160  1.00 38.31  ? 117 ASN 1 ND2   1 
HETATM 891  N  N     . MSE A 1 118 ? 7.209   4.559   -5.421  1.00 43.40  ? 118 MSE 1 N     1 
HETATM 892  C  CA    . MSE A 1 118 ? 6.992   3.293   -4.751  1.00 45.54  ? 118 MSE 1 CA    1 
HETATM 893  C  C     . MSE A 1 118 ? 7.705   2.153   -5.459  1.00 43.77  ? 118 MSE 1 C     1 
HETATM 894  O  O     . MSE A 1 118 ? 8.361   1.333   -4.843  1.00 45.95  ? 118 MSE 1 O     1 
HETATM 895  C  CB    . MSE A 1 118 ? 5.499   2.977   -4.688  1.00 49.84  ? 118 MSE 1 CB    1 
HETATM 896  C  CG    . MSE A 1 118 ? 4.711   3.908   -3.818  1.00 54.59  ? 118 MSE 1 CG    1 
HETATM 897  SE SE    . MSE A 1 118 ? 2.847   3.433   -3.784  1.00 64.10  ? 118 MSE 1 SE    1 
HETATM 898  C  CE    . MSE A 1 118 ? 2.136   4.884   -4.852  1.00 59.11  ? 118 MSE 1 CE    1 
ATOM   899  N  N     . ARG A 1 119 ? 7.572   2.100   -6.767  1.00 43.12  ? 119 ARG 1 N     1 
ATOM   900  C  CA    . ARG A 1 119 ? 8.194   1.037   -7.524  1.00 42.73  ? 119 ARG 1 CA    1 
ATOM   901  C  C     . ARG A 1 119 ? 9.679   1.001   -7.294  1.00 42.33  ? 119 ARG 1 C     1 
ATOM   902  O  O     . ARG A 1 119 ? 10.249  -0.065  -7.136  1.00 45.32  ? 119 ARG 1 O     1 
ATOM   903  C  CB    . ARG A 1 119 ? 7.906   1.210   -9.018  1.00 45.23  ? 119 ARG 1 CB    1 
ATOM   904  C  CG    . ARG A 1 119 ? 8.174   -0.019  -9.863  1.00 44.76  ? 119 ARG 1 CG    1 
ATOM   905  C  CD    . ARG A 1 119 ? 7.741   0.234   -11.283 1.00 48.24  ? 119 ARG 1 CD    1 
ATOM   906  N  NE    . ARG A 1 119 ? 7.252   -0.986  -11.927 1.00 52.30  ? 119 ARG 1 NE    1 
ATOM   907  C  CZ    . ARG A 1 119 ? 6.034   -1.496  -11.755 1.00 52.28  ? 119 ARG 1 CZ    1 
ATOM   908  N  NH1   . ARG A 1 119 ? 5.166   -0.895  -10.961 1.00 52.94  ? 119 ARG 1 NH1   1 
ATOM   909  N  NH2   . ARG A 1 119 ? 5.692   -2.611  -12.382 1.00 53.52  ? 119 ARG 1 NH2   1 
ATOM   910  N  N     . THR A 1 120 ? 10.318  2.166   -7.293  1.00 42.24  ? 120 THR 1 N     1 
ATOM   911  C  CA    . THR A 1 120 ? 11.763  2.226   -7.076  1.00 40.70  ? 120 THR 1 CA    1 
ATOM   912  C  C     . THR A 1 120 ? 12.119  1.778   -5.671  1.00 39.56  ? 120 THR 1 C     1 
ATOM   913  O  O     . THR A 1 120 ? 13.044  0.995   -5.486  1.00 40.26  ? 120 THR 1 O     1 
ATOM   914  C  CB    . THR A 1 120 ? 12.319  3.653   -7.267  1.00 40.33  ? 120 THR 1 CB    1 
ATOM   915  O  OG1   . THR A 1 120 ? 12.088  4.086   -8.608  1.00 41.47  ? 120 THR 1 OG1   1 
ATOM   916  C  CG2   . THR A 1 120 ? 13.801  3.671   -7.028  1.00 39.94  ? 120 THR 1 CG2   1 
ATOM   917  N  N     . VAL A 1 121 ? 11.385  2.275   -4.681  1.00 40.20  ? 121 VAL 1 N     1 
ATOM   918  C  CA    . VAL A 1 121 ? 11.648  1.922   -3.290  1.00 39.73  ? 121 VAL 1 CA    1 
ATOM   919  C  C     . VAL A 1 121 ? 11.437  0.438   -3.079  1.00 40.71  ? 121 VAL 1 C     1 
ATOM   920  O  O     . VAL A 1 121 ? 12.285  -0.250  -2.517  1.00 40.76  ? 121 VAL 1 O     1 
ATOM   921  C  CB    . VAL A 1 121 ? 10.744  2.690   -2.359  1.00 39.50  ? 121 VAL 1 CB    1 
ATOM   922  C  CG1   . VAL A 1 121 ? 10.908  2.199   -0.943  1.00 43.09  ? 121 VAL 1 CG1   1 
ATOM   923  C  CG2   . VAL A 1 121 ? 11.096  4.147   -2.423  1.00 42.14  ? 121 VAL 1 CG2   1 
HETATM 924  N  N     . MSE A 1 122 ? 10.301  -0.061  -3.531  1.00 40.39  ? 122 MSE 1 N     1 
HETATM 925  C  CA    . MSE A 1 122 ? 10.057  -1.473  -3.392  1.00 41.35  ? 122 MSE 1 CA    1 
HETATM 926  C  C     . MSE A 1 122 ? 11.236  -2.259  -3.948  1.00 41.47  ? 122 MSE 1 C     1 
HETATM 927  O  O     . MSE A 1 122 ? 11.725  -3.178  -3.305  1.00 43.56  ? 122 MSE 1 O     1 
HETATM 928  C  CB    . MSE A 1 122 ? 8.777   -1.867  -4.108  1.00 43.16  ? 122 MSE 1 CB    1 
HETATM 929  C  CG    . MSE A 1 122 ? 7.535   -1.561  -3.304  1.00 48.64  ? 122 MSE 1 CG    1 
HETATM 930  SE SE    . MSE A 1 122 ? 7.614   -2.490  -1.577  1.00 54.46  ? 122 MSE 1 SE    1 
HETATM 931  C  CE    . MSE A 1 122 ? 7.764   -1.010  -0.342  1.00 50.89  ? 122 MSE 1 CE    1 
ATOM   932  N  N     . ARG A 1 123 ? 11.701  -1.892  -5.136  1.00 40.76  ? 123 ARG 1 N     1 
ATOM   933  C  CA    . ARG A 1 123 ? 12.825  -2.584  -5.750  1.00 38.72  ? 123 ARG 1 CA    1 
ATOM   934  C  C     . ARG A 1 123 ? 14.047  -2.410  -4.865  1.00 39.75  ? 123 ARG 1 C     1 
ATOM   935  O  O     . ARG A 1 123 ? 15.000  -3.173  -4.935  1.00 38.29  ? 123 ARG 1 O     1 
ATOM   936  C  CB    . ARG A 1 123 ? 13.107  -2.016  -7.133  1.00 37.84  ? 123 ARG 1 CB    1 
ATOM   937  C  CG    . ARG A 1 123 ? 13.899  -2.937  -8.022  1.00 36.64  ? 123 ARG 1 CG    1 
ATOM   938  C  CD    . ARG A 1 123 ? 14.929  -2.162  -8.807  1.00 36.19  ? 123 ARG 1 CD    1 
ATOM   939  N  NE    . ARG A 1 123 ? 15.995  -1.681  -7.931  1.00 36.73  ? 123 ARG 1 NE    1 
ATOM   940  C  CZ    . ARG A 1 123 ? 16.899  -2.471  -7.352  1.00 36.37  ? 123 ARG 1 CZ    1 
ATOM   941  N  NH1   . ARG A 1 123 ? 16.872  -3.785  -7.558  1.00 36.58  ? 123 ARG 1 NH1   1 
ATOM   942  N  NH2   . ARG A 1 123 ? 17.828  -1.947  -6.559  1.00 35.68  ? 123 ARG 1 NH2   1 
ATOM   943  N  N     . GLY A 1 124 ? 14.014  -1.389  -4.022  1.00 42.78  ? 124 GLY 1 N     1 
ATOM   944  C  CA    . GLY A 1 124 ? 15.130  -1.158  -3.118  1.00 44.43  ? 124 GLY 1 CA    1 
ATOM   945  C  C     . GLY A 1 124 ? 15.202  -2.244  -2.062  1.00 45.06  ? 124 GLY 1 C     1 
ATOM   946  O  O     . GLY A 1 124 ? 16.286  -2.636  -1.640  1.00 47.99  ? 124 GLY 1 O     1 
ATOM   947  N  N     . VAL A 1 125 ? 14.046  -2.740  -1.634  1.00 46.24  ? 125 VAL 1 N     1 
ATOM   948  C  CA    . VAL A 1 125 ? 14.004  -3.780  -0.623  1.00 45.86  ? 125 VAL 1 CA    1 
ATOM   949  C  C     . VAL A 1 125 ? 13.822  -5.131  -1.279  1.00 46.66  ? 125 VAL 1 C     1 
ATOM   950  O  O     . VAL A 1 125 ? 13.400  -6.099  -0.652  1.00 48.08  ? 125 VAL 1 O     1 
ATOM   951  C  CB    . VAL A 1 125 ? 12.881  -3.522  0.412   1.00 46.61  ? 125 VAL 1 CB    1 
ATOM   952  C  CG1   . VAL A 1 125 ? 13.171  -2.230  1.156   1.00 45.74  ? 125 VAL 1 CG1   1 
ATOM   953  C  CG2   . VAL A 1 125 ? 11.520  -3.449  -0.278  1.00 46.84  ? 125 VAL 1 CG2   1 
ATOM   954  N  N     . TYR A 1 126 ? 14.119  -5.187  -2.567  1.00 48.55  ? 126 TYR 1 N     1 
ATOM   955  C  CA    . TYR A 1 126 ? 14.071  -6.445  -3.305  1.00 51.39  ? 126 TYR 1 CA    1 
ATOM   956  C  C     . TYR A 1 126 ? 12.723  -7.146  -3.459  1.00 50.61  ? 126 TYR 1 C     1 
ATOM   957  O  O     . TYR A 1 126 ? 12.693  -8.364  -3.621  1.00 50.45  ? 126 TYR 1 O     1 
ATOM   958  C  CB    . TYR A 1 126 ? 15.058  -7.434  -2.670  1.00 54.63  ? 126 TYR 1 CB    1 
ATOM   959  C  CG    . TYR A 1 126 ? 15.992  -8.117  -3.645  1.00 58.01  ? 126 TYR 1 CG    1 
ATOM   960  C  CD1   . TYR A 1 126 ? 17.103  -7.455  -4.163  1.00 60.46  ? 126 TYR 1 CD1   1 
ATOM   961  C  CD2   . TYR A 1 126 ? 15.769  -9.437  -4.039  1.00 60.83  ? 126 TYR 1 CD2   1 
ATOM   962  C  CE1   . TYR A 1 126 ? 17.975  -8.095  -5.051  1.00 63.58  ? 126 TYR 1 CE1   1 
ATOM   963  C  CE2   . TYR A 1 126 ? 16.631  -10.089 -4.922  1.00 61.94  ? 126 TYR 1 CE2   1 
ATOM   964  C  CZ    . TYR A 1 126 ? 17.728  -9.417  -5.423  1.00 63.71  ? 126 TYR 1 CZ    1 
ATOM   965  O  OH    . TYR A 1 126 ? 18.570  -10.079 -6.292  1.00 65.95  ? 126 TYR 1 OH    1 
ATOM   966  N  N     . ALA A 1 127 ? 11.618  -6.403  -3.413  1.00 49.94  ? 127 ALA 1 N     1 
ATOM   967  C  CA    . ALA A 1 127 ? 10.295  -6.999  -3.585  1.00 47.37  ? 127 ALA 1 CA    1 
ATOM   968  C  C     . ALA A 1 127 ? 10.072  -7.334  -5.057  1.00 48.58  ? 127 ALA 1 C     1 
ATOM   969  O  O     . ALA A 1 127 ? 10.917  -7.049  -5.903  1.00 49.63  ? 127 ALA 1 O     1 
ATOM   970  C  CB    . ALA A 1 127 ? 9.234   -6.041  -3.113  1.00 47.98  ? 127 ALA 1 CB    1 
ATOM   971  N  N     . ASN A 1 128 ? 8.935   -7.941  -5.375  1.00 49.03  ? 128 ASN 1 N     1 
ATOM   972  C  CA    . ASN A 1 128 ? 8.648   -8.285  -6.761  1.00 49.64  ? 128 ASN 1 CA    1 
ATOM   973  C  C     . ASN A 1 128 ? 7.392   -7.572  -7.238  1.00 50.61  ? 128 ASN 1 C     1 
ATOM   974  O  O     . ASN A 1 128 ? 6.323   -8.167  -7.295  1.00 52.97  ? 128 ASN 1 O     1 
ATOM   975  C  CB    . ASN A 1 128 ? 8.470   -9.793  -6.902  1.00 51.35  ? 128 ASN 1 CB    1 
ATOM   976  C  CG    . ASN A 1 128 ? 8.016   -10.195 -8.294  1.00 52.78  ? 128 ASN 1 CG    1 
ATOM   977  O  OD1   . ASN A 1 128 ? 8.121   -9.411  -9.245  1.00 53.00  ? 128 ASN 1 OD1   1 
ATOM   978  N  ND2   . ASN A 1 128 ? 7.510   -11.419 -8.424  1.00 52.42  ? 128 ASN 1 ND2   1 
ATOM   979  N  N     . VAL A 1 129 ? 7.522   -6.294  -7.581  1.00 49.63  ? 129 VAL 1 N     1 
ATOM   980  C  CA    . VAL A 1 129 ? 6.388   -5.502  -8.034  1.00 46.80  ? 129 VAL 1 CA    1 
ATOM   981  C  C     . VAL A 1 129 ? 5.827   -5.984  -9.365  1.00 47.33  ? 129 VAL 1 C     1 
ATOM   982  O  O     . VAL A 1 129 ? 6.537   -6.042  -10.368 1.00 47.69  ? 129 VAL 1 O     1 
ATOM   983  C  CB    . VAL A 1 129 ? 6.777   -4.041  -8.179  1.00 45.61  ? 129 VAL 1 CB    1 
ATOM   984  C  CG1   . VAL A 1 129 ? 5.577   -3.225  -8.635  1.00 46.83  ? 129 VAL 1 CG1   1 
ATOM   985  C  CG2   . VAL A 1 129 ? 7.304   -3.538  -6.866  1.00 45.74  ? 129 VAL 1 CG2   1 
ATOM   986  N  N     . ILE A 1 130 ? 4.540   -6.319  -9.370  1.00 46.40  ? 130 ILE 1 N     1 
ATOM   987  C  CA    . ILE A 1 130 ? 3.893   -6.799  -10.574 1.00 45.40  ? 130 ILE 1 CA    1 
ATOM   988  C  C     . ILE A 1 130 ? 3.817   -5.649  -11.563 1.00 44.64  ? 130 ILE 1 C     1 
ATOM   989  O  O     . ILE A 1 130 ? 3.901   -4.487  -11.173 1.00 47.45  ? 130 ILE 1 O     1 
ATOM   990  C  CB    . ILE A 1 130 ? 2.479   -7.330  -10.260 1.00 46.24  ? 130 ILE 1 CB    1 
ATOM   991  C  CG1   . ILE A 1 130 ? 1.518   -6.176  -10.012 1.00 45.59  ? 130 ILE 1 CG1   1 
ATOM   992  C  CG2   . ILE A 1 130 ? 2.531   -8.211  -9.015  1.00 46.93  ? 130 ILE 1 CG2   1 
ATOM   993  C  CD1   . ILE A 1 130 ? 0.100   -6.624  -9.825  1.00 46.95  ? 130 ILE 1 CD1   1 
ATOM   994  N  N     . PRO A 1 131 ? 3.661   -5.955  -12.854 1.00 42.71  ? 131 PRO 1 N     1 
ATOM   995  C  CA    . PRO A 1 131 ? 3.575   -4.966  -13.925 1.00 42.57  ? 131 PRO 1 CA    1 
ATOM   996  C  C     . PRO A 1 131 ? 2.361   -4.064  -13.829 1.00 42.72  ? 131 PRO 1 C     1 
ATOM   997  O  O     . PRO A 1 131 ? 2.473   -2.844  -13.753 1.00 44.19  ? 131 PRO 1 O     1 
ATOM   998  C  CB    . PRO A 1 131 ? 3.528   -5.822  -15.183 1.00 43.84  ? 131 PRO 1 CB    1 
ATOM   999  C  CG    . PRO A 1 131 ? 4.231   -7.066  -14.776 1.00 45.41  ? 131 PRO 1 CG    1 
ATOM   1000 C  CD    . PRO A 1 131 ? 3.654   -7.310  -13.415 1.00 44.30  ? 131 PRO 1 CD    1 
ATOM   1001 N  N     . LYS A 1 132 ? 1.188   -4.665  -13.852 1.00 42.28  ? 132 LYS 1 N     1 
ATOM   1002 C  CA    . LYS A 1 132 ? -0.011  -3.874  -13.785 1.00 43.07  ? 132 LYS 1 CA    1 
ATOM   1003 C  C     . LYS A 1 132 ? 0.018   -2.989  -12.545 1.00 42.23  ? 132 LYS 1 C     1 
ATOM   1004 O  O     . LYS A 1 132 ? 0.373   -3.435  -11.448 1.00 42.31  ? 132 LYS 1 O     1 
ATOM   1005 C  CB    . LYS A 1 132 ? -1.253  -4.783  -13.792 1.00 45.10  ? 132 LYS 1 CB    1 
ATOM   1006 C  CG    . LYS A 1 132 ? -2.551  -4.037  -13.531 1.00 49.05  ? 132 LYS 1 CG    1 
ATOM   1007 C  CD    . LYS A 1 132 ? -3.775  -4.741  -14.126 1.00 53.55  ? 132 LYS 1 CD    1 
ATOM   1008 C  CE    . LYS A 1 132 ? -3.746  -4.748  -15.672 1.00 56.72  ? 132 LYS 1 CE    1 
ATOM   1009 N  NZ    . LYS A 1 132 ? -5.054  -5.144  -16.311 1.00 55.24  ? 132 LYS 1 NZ    1 
ATOM   1010 N  N     . GLN A 1 133 ? -0.315  -1.718  -12.745 1.00 39.38  ? 133 GLN 1 N     1 
ATOM   1011 C  CA    . GLN A 1 133 ? -0.368  -0.756  -11.661 1.00 37.40  ? 133 GLN 1 CA    1 
ATOM   1012 C  C     . GLN A 1 133 ? -1.610  0.077   -11.928 1.00 37.71  ? 133 GLN 1 C     1 
ATOM   1013 O  O     . GLN A 1 133 ? -2.219  -0.023  -13.002 1.00 38.11  ? 133 GLN 1 O     1 
ATOM   1014 C  CB    . GLN A 1 133 ? 0.886   0.101   -11.633 1.00 37.53  ? 133 GLN 1 CB    1 
ATOM   1015 C  CG    . GLN A 1 133 ? 1.064   0.978   -12.820 1.00 39.21  ? 133 GLN 1 CG    1 
ATOM   1016 C  CD    . GLN A 1 133 ? 2.470   1.519   -12.912 1.00 39.86  ? 133 GLN 1 CD    1 
ATOM   1017 O  OE1   . GLN A 1 133 ? 2.739   2.442   -13.679 1.00 44.04  ? 133 GLN 1 OE1   1 
ATOM   1018 N  NE2   . GLN A 1 133 ? 3.382   0.936   -12.140 1.00 38.88  ? 133 GLN 1 NE2   1 
ATOM   1019 N  N     . LEU A 1 134 ? -2.001  0.910   -10.978 1.00 35.59  ? 134 LEU 1 N     1 
ATOM   1020 C  CA    . LEU A 1 134 ? -3.238  1.636   -11.187 1.00 35.16  ? 134 LEU 1 CA    1 
ATOM   1021 C  C     . LEU A 1 134 ? -3.319  2.931   -10.410 1.00 34.92  ? 134 LEU 1 C     1 
ATOM   1022 O  O     . LEU A 1 134 ? -2.813  3.027   -9.296  1.00 36.44  ? 134 LEU 1 O     1 
ATOM   1023 C  CB    . LEU A 1 134 ? -4.365  0.707   -10.770 1.00 37.17  ? 134 LEU 1 CB    1 
ATOM   1024 C  CG    . LEU A 1 134 ? -5.831  1.010   -10.910 1.00 34.89  ? 134 LEU 1 CG    1 
ATOM   1025 C  CD1   . LEU A 1 134 ? -6.309  0.671   -12.322 1.00 39.17  ? 134 LEU 1 CD1   1 
ATOM   1026 C  CD2   . LEU A 1 134 ? -6.544  0.156   -9.909  1.00 36.63  ? 134 LEU 1 CD2   1 
ATOM   1027 N  N     . VAL A 1 135 ? -3.953  3.937   -11.000 1.00 34.68  ? 135 VAL 1 N     1 
ATOM   1028 C  CA    . VAL A 1 135 ? -4.105  5.233   -10.334 1.00 34.13  ? 135 VAL 1 CA    1 
ATOM   1029 C  C     . VAL A 1 135 ? -5.584  5.528   -10.256 1.00 34.87  ? 135 VAL 1 C     1 
ATOM   1030 O  O     . VAL A 1 135 ? -6.279  5.414   -11.263 1.00 36.05  ? 135 VAL 1 O     1 
ATOM   1031 C  CB    . VAL A 1 135 ? -3.443  6.378   -11.125 1.00 32.46  ? 135 VAL 1 CB    1 
ATOM   1032 C  CG1   . VAL A 1 135 ? -3.816  7.703   -10.494 1.00 33.84  ? 135 VAL 1 CG1   1 
ATOM   1033 C  CG2   . VAL A 1 135 ? -1.929  6.214   -11.142 1.00 31.28  ? 135 VAL 1 CG2   1 
ATOM   1034 N  N     . LEU A 1 136 ? -6.065  5.898   -9.070  1.00 35.37  ? 136 LEU 1 N     1 
ATOM   1035 C  CA    . LEU A 1 136 ? -7.476  6.206   -8.898  1.00 36.82  ? 136 LEU 1 CA    1 
ATOM   1036 C  C     . LEU A 1 136 ? -7.644  7.691   -8.645  1.00 38.72  ? 136 LEU 1 C     1 
ATOM   1037 O  O     . LEU A 1 136 ? -7.012  8.245   -7.750  1.00 40.14  ? 136 LEU 1 O     1 
ATOM   1038 C  CB    . LEU A 1 136 ? -8.073  5.454   -7.712  1.00 38.19  ? 136 LEU 1 CB    1 
ATOM   1039 C  CG    . LEU A 1 136 ? -7.772  3.984   -7.413  1.00 39.13  ? 136 LEU 1 CG    1 
ATOM   1040 C  CD1   . LEU A 1 136 ? -8.923  3.477   -6.555  1.00 40.36  ? 136 LEU 1 CD1   1 
ATOM   1041 C  CD2   . LEU A 1 136 ? -7.637  3.145   -8.673  1.00 40.45  ? 136 LEU 1 CD2   1 
ATOM   1042 N  N     . ASP A 1 137 ? -8.488  8.333   -9.445  1.00 40.09  ? 137 ASP 1 N     1 
ATOM   1043 C  CA    . ASP A 1 137 ? -8.759  9.751   -9.312  1.00 40.59  ? 137 ASP 1 CA    1 
ATOM   1044 C  C     . ASP A 1 137 ? -10.029 9.884   -8.505  1.00 41.02  ? 137 ASP 1 C     1 
ATOM   1045 O  O     . ASP A 1 137 ? -10.628 8.881   -8.141  1.00 41.52  ? 137 ASP 1 O     1 
ATOM   1046 C  CB    . ASP A 1 137 ? -8.973  10.383  -10.680 1.00 43.35  ? 137 ASP 1 CB    1 
ATOM   1047 C  CG    . ASP A 1 137 ? -7.707  10.479  -11.472 1.00 44.56  ? 137 ASP 1 CG    1 
ATOM   1048 O  OD1   . ASP A 1 137 ? -6.674  10.853  -10.873 1.00 44.78  ? 137 ASP 1 OD1   1 
ATOM   1049 O  OD2   . ASP A 1 137 ? -7.752  10.198  -12.691 1.00 46.01  ? 137 ASP 1 OD2   1 
ATOM   1050 N  N     . PRO A 1 138 ? -10.463 11.124  -8.227  1.00 40.56  ? 138 PRO 1 N     1 
ATOM   1051 C  CA    . PRO A 1 138 ? -11.679 11.361  -7.451  1.00 41.19  ? 138 PRO 1 CA    1 
ATOM   1052 C  C     . PRO A 1 138 ? -12.945 10.805  -8.098  1.00 42.24  ? 138 PRO 1 C     1 
ATOM   1053 O  O     . PRO A 1 138 ? -13.908 10.442  -7.417  1.00 44.22  ? 138 PRO 1 O     1 
ATOM   1054 C  CB    . PRO A 1 138 ? -11.703 12.879  -7.328  1.00 40.94  ? 138 PRO 1 CB    1 
ATOM   1055 C  CG    . PRO A 1 138 ? -10.254 13.221  -7.303  1.00 40.87  ? 138 PRO 1 CG    1 
ATOM   1056 C  CD    . PRO A 1 138 ? -9.726  12.382  -8.425  1.00 39.78  ? 138 PRO 1 CD    1 
ATOM   1057 N  N     . VAL A 1 139 ? -12.950 10.730  -9.417  1.00 43.21  ? 139 VAL 1 N     1 
ATOM   1058 C  CA    . VAL A 1 139 ? -14.116 10.222  -10.113 1.00 43.10  ? 139 VAL 1 CA    1 
ATOM   1059 C  C     . VAL A 1 139 ? -14.289 8.732   -9.870  1.00 43.61  ? 139 VAL 1 C     1 
ATOM   1060 O  O     . VAL A 1 139 ? -15.317 8.156   -10.234 1.00 46.00  ? 139 VAL 1 O     1 
ATOM   1061 C  CB    . VAL A 1 139 ? -13.993 10.462  -11.623 1.00 41.27  ? 139 VAL 1 CB    1 
ATOM   1062 C  CG1   . VAL A 1 139 ? -12.802 9.708   -12.164 1.00 42.33  ? 139 VAL 1 CG1   1 
ATOM   1063 C  CG2   . VAL A 1 139 ? -15.260 10.017  -12.320 1.00 41.06  ? 139 VAL 1 CG2   1 
ATOM   1064 N  N     . HIS A 1 140 ? -13.286 8.118   -9.249  1.00 43.22  ? 140 HIS 1 N     1 
ATOM   1065 C  CA    . HIS A 1 140 ? -13.292 6.679   -8.977  1.00 43.51  ? 140 HIS 1 CA    1 
ATOM   1066 C  C     . HIS A 1 140 ? -13.612 6.367   -7.518  1.00 44.12  ? 140 HIS 1 C     1 
ATOM   1067 O  O     . HIS A 1 140 ? -13.647 5.208   -7.114  1.00 44.53  ? 140 HIS 1 O     1 
ATOM   1068 C  CB    . HIS A 1 140 ? -11.924 6.083   -9.318  1.00 42.84  ? 140 HIS 1 CB    1 
ATOM   1069 C  CG    . HIS A 1 140 ? -11.538 6.216   -10.759 1.00 43.17  ? 140 HIS 1 CG    1 
ATOM   1070 N  ND1   . HIS A 1 140 ? -10.336 6.756   -11.161 1.00 43.14  ? 140 HIS 1 ND1   1 
ATOM   1071 C  CD2   . HIS A 1 140 ? -12.180 5.848   -11.892 1.00 43.57  ? 140 HIS 1 CD2   1 
ATOM   1072 C  CE1   . HIS A 1 140 ? -10.256 6.718   -12.478 1.00 42.13  ? 140 HIS 1 CE1   1 
ATOM   1073 N  NE2   . HIS A 1 140 ? -11.362 6.170   -12.946 1.00 42.18  ? 140 HIS 1 NE2   1 
ATOM   1074 N  N     . ILE A 1 141 ? -13.825 7.400   -6.720  1.00 43.56  ? 141 ILE 1 N     1 
ATOM   1075 C  CA    . ILE A 1 141 ? -14.126 7.198   -5.317  1.00 44.12  ? 141 ILE 1 CA    1 
ATOM   1076 C  C     . ILE A 1 141 ? -15.452 7.858   -4.998  1.00 45.16  ? 141 ILE 1 C     1 
ATOM   1077 O  O     . ILE A 1 141 ? -15.650 9.039   -5.283  1.00 46.02  ? 141 ILE 1 O     1 
ATOM   1078 C  CB    . ILE A 1 141 ? -13.048 7.826   -4.434  1.00 44.73  ? 141 ILE 1 CB    1 
ATOM   1079 C  CG1   . ILE A 1 141 ? -11.688 7.194   -4.747  1.00 45.04  ? 141 ILE 1 CG1   1 
ATOM   1080 C  CG2   . ILE A 1 141 ? -13.427 7.680   -2.974  1.00 44.79  ? 141 ILE 1 CG2   1 
ATOM   1081 C  CD1   . ILE A 1 141 ? -11.652 5.693   -4.596  1.00 47.03  ? 141 ILE 1 CD1   1 
ATOM   1082 N  N     . ASP A 1 142 ? -16.368 7.097   -4.411  1.00 46.49  ? 142 ASP 1 N     1 
ATOM   1083 C  CA    . ASP A 1 142 ? -17.678 7.632   -4.055  1.00 46.04  ? 142 ASP 1 CA    1 
ATOM   1084 C  C     . ASP A 1 142 ? -17.627 7.980   -2.583  1.00 45.82  ? 142 ASP 1 C     1 
ATOM   1085 O  O     . ASP A 1 142 ? -18.024 7.187   -1.740  1.00 46.31  ? 142 ASP 1 O     1 
ATOM   1086 C  CB    . ASP A 1 142 ? -18.761 6.584   -4.299  1.00 45.67  ? 142 ASP 1 CB    1 
ATOM   1087 C  CG    . ASP A 1 142 ? -20.148 7.185   -4.354  1.00 46.52  ? 142 ASP 1 CG    1 
ATOM   1088 O  OD1   . ASP A 1 142 ? -20.338 8.292   -3.805  1.00 48.85  ? 142 ASP 1 OD1   1 
ATOM   1089 O  OD2   . ASP A 1 142 ? -21.055 6.549   -4.937  1.00 46.71  ? 142 ASP 1 OD2   1 
ATOM   1090 N  N     . VAL A 1 143 ? -17.122 9.162   -2.263  1.00 46.77  ? 143 VAL 1 N     1 
ATOM   1091 C  CA    . VAL A 1 143 ? -17.031 9.552   -0.862  1.00 47.03  ? 143 VAL 1 CA    1 
ATOM   1092 C  C     . VAL A 1 143 ? -18.364 9.424   -0.142  1.00 47.13  ? 143 VAL 1 C     1 
ATOM   1093 O  O     . VAL A 1 143 ? -18.451 8.746   0.883   1.00 48.78  ? 143 VAL 1 O     1 
ATOM   1094 C  CB    . VAL A 1 143 ? -16.489 10.989  -0.708  1.00 45.11  ? 143 VAL 1 CB    1 
ATOM   1095 C  CG1   . VAL A 1 143 ? -16.735 11.503  0.703   1.00 44.66  ? 143 VAL 1 CG1   1 
ATOM   1096 C  CG2   . VAL A 1 143 ? -15.005 10.989  -0.993  1.00 44.83  ? 143 VAL 1 CG2   1 
ATOM   1097 N  N     . GLU A 1 144 ? -19.396 10.061  -0.678  1.00 47.89  ? 144 GLU 1 N     1 
ATOM   1098 C  CA    . GLU A 1 144 ? -20.719 10.009  -0.061  1.00 49.62  ? 144 GLU 1 CA    1 
ATOM   1099 C  C     . GLU A 1 144 ? -21.172 8.609   0.332   1.00 49.28  ? 144 GLU 1 C     1 
ATOM   1100 O  O     . GLU A 1 144 ? -21.919 8.446   1.296   1.00 50.46  ? 144 GLU 1 O     1 
ATOM   1101 C  CB    . GLU A 1 144 ? -21.769 10.615  -0.985  1.00 52.32  ? 144 GLU 1 CB    1 
ATOM   1102 C  CG    . GLU A 1 144 ? -21.881 12.111  -0.904  1.00 57.05  ? 144 GLU 1 CG    1 
ATOM   1103 C  CD    . GLU A 1 144 ? -22.814 12.659  -1.964  1.00 62.52  ? 144 GLU 1 CD    1 
ATOM   1104 O  OE1   . GLU A 1 144 ? -23.581 11.847  -2.554  1.00 61.96  ? 144 GLU 1 OE1   1 
ATOM   1105 O  OE2   . GLU A 1 144 ? -22.783 13.897  -2.204  1.00 65.16  ? 144 GLU 1 OE2   1 
ATOM   1106 N  N     . ASN A 1 145 ? -20.725 7.600   -0.407  1.00 48.07  ? 145 ASN 1 N     1 
ATOM   1107 C  CA    . ASN A 1 145 ? -21.114 6.226   -0.118  1.00 46.61  ? 145 ASN 1 CA    1 
ATOM   1108 C  C     . ASN A 1 145 ? -19.967 5.407   0.454   1.00 46.08  ? 145 ASN 1 C     1 
ATOM   1109 O  O     . ASN A 1 145 ? -20.020 4.185   0.468   1.00 47.48  ? 145 ASN 1 O     1 
ATOM   1110 C  CB    . ASN A 1 145 ? -21.645 5.558   -1.385  1.00 48.30  ? 145 ASN 1 CB    1 
ATOM   1111 C  CG    . ASN A 1 145 ? -22.948 6.172   -1.867  1.00 48.28  ? 145 ASN 1 CG    1 
ATOM   1112 O  OD1   . ASN A 1 145 ? -24.009 5.921   -1.307  1.00 51.06  ? 145 ASN 1 OD1   1 
ATOM   1113 N  ND2   . ASN A 1 145 ? -22.867 6.988   -2.906  1.00 48.81  ? 145 ASN 1 ND2   1 
ATOM   1114 N  N     . ALA A 1 146 ? -18.932 6.087   0.926   1.00 45.20  ? 146 ALA 1 N     1 
ATOM   1115 C  CA    . ALA A 1 146 ? -17.775 5.431   1.532   1.00 43.89  ? 146 ALA 1 CA    1 
ATOM   1116 C  C     . ALA A 1 146 ? -17.377 4.124   0.857   1.00 43.65  ? 146 ALA 1 C     1 
ATOM   1117 O  O     . ALA A 1 146 ? -17.249 3.085   1.510   1.00 44.46  ? 146 ALA 1 O     1 
ATOM   1118 C  CB    . ALA A 1 146 ? -18.035 5.189   3.013   1.00 43.69  ? 146 ALA 1 CB    1 
ATOM   1119 N  N     . THR A 1 147 ? -17.166 4.184   -0.451  1.00 42.89  ? 147 THR 1 N     1 
ATOM   1120 C  CA    . THR A 1 147 ? -16.755 3.019   -1.218  1.00 41.45  ? 147 THR 1 CA    1 
ATOM   1121 C  C     . THR A 1 147 ? -16.253 3.514   -2.576  1.00 40.67  ? 147 THR 1 C     1 
ATOM   1122 O  O     . THR A 1 147 ? -16.210 4.716   -2.811  1.00 39.04  ? 147 THR 1 O     1 
ATOM   1123 C  CB    . THR A 1 147 ? -17.924 2.057   -1.394  1.00 41.59  ? 147 THR 1 CB    1 
ATOM   1124 O  OG1   . THR A 1 147 ? -17.457 0.848   -1.996  1.00 43.26  ? 147 THR 1 OG1   1 
ATOM   1125 C  CG2   . THR A 1 147 ? -18.990 2.676   -2.267  1.00 43.50  ? 147 THR 1 CG2   1 
ATOM   1126 N  N     . VAL A 1 148 ? -15.874 2.612   -3.472  1.00 40.89  ? 148 VAL 1 N     1 
ATOM   1127 C  CA    . VAL A 1 148 ? -15.370 3.058   -4.770  1.00 42.32  ? 148 VAL 1 CA    1 
ATOM   1128 C  C     . VAL A 1 148 ? -16.428 3.044   -5.878  1.00 43.56  ? 148 VAL 1 C     1 
ATOM   1129 O  O     . VAL A 1 148 ? -17.425 2.331   -5.781  1.00 45.94  ? 148 VAL 1 O     1 
ATOM   1130 C  CB    . VAL A 1 148 ? -14.175 2.212   -5.215  1.00 40.44  ? 148 VAL 1 CB    1 
ATOM   1131 C  CG1   . VAL A 1 148 ? -13.150 2.168   -4.126  1.00 40.02  ? 148 VAL 1 CG1   1 
ATOM   1132 C  CG2   . VAL A 1 148 ? -14.628 0.825   -5.577  1.00 42.12  ? 148 VAL 1 CG2   1 
ATOM   1133 N  N     . ALA A 1 149 ? -16.206 3.828   -6.928  1.00 43.63  ? 149 ALA 1 N     1 
ATOM   1134 C  CA    . ALA A 1 149 ? -17.147 3.895   -8.038  1.00 44.30  ? 149 ALA 1 CA    1 
ATOM   1135 C  C     . ALA A 1 149 ? -17.102 2.606   -8.817  1.00 45.98  ? 149 ALA 1 C     1 
ATOM   1136 O  O     . ALA A 1 149 ? -16.151 1.839   -8.699  1.00 48.09  ? 149 ALA 1 O     1 
ATOM   1137 C  CB    . ALA A 1 149 ? -16.816 5.056   -8.947  1.00 45.25  ? 149 ALA 1 CB    1 
ATOM   1138 N  N     . GLU A 1 150 ? -18.132 2.381   -9.626  1.00 46.03  ? 150 GLU 1 N     1 
ATOM   1139 C  CA    . GLU A 1 150 ? -18.245 1.168   -10.416 1.00 46.47  ? 150 GLU 1 CA    1 
ATOM   1140 C  C     . GLU A 1 150 ? -17.227 1.116   -11.522 1.00 46.91  ? 150 GLU 1 C     1 
ATOM   1141 O  O     . GLU A 1 150 ? -16.707 0.054   -11.851 1.00 49.00  ? 150 GLU 1 O     1 
ATOM   1142 C  CB    . GLU A 1 150 ? -19.632 1.082   -11.047 1.00 48.96  ? 150 GLU 1 CB    1 
ATOM   1143 C  CG    . GLU A 1 150 ? -20.773 0.975   -10.064 1.00 52.05  ? 150 GLU 1 CG    1 
ATOM   1144 C  CD    . GLU A 1 150 ? -20.812 -0.365  -9.363  1.00 52.65  ? 150 GLU 1 CD    1 
ATOM   1145 O  OE1   . GLU A 1 150 ? -20.746 -1.410  -10.054 1.00 52.11  ? 150 GLU 1 OE1   1 
ATOM   1146 O  OE2   . GLU A 1 150 ? -20.912 -0.363  -8.118  1.00 54.46  ? 150 GLU 1 OE2   1 
ATOM   1147 N  N     . ASN A 1 151 ? -16.962 2.275   -12.102 1.00 46.61  ? 151 ASN 1 N     1 
ATOM   1148 C  CA    . ASN A 1 151 ? -16.043 2.403   -13.220 1.00 46.09  ? 151 ASN 1 CA    1 
ATOM   1149 C  C     . ASN A 1 151 ? -14.647 1.858   -12.958 1.00 44.49  ? 151 ASN 1 C     1 
ATOM   1150 O  O     . ASN A 1 151 ? -13.925 1.491   -13.894 1.00 42.68  ? 151 ASN 1 O     1 
ATOM   1151 C  CB    . ASN A 1 151 ? -15.961 3.878   -13.612 1.00 48.44  ? 151 ASN 1 CB    1 
ATOM   1152 C  CG    . ASN A 1 151 ? -15.584 4.762   -12.446 1.00 50.91  ? 151 ASN 1 CG    1 
ATOM   1153 O  OD1   . ASN A 1 151 ? -15.911 5.950   -12.408 1.00 52.78  ? 151 ASN 1 OD1   1 
ATOM   1154 N  ND2   . ASN A 1 151 ? -14.880 4.187   -11.483 1.00 53.82  ? 151 ASN 1 ND2   1 
ATOM   1155 N  N     . ILE A 1 152 ? -14.271 1.773   -11.690 1.00 43.07  ? 152 ILE 1 N     1 
ATOM   1156 C  CA    . ILE A 1 152 ? -12.927 1.318   -11.361 1.00 43.91  ? 152 ILE 1 CA    1 
ATOM   1157 C  C     . ILE A 1 152 ? -12.831 -0.091  -10.811 1.00 42.75  ? 152 ILE 1 C     1 
ATOM   1158 O  O     . ILE A 1 152 ? -11.746 -0.668  -10.770 1.00 41.70  ? 152 ILE 1 O     1 
ATOM   1159 C  CB    . ILE A 1 152 ? -12.266 2.298   -10.364 1.00 43.41  ? 152 ILE 1 CB    1 
ATOM   1160 C  CG1   . ILE A 1 152 ? -10.753 2.112   -10.364 1.00 44.94  ? 152 ILE 1 CG1   1 
ATOM   1161 C  CG2   . ILE A 1 152 ? -12.806 2.066   -8.979  1.00 44.64  ? 152 ILE 1 CG2   1 
ATOM   1162 C  CD1   . ILE A 1 152 ? -10.109 2.364   -11.720 1.00 45.87  ? 152 ILE 1 CD1   1 
ATOM   1163 N  N     . LYS A 1 153 ? -13.963 -0.653  -10.410 1.00 43.04  ? 153 LYS 1 N     1 
ATOM   1164 C  CA    . LYS A 1 153 ? -13.976 -1.995  -9.823  1.00 44.04  ? 153 LYS 1 CA    1 
ATOM   1165 C  C     . LYS A 1 153 ? -13.306 -3.085  -10.644 1.00 44.03  ? 153 LYS 1 C     1 
ATOM   1166 O  O     . LYS A 1 153 ? -12.526 -3.875  -10.111 1.00 43.98  ? 153 LYS 1 O     1 
ATOM   1167 C  CB    . LYS A 1 153 ? -15.401 -2.416  -9.518  1.00 43.72  ? 153 LYS 1 CB    1 
ATOM   1168 C  CG    . LYS A 1 153 ? -16.095 -1.493  -8.547  1.00 44.78  ? 153 LYS 1 CG    1 
ATOM   1169 C  CD    . LYS A 1 153 ? -17.408 -2.098  -8.100  1.00 44.71  ? 153 LYS 1 CD    1 
ATOM   1170 C  CE    . LYS A 1 153 ? -18.124 -1.174  -7.169  1.00 44.26  ? 153 LYS 1 CE    1 
ATOM   1171 N  NZ    . LYS A 1 153 ? -19.317 -1.864  -6.645  1.00 47.55  ? 153 LYS 1 NZ    1 
ATOM   1172 N  N     . GLU A 1 154 ? -13.627 -3.144  -11.930 1.00 44.89  ? 154 GLU 1 N     1 
ATOM   1173 C  CA    . GLU A 1 154 ? -13.043 -4.144  -12.811 1.00 45.70  ? 154 GLU 1 CA    1 
ATOM   1174 C  C     . GLU A 1 154 ? -11.512 -4.032  -12.795 1.00 44.69  ? 154 GLU 1 C     1 
ATOM   1175 O  O     . GLU A 1 154 ? -10.807 -5.047  -12.794 1.00 41.97  ? 154 GLU 1 O     1 
ATOM   1176 C  CB    . GLU A 1 154 ? -13.583 -3.954  -14.229 1.00 48.96  ? 154 GLU 1 CB    1 
ATOM   1177 C  CG    . GLU A 1 154 ? -12.877 -4.769  -15.304 1.00 54.94  ? 154 GLU 1 CG    1 
ATOM   1178 C  CD    . GLU A 1 154 ? -13.062 -6.269  -15.138 1.00 60.44  ? 154 GLU 1 CD    1 
ATOM   1179 O  OE1   . GLU A 1 154 ? -12.572 -7.023  -16.010 1.00 64.13  ? 154 GLU 1 OE1   1 
ATOM   1180 O  OE2   . GLU A 1 154 ? -13.694 -6.705  -14.144 1.00 65.10  ? 154 GLU 1 OE2   1 
ATOM   1181 N  N     . SER A 1 155 ? -11.008 -2.797  -12.777 1.00 43.94  ? 155 SER 1 N     1 
ATOM   1182 C  CA    . SER A 1 155 ? -9.566  -2.553  -12.750 1.00 44.07  ? 155 SER 1 CA    1 
ATOM   1183 C  C     . SER A 1 155 ? -8.935  -3.139  -11.493 1.00 42.95  ? 155 SER 1 C     1 
ATOM   1184 O  O     . SER A 1 155 ? -7.909  -3.806  -11.550 1.00 44.26  ? 155 SER 1 O     1 
ATOM   1185 C  CB    . SER A 1 155 ? -9.278  -1.051  -12.823 1.00 45.39  ? 155 SER 1 CB    1 
ATOM   1186 O  OG    . SER A 1 155 ? -9.682  -0.501  -14.073 1.00 45.93  ? 155 SER 1 OG    1 
ATOM   1187 N  N     . ILE A 1 156 ? -9.557  -2.891  -10.352 1.00 42.25  ? 156 ILE 1 N     1 
ATOM   1188 C  CA    . ILE A 1 156 ? -9.051  -3.413  -9.095  1.00 41.11  ? 156 ILE 1 CA    1 
ATOM   1189 C  C     . ILE A 1 156 ? -9.067  -4.937  -9.074  1.00 42.80  ? 156 ILE 1 C     1 
ATOM   1190 O  O     . ILE A 1 156 ? -8.187  -5.572  -8.484  1.00 44.73  ? 156 ILE 1 O     1 
ATOM   1191 C  CB    . ILE A 1 156 ? -9.877  -2.888  -7.920  1.00 39.13  ? 156 ILE 1 CB    1 
ATOM   1192 C  CG1   . ILE A 1 156 ? -9.695  -1.380  -7.805  1.00 35.99  ? 156 ILE 1 CG1   1 
ATOM   1193 C  CG2   . ILE A 1 156 ? -9.446  -3.566  -6.634  1.00 40.60  ? 156 ILE 1 CG2   1 
ATOM   1194 C  CD1   . ILE A 1 156 ? -10.485 -0.781  -6.706  1.00 35.35  ? 156 ILE 1 CD1   1 
ATOM   1195 N  N     . LYS A 1 157 ? -10.062 -5.528  -9.724  1.00 44.85  ? 157 LYS 1 N     1 
ATOM   1196 C  CA    . LYS A 1 157 ? -10.171 -6.982  -9.776  1.00 44.58  ? 157 LYS 1 CA    1 
ATOM   1197 C  C     . LYS A 1 157 ? -8.960  -7.515  -10.506 1.00 44.50  ? 157 LYS 1 C     1 
ATOM   1198 O  O     . LYS A 1 157 ? -8.277  -8.414  -10.025 1.00 46.44  ? 157 LYS 1 O     1 
ATOM   1199 C  CB    . LYS A 1 157 ? -11.433 -7.404  -10.529 1.00 46.22  ? 157 LYS 1 CB    1 
ATOM   1200 C  CG    . LYS A 1 157 ? -11.806 -8.878  -10.340 1.00 48.86  ? 157 LYS 1 CG    1 
ATOM   1201 C  CD    . LYS A 1 157 ? -12.776 -9.368  -11.417 1.00 50.16  ? 157 LYS 1 CD    1 
ATOM   1202 C  CE    . LYS A 1 157 ? -12.055 -9.476  -12.757 1.00 54.82  ? 157 LYS 1 CE    1 
ATOM   1203 N  NZ    . LYS A 1 157 ? -12.963 -9.764  -13.901 1.00 57.24  ? 157 LYS 1 NZ    1 
ATOM   1204 N  N     . GLU A 1 158 ? -8.700  -6.952  -11.677 1.00 45.17  ? 158 GLU 1 N     1 
ATOM   1205 C  CA    . GLU A 1 158 ? -7.568  -7.373  -12.494 1.00 44.09  ? 158 GLU 1 CA    1 
ATOM   1206 C  C     . GLU A 1 158 ? -6.247  -7.169  -11.788 1.00 42.84  ? 158 GLU 1 C     1 
ATOM   1207 O  O     . GLU A 1 158 ? -5.311  -7.956  -11.950 1.00 42.28  ? 158 GLU 1 O     1 
ATOM   1208 C  CB    . GLU A 1 158 ? -7.568  -6.612  -13.817 1.00 47.33  ? 158 GLU 1 CB    1 
ATOM   1209 C  CG    . GLU A 1 158 ? -8.463  -7.227  -14.875 1.00 53.18  ? 158 GLU 1 CG    1 
ATOM   1210 C  CD    . GLU A 1 158 ? -8.860  -6.235  -15.940 1.00 57.08  ? 158 GLU 1 CD    1 
ATOM   1211 O  OE1   . GLU A 1 158 ? -7.979  -5.499  -16.444 1.00 59.87  ? 158 GLU 1 OE1   1 
ATOM   1212 O  OE2   . GLU A 1 158 ? -10.062 -6.195  -16.277 1.00 60.52  ? 158 GLU 1 OE2   1 
ATOM   1213 N  N     . LEU A 1 159 ? -6.159  -6.100  -11.008 1.00 40.80  ? 159 LEU 1 N     1 
ATOM   1214 C  CA    . LEU A 1 159 ? -4.933  -5.835  -10.288 1.00 39.63  ? 159 LEU 1 CA    1 
ATOM   1215 C  C     . LEU A 1 159 ? -4.732  -6.969  -9.301  1.00 40.02  ? 159 LEU 1 C     1 
ATOM   1216 O  O     . LEU A 1 159 ? -3.760  -7.709  -9.376  1.00 41.09  ? 159 LEU 1 O     1 
ATOM   1217 C  CB    . LEU A 1 159 ? -5.028  -4.511  -9.536  1.00 39.97  ? 159 LEU 1 CB    1 
ATOM   1218 C  CG    . LEU A 1 159 ? -3.729  -4.025  -8.907  1.00 39.01  ? 159 LEU 1 CG    1 
ATOM   1219 C  CD1   . LEU A 1 159 ? -2.838  -3.507  -10.012 1.00 41.63  ? 159 LEU 1 CD1   1 
ATOM   1220 C  CD2   . LEU A 1 159 ? -3.991  -2.929  -7.900  1.00 40.66  ? 159 LEU 1 CD2   1 
ATOM   1221 N  N     . VAL A 1 160 ? -5.671  -7.119  -8.378  1.00 41.56  ? 160 VAL 1 N     1 
ATOM   1222 C  CA    . VAL A 1 160 ? -5.559  -8.167  -7.371  1.00 43.58  ? 160 VAL 1 CA    1 
ATOM   1223 C  C     . VAL A 1 160 ? -5.425  -9.570  -7.978  1.00 45.35  ? 160 VAL 1 C     1 
ATOM   1224 O  O     . VAL A 1 160 ? -4.862  -10.471 -7.360  1.00 47.00  ? 160 VAL 1 O     1 
ATOM   1225 C  CB    . VAL A 1 160 ? -6.761  -8.136  -6.397  1.00 40.88  ? 160 VAL 1 CB    1 
ATOM   1226 C  CG1   . VAL A 1 160 ? -6.505  -9.062  -5.241  1.00 40.43  ? 160 VAL 1 CG1   1 
ATOM   1227 C  CG2   . VAL A 1 160 ? -6.980  -6.735  -5.888  1.00 38.63  ? 160 VAL 1 CG2   1 
ATOM   1228 N  N     . GLU A 1 161 ? -5.931  -9.752  -9.187  1.00 46.44  ? 161 GLU 1 N     1 
ATOM   1229 C  CA    . GLU A 1 161 ? -5.847  -11.044 -9.841  1.00 49.03  ? 161 GLU 1 CA    1 
ATOM   1230 C  C     . GLU A 1 161 ? -4.459  -11.311 -10.386 1.00 49.31  ? 161 GLU 1 C     1 
ATOM   1231 O  O     . GLU A 1 161 ? -4.009  -12.460 -10.420 1.00 49.97  ? 161 GLU 1 O     1 
ATOM   1232 C  CB    . GLU A 1 161 ? -6.884  -11.140 -10.956 1.00 52.96  ? 161 GLU 1 CB    1 
ATOM   1233 C  CG    . GLU A 1 161 ? -8.148  -11.869 -10.535 1.00 56.71  ? 161 GLU 1 CG    1 
ATOM   1234 C  CD    . GLU A 1 161 ? -9.277  -11.692 -11.525 1.00 60.04  ? 161 GLU 1 CD    1 
ATOM   1235 O  OE1   . GLU A 1 161 ? -9.039  -11.860 -12.745 1.00 61.48  ? 161 GLU 1 OE1   1 
ATOM   1236 O  OE2   . GLU A 1 161 ? -10.408 -11.384 -11.078 1.00 61.57  ? 161 GLU 1 OE2   1 
ATOM   1237 N  N     . GLU A 1 162 ? -3.770  -10.262 -10.821 1.00 50.07  ? 162 GLU 1 N     1 
ATOM   1238 C  CA    . GLU A 1 162 ? -2.412  -10.438 -11.324 1.00 50.00  ? 162 GLU 1 CA    1 
ATOM   1239 C  C     . GLU A 1 162 ? -1.486  -10.620 -10.127 1.00 49.91  ? 162 GLU 1 C     1 
ATOM   1240 O  O     . GLU A 1 162 ? -0.469  -11.308 -10.207 1.00 49.57  ? 162 GLU 1 O     1 
ATOM   1241 C  CB    . GLU A 1 162 ? -1.969  -9.233  -12.153 1.00 50.32  ? 162 GLU 1 CB    1 
ATOM   1242 C  CG    . GLU A 1 162 ? -0.588  -9.404  -12.766 1.00 51.99  ? 162 GLU 1 CG    1 
ATOM   1243 C  CD    . GLU A 1 162 ? -0.204  -8.257  -13.678 1.00 52.62  ? 162 GLU 1 CD    1 
ATOM   1244 O  OE1   . GLU A 1 162 ? -0.560  -8.293  -14.877 1.00 54.94  ? 162 GLU 1 OE1   1 
ATOM   1245 O  OE2   . GLU A 1 162 ? 0.449   -7.315  -13.191 1.00 52.61  ? 162 GLU 1 OE2   1 
ATOM   1246 N  N     . LEU A 1 163 ? -1.841  -10.000 -9.010  1.00 51.25  ? 163 LEU 1 N     1 
ATOM   1247 C  CA    . LEU A 1 163 ? -1.035  -10.144 -7.811  1.00 53.99  ? 163 LEU 1 CA    1 
ATOM   1248 C  C     . LEU A 1 163 ? -1.094  -11.608 -7.426  1.00 56.31  ? 163 LEU 1 C     1 
ATOM   1249 O  O     . LEU A 1 163 ? -0.074  -12.287 -7.381  1.00 57.91  ? 163 LEU 1 O     1 
ATOM   1250 C  CB    . LEU A 1 163 ? -1.589  -9.294  -6.665  1.00 53.12  ? 163 LEU 1 CB    1 
ATOM   1251 C  CG    . LEU A 1 163 ? -0.770  -9.305  -5.372  1.00 51.45  ? 163 LEU 1 CG    1 
ATOM   1252 C  CD1   . LEU A 1 163 ? 0.662   -8.888  -5.667  1.00 51.99  ? 163 LEU 1 CD1   1 
ATOM   1253 C  CD2   . LEU A 1 163 ? -1.394  -8.361  -4.361  1.00 50.79  ? 163 LEU 1 CD2   1 
ATOM   1254 N  N     . SER A 1 164 ? -2.304  -12.095 -7.175  1.00 58.75  ? 164 SER 1 N     1 
ATOM   1255 C  CA    . SER A 1 164 ? -2.500  -13.485 -6.784  1.00 60.91  ? 164 SER 1 CA    1 
ATOM   1256 C  C     . SER A 1 164 ? -1.762  -14.436 -7.708  1.00 62.30  ? 164 SER 1 C     1 
ATOM   1257 O  O     . SER A 1 164 ? -1.145  -15.401 -7.262  1.00 62.92  ? 164 SER 1 O     1 
ATOM   1258 C  CB    . SER A 1 164 ? -3.988  -13.827 -6.775  1.00 61.23  ? 164 SER 1 CB    1 
ATOM   1259 O  OG    . SER A 1 164 ? -4.657  -13.087 -5.770  1.00 63.03  ? 164 SER 1 OG    1 
HETATM 1260 N  N     . MSE A 1 165 ? -1.823  -14.166 -9.002  1.00 64.11  ? 165 MSE 1 N     1 
HETATM 1261 C  CA    . MSE A 1 165 ? -1.136  -15.029 -9.939  1.00 66.26  ? 165 MSE 1 CA    1 
HETATM 1262 C  C     . MSE A 1 165 ? 0.324   -15.116 -9.539  1.00 65.98  ? 165 MSE 1 C     1 
HETATM 1263 O  O     . MSE A 1 165 ? 0.810   -16.184 -9.202  1.00 67.31  ? 165 MSE 1 O     1 
HETATM 1264 C  CB    . MSE A 1 165 ? -1.247  -14.485 -11.354 1.00 69.36  ? 165 MSE 1 CB    1 
HETATM 1265 C  CG    . MSE A 1 165 ? -0.555  -15.343 -12.377 1.00 75.07  ? 165 MSE 1 CG    1 
HETATM 1266 SE SE    . MSE A 1 165 ? -0.772  -14.594 -14.139 1.00 85.58  ? 165 MSE 1 SE    1 
HETATM 1267 C  CE    . MSE A 1 165 ? 1.097   -14.217 -14.565 1.00 82.97  ? 165 MSE 1 CE    1 
ATOM   1268 N  N     . PHE A 1 166 ? 1.017   -13.983 -9.551  1.00 65.88  ? 166 PHE 1 N     1 
ATOM   1269 C  CA    . PHE A 1 166 ? 2.429   -13.972 -9.196  1.00 65.25  ? 166 PHE 1 CA    1 
ATOM   1270 C  C     . PHE A 1 166 ? 2.690   -14.568 -7.831  1.00 65.62  ? 166 PHE 1 C     1 
ATOM   1271 O  O     . PHE A 1 166 ? 3.556   -15.426 -7.688  1.00 67.11  ? 166 PHE 1 O     1 
ATOM   1272 C  CB    . PHE A 1 166 ? 2.998   -12.551 -9.260  1.00 63.76  ? 166 PHE 1 CB    1 
ATOM   1273 C  CG    . PHE A 1 166 ? 3.236   -12.067 -10.659 1.00 62.00  ? 166 PHE 1 CG    1 
ATOM   1274 C  CD1   . PHE A 1 166 ? 2.184   -11.622 -11.446 1.00 62.20  ? 166 PHE 1 CD1   1 
ATOM   1275 C  CD2   . PHE A 1 166 ? 4.509   -12.106 -11.206 1.00 61.64  ? 166 PHE 1 CD2   1 
ATOM   1276 C  CE1   . PHE A 1 166 ? 2.399   -11.232 -12.769 1.00 63.29  ? 166 PHE 1 CE1   1 
ATOM   1277 C  CE2   . PHE A 1 166 ? 4.735   -11.721 -12.523 1.00 62.09  ? 166 PHE 1 CE2   1 
ATOM   1278 C  CZ    . PHE A 1 166 ? 3.680   -11.282 -13.306 1.00 62.66  ? 166 PHE 1 CZ    1 
ATOM   1279 N  N     . ALA A 1 167 ? 1.931   -14.128 -6.835  1.00 65.88  ? 167 ALA 1 N     1 
ATOM   1280 C  CA    . ALA A 1 167 ? 2.098   -14.615 -5.474  1.00 66.99  ? 167 ALA 1 CA    1 
ATOM   1281 C  C     . ALA A 1 167 ? 1.971   -16.130 -5.365  1.00 69.36  ? 167 ALA 1 C     1 
ATOM   1282 O  O     . ALA A 1 167 ? 2.518   -16.729 -4.437  1.00 69.90  ? 167 ALA 1 O     1 
ATOM   1283 C  CB    . ALA A 1 167 ? 1.097   -13.939 -4.555  1.00 66.97  ? 167 ALA 1 CB    1 
ATOM   1284 N  N     . LYS A 1 168 ? 1.252   -16.753 -6.297  1.00 71.24  ? 168 LYS 1 N     1 
ATOM   1285 C  CA    . LYS A 1 168 ? 1.096   -18.206 -6.272  1.00 73.49  ? 168 LYS 1 CA    1 
ATOM   1286 C  C     . LYS A 1 168 ? 2.242   -18.884 -7.011  1.00 74.60  ? 168 LYS 1 C     1 
ATOM   1287 O  O     . LYS A 1 168 ? 2.870   -19.805 -6.491  1.00 74.56  ? 168 LYS 1 O     1 
ATOM   1288 C  CB    . LYS A 1 168 ? -0.234  -18.625 -6.896  1.00 75.38  ? 168 LYS 1 CB    1 
ATOM   1289 C  CG    . LYS A 1 168 ? -1.411  -18.577 -5.923  1.00 78.67  ? 168 LYS 1 CG    1 
ATOM   1290 C  CD    . LYS A 1 168 ? -2.698  -19.129 -6.548  1.00 79.84  ? 168 LYS 1 CD    1 
ATOM   1291 C  CE    . LYS A 1 168 ? -3.866  -19.064 -5.565  1.00 80.29  ? 168 LYS 1 CE    1 
ATOM   1292 N  NZ    . LYS A 1 168 ? -5.135  -19.587 -6.163  1.00 81.25  ? 168 LYS 1 NZ    1 
ATOM   1293 N  N     . ALA A 1 169 ? 2.514   -18.426 -8.228  1.00 76.32  ? 169 ALA 1 N     1 
ATOM   1294 C  CA    . ALA A 1 169 ? 3.593   -18.989 -9.025  1.00 78.22  ? 169 ALA 1 CA    1 
ATOM   1295 C  C     . ALA A 1 169 ? 4.878   -18.989 -8.204  1.00 80.72  ? 169 ALA 1 C     1 
ATOM   1296 O  O     . ALA A 1 169 ? 5.795   -19.774 -8.466  1.00 81.25  ? 169 ALA 1 O     1 
ATOM   1297 C  CB    . ALA A 1 169 ? 3.781   -18.175 -10.299 1.00 76.90  ? 169 ALA 1 CB    1 
ATOM   1298 N  N     . GLY A 1 170 ? 4.935   -18.099 -7.211  1.00 83.21  ? 170 GLY 1 N     1 
ATOM   1299 C  CA    . GLY A 1 170 ? 6.102   -18.005 -6.350  1.00 85.99  ? 170 GLY 1 CA    1 
ATOM   1300 C  C     . GLY A 1 170 ? 6.582   -19.380 -5.935  1.00 88.46  ? 170 GLY 1 C     1 
ATOM   1301 O  O     . GLY A 1 170 ? 7.768   -19.694 -6.057  1.00 89.00  ? 170 GLY 1 O     1 
ATOM   1302 N  N     . ASN A 1 171 ? 5.650   -20.200 -5.450  1.00 90.42  ? 171 ASN 1 N     1 
ATOM   1303 C  CA    . ASN A 1 171 ? 5.951   -21.564 -5.015  1.00 91.66  ? 171 ASN 1 CA    1 
ATOM   1304 C  C     . ASN A 1 171 ? 5.615   -22.575 -6.116  1.00 92.53  ? 171 ASN 1 C     1 
ATOM   1305 O  O     . ASN A 1 171 ? 5.064   -22.161 -7.163  1.00 92.62  ? 171 ASN 1 O     1 
ATOM   1306 C  CB    . ASN A 1 171 ? 5.144   -21.915 -3.762  1.00 91.91  ? 171 ASN 1 CB    1 
ATOM   1307 C  CG    . ASN A 1 171 ? 3.646   -21.937 -4.023  1.00 92.19  ? 171 ASN 1 CG    1 
ATOM   1308 O  OD1   . ASN A 1 171 ? 2.990   -20.894 -4.043  1.00 91.67  ? 171 ASN 1 OD1   1 
ATOM   1309 N  ND2   . ASN A 1 171 ? 3.103   -23.131 -4.242  1.00 92.37  ? 171 ASN 1 ND2   1 
HETATM 1310 N  N1    . FMN B 2 .   ? -2.585  15.027  -5.921  1.00 71.27  ? 200 FMN 1 N1    1 
HETATM 1311 C  C2    . FMN B 2 .   ? -1.975  14.818  -7.107  1.00 70.75  ? 200 FMN 1 C2    1 
HETATM 1312 O  O2    . FMN B 2 .   ? -2.441  14.332  -8.142  1.00 71.82  ? 200 FMN 1 O2    1 
HETATM 1313 N  N3    . FMN B 2 .   ? -0.554  15.198  -7.230  1.00 70.76  ? 200 FMN 1 N3    1 
HETATM 1314 C  C4    . FMN B 2 .   ? 0.192   15.779  -6.153  1.00 70.36  ? 200 FMN 1 C4    1 
HETATM 1315 O  O4    . FMN B 2 .   ? 1.376   16.039  -6.422  1.00 68.88  ? 200 FMN 1 O4    1 
HETATM 1316 C  C4A   . FMN B 2 .   ? -0.493  15.962  -4.971  1.00 70.74  ? 200 FMN 1 C4A   1 
HETATM 1317 N  N5    . FMN B 2 .   ? 0.157   16.477  -3.973  1.00 71.24  ? 200 FMN 1 N5    1 
HETATM 1318 C  C5A   . FMN B 2 .   ? -0.484  16.682  -2.726  1.00 71.93  ? 200 FMN 1 C5A   1 
HETATM 1319 C  C6    . FMN B 2 .   ? 0.179   17.230  -1.589  1.00 73.43  ? 200 FMN 1 C6    1 
HETATM 1320 C  C7    . FMN B 2 .   ? -0.536  17.402  -0.325  1.00 73.66  ? 200 FMN 1 C7    1 
HETATM 1321 C  C7M   . FMN B 2 .   ? 0.416   17.999  0.711   1.00 73.97  ? 200 FMN 1 C7M   1 
HETATM 1322 C  C8    . FMN B 2 .   ? -1.939  17.022  -0.217  1.00 72.90  ? 200 FMN 1 C8    1 
HETATM 1323 C  C8M   . FMN B 2 .   ? -2.636  17.203  1.065   1.00 73.76  ? 200 FMN 1 C8M   1 
HETATM 1324 C  C9    . FMN B 2 .   ? -2.591  16.492  -1.310  1.00 72.46  ? 200 FMN 1 C9    1 
HETATM 1325 C  C9A   . FMN B 2 .   ? -1.913  16.288  -2.629  1.00 72.23  ? 200 FMN 1 C9A   1 
HETATM 1326 N  N10   . FMN B 2 .   ? -2.658  15.738  -3.667  1.00 71.22  ? 200 FMN 1 N10   1 
HETATM 1327 C  C10   . FMN B 2 .   ? -1.981  15.564  -4.847  1.00 70.99  ? 200 FMN 1 C10   1 
HETATM 1328 C  "C1'" . FMN B 2 .   ? -4.062  15.345  -3.591  1.00 69.34  ? 200 FMN 1 "C1'" 1 
HETATM 1329 C  "C2'" . FMN B 2 .   ? -4.282  13.916  -3.180  1.00 69.07  ? 200 FMN 1 "C2'" 1 
HETATM 1330 O  "O2'" . FMN B 2 .   ? -3.745  13.066  -4.166  1.00 70.03  ? 200 FMN 1 "O2'" 1 
HETATM 1331 C  "C3'" . FMN B 2 .   ? -5.753  13.767  -3.080  1.00 67.91  ? 200 FMN 1 "C3'" 1 
HETATM 1332 O  "O3'" . FMN B 2 .   ? -6.133  14.292  -1.772  1.00 67.29  ? 200 FMN 1 "O3'" 1 
HETATM 1333 C  "C4'" . FMN B 2 .   ? -6.353  12.352  -3.053  1.00 67.77  ? 200 FMN 1 "C4'" 1 
HETATM 1334 O  "O4'" . FMN B 2 .   ? -7.758  12.431  -2.946  1.00 67.22  ? 200 FMN 1 "O4'" 1 
HETATM 1335 C  "C5'" . FMN B 2 .   ? -5.795  11.408  -1.954  1.00 67.41  ? 200 FMN 1 "C5'" 1 
HETATM 1336 O  "O5'" . FMN B 2 .   ? -6.366  11.889  -0.722  1.00 65.64  ? 200 FMN 1 "O5'" 1 
HETATM 1337 P  P     . FMN B 2 .   ? -5.832  11.274  0.599   1.00 62.81  ? 200 FMN 1 P     1 
HETATM 1338 O  O1P   . FMN B 2 .   ? -6.661  12.017  1.670   1.00 65.20  ? 200 FMN 1 O1P   1 
HETATM 1339 O  O2P   . FMN B 2 .   ? -6.106  9.814   0.595   1.00 62.60  ? 200 FMN 1 O2P   1 
HETATM 1340 O  O3P   . FMN B 2 .   ? -4.350  11.615  0.769   1.00 66.46  ? 200 FMN 1 O3P   1 
HETATM 1341 O  O     . HOH C 3 .   ? 2.180   -3.001  -9.659  1.00 40.37  ? 201 HOH 1 O     1 
HETATM 1342 O  O     . HOH C 3 .   ? 4.774   3.985   -14.415 1.00 54.74  ? 202 HOH 1 O     1 
HETATM 1343 O  O     . HOH C 3 .   ? -16.363 -0.505  0.037   1.00 44.03  ? 203 HOH 1 O     1 
HETATM 1344 O  O     . HOH C 3 .   ? -12.313 -0.606  -14.149 1.00 46.13  ? 204 HOH 1 O     1 
HETATM 1345 O  O     . HOH C 3 .   ? 8.750   10.308  -1.852  1.00 53.71  ? 205 HOH 1 O     1 
HETATM 1346 O  O     . HOH C 3 .   ? -10.251 15.447  0.541   1.00 46.80  ? 206 HOH 1 O     1 
HETATM 1347 O  O     . HOH C 3 .   ? -12.911 -5.274  -7.343  1.00 64.67  ? 207 HOH 1 O     1 
HETATM 1348 O  O     . HOH C 3 .   ? -17.813 11.564  -3.971  1.00 41.26  ? 208 HOH 1 O     1 
HETATM 1349 O  O     . HOH C 3 .   ? -6.078  -13.166 -1.714  1.00 55.77  ? 209 HOH 1 O     1 
HETATM 1350 O  O     . HOH C 3 .   ? 5.524   2.206   -11.855 1.00 53.10  ? 210 HOH 1 O     1 
HETATM 1351 O  O     . HOH C 3 .   ? -14.739 0.920   1.589   1.00 57.18  ? 211 HOH 1 O     1 
HETATM 1352 O  O     . HOH C 3 .   ? -0.583  -9.919  7.276   1.00 39.98  ? 212 HOH 1 O     1 
HETATM 1353 O  O     . HOH C 3 .   ? -15.370 -1.781  -13.253 1.00 66.47  ? 213 HOH 1 O     1 
HETATM 1354 O  O     . HOH C 3 .   ? -20.141 2.108   -5.796  1.00 66.79  ? 214 HOH 1 O     1 
HETATM 1355 O  O     . HOH C 3 .   ? -11.654 7.909   5.156   1.00 55.93  ? 215 HOH 1 O     1 
HETATM 1356 O  O     . HOH C 3 .   ? -8.899  14.468  -14.257 1.00 52.64  ? 216 HOH 1 O     1 
HETATM 1357 O  O     . HOH C 3 .   ? 14.412  1.238   -9.906  1.00 60.21  ? 217 HOH 1 O     1 
HETATM 1358 O  O     . HOH C 3 .   ? 21.742  3.650   18.399  1.00 59.99  ? 218 HOH 1 O     1 
HETATM 1359 O  O     . HOH C 3 .   ? 2.646   18.167  -7.055  1.00 57.46  ? 219 HOH 1 O     1 
HETATM 1360 O  O     . HOH C 3 .   ? 18.251  -0.690  6.182   1.00 53.72  ? 220 HOH 1 O     1 
HETATM 1361 O  O     . HOH C 3 .   ? -16.734 8.893   2.950   1.00 51.39  ? 221 HOH 1 O     1 
HETATM 1362 O  O     . HOH C 3 .   ? -13.734 9.307   3.663   1.00 64.61  ? 222 HOH 1 O     1 
HETATM 1363 O  O     . HOH C 3 .   ? -14.703 8.452   -16.451 1.00 63.83  ? 223 HOH 1 O     1 
HETATM 1364 O  O     . HOH C 3 .   ? 3.627   -15.994 -14.851 1.00 48.48  ? 224 HOH 1 O     1 
HETATM 1365 O  O     . HOH C 3 .   ? 13.574  -0.919  12.814  1.00 45.27  ? 225 HOH 1 O     1 
HETATM 1366 O  O     . HOH C 3 .   ? -16.011 2.537   -17.640 1.00 73.14  ? 226 HOH 1 O     1 
HETATM 1367 O  O     . HOH C 3 .   ? -7.244  -15.594 1.180   1.00 79.91  ? 227 HOH 1 O     1 
HETATM 1368 O  O     . HOH C 3 .   ? -18.331 -6.112  -8.974  1.00 53.21  ? 228 HOH 1 O     1 
HETATM 1369 O  O     . HOH C 3 .   ? -0.716  19.568  -6.651  1.00 60.72  ? 229 HOH 1 O     1 
HETATM 1370 O  O     . HOH C 3 .   ? -3.035  3.868   -15.040 1.00 32.25  ? 230 HOH 1 O     1 
HETATM 1371 O  O     . HOH C 3 .   ? -12.213 1.080   6.992   1.00 48.37  ? 231 HOH 1 O     1 
HETATM 1372 O  O     . HOH C 3 .   ? -8.934  16.302  -2.916  1.00 62.85  ? 232 HOH 1 O     1 
HETATM 1373 O  O     . HOH C 3 .   ? -11.650 17.368  -2.216  1.00 73.01  ? 233 HOH 1 O     1 
HETATM 1374 O  O     . HOH C 3 .   ? -8.326  17.534  -7.102  1.00 66.09  ? 234 HOH 1 O     1 
HETATM 1375 O  O     . HOH C 3 .   ? 14.463  -3.695  9.070   1.00 52.88  ? 235 HOH 1 O     1 
HETATM 1376 O  O     . HOH C 3 .   ? -11.407 13.090  -10.945 1.00 54.76  ? 236 HOH 1 O     1 
HETATM 1377 O  O     . HOH C 3 .   ? -13.548 1.922   -17.171 1.00 78.04  ? 237 HOH 1 O     1 
HETATM 1378 O  O     . HOH C 3 .   ? 8.515   9.366   -11.211 1.00 30.41  ? 238 HOH 1 O     1 
HETATM 1379 O  O     . HOH C 3 .   ? -16.242 -0.628  -16.453 1.00 59.86  ? 239 HOH 1 O     1 
HETATM 1380 O  O     . HOH C 3 .   ? 4.635   6.120   9.687   1.00 43.08  ? 240 HOH 1 O     1 
HETATM 1381 O  O     . HOH C 3 .   ? -6.560  18.609  -11.038 1.00 54.26  ? 241 HOH 1 O     1 
HETATM 1382 O  O     . HOH C 3 .   ? -2.986  19.516  -4.272  1.00 63.65  ? 242 HOH 1 O     1 
HETATM 1383 O  O     . HOH C 3 .   ? -1.823  17.221  -13.716 1.00 70.63  ? 243 HOH 1 O     1 
HETATM 1384 O  O     . HOH C 3 .   ? 3.325   16.280  -11.842 1.00 46.05  ? 244 HOH 1 O     1 
HETATM 1385 O  O     . HOH C 3 .   ? 16.061  -3.468  14.820  1.00 77.39  ? 245 HOH 1 O     1 
HETATM 1386 O  O     . HOH C 3 .   ? -0.561  3.206   -15.036 1.00 50.63  ? 246 HOH 1 O     1 
HETATM 1387 O  O     . HOH C 3 .   ? 8.931   -3.135  -12.244 1.00 49.73  ? 247 HOH 1 O     1 
HETATM 1388 O  O     . HOH C 3 .   ? 1.420   -3.892  19.813  1.00 49.14  ? 248 HOH 1 O     1 
HETATM 1389 O  O     . HOH C 3 .   ? -6.593  -13.003 1.481   1.00 62.17  ? 249 HOH 1 O     1 
HETATM 1390 O  O     . HOH C 3 .   ? 8.205   -6.469  -12.575 1.00 53.38  ? 250 HOH 1 O     1 
HETATM 1391 O  O     . HOH C 3 .   ? -1.257  17.009  -9.964  1.00 67.81  ? 251 HOH 1 O     1 
HETATM 1392 O  O     . HOH C 3 .   ? 3.598   4.846   17.991  1.00 66.55  ? 252 HOH 1 O     1 
HETATM 1393 O  O     . HOH C 3 .   ? -3.491  18.562  -7.352  1.00 65.55  ? 253 HOH 1 O     1 
HETATM 1394 O  O     . HOH C 3 .   ? 1.702   -17.640 -13.703 1.00 71.39  ? 254 HOH 1 O     1 
HETATM 1395 O  O     . HOH C 3 .   ? 7.738   0.561   23.511  1.00 65.85  ? 255 HOH 1 O     1 
HETATM 1396 O  O     . HOH C 3 .   ? -7.950  -17.042 -1.022  1.00 95.11  ? 256 HOH 1 O     1 
HETATM 1397 O  O     . HOH C 3 .   ? -18.608 4.931   -12.573 1.00 69.77  ? 257 HOH 1 O     1 
HETATM 1398 O  O     . HOH C 3 .   ? 12.354  13.110  12.917  1.00 69.71  ? 258 HOH 1 O     1 
HETATM 1399 O  O     . HOH C 3 .   ? -12.445 4.070   -15.806 1.00 44.84  ? 259 HOH 1 O     1 
HETATM 1400 O  O     . HOH C 3 .   ? 17.375  -9.949  2.755   1.00 68.13  ? 260 HOH 1 O     1 
HETATM 1401 O  O     . HOH C 3 .   ? -0.937  -11.655 5.613   1.00 52.40  ? 261 HOH 1 O     1 
HETATM 1402 O  O     . HOH C 3 .   ? 18.454  -0.492  11.674  1.00 57.11  ? 262 HOH 1 O     1 
HETATM 1403 O  O     . HOH C 3 .   ? 0.489   -8.565  18.723  1.00 54.81  ? 263 HOH 1 O     1 
HETATM 1404 O  O     . HOH C 3 .   ? -3.031  2.826   16.760  1.00 67.45  ? 264 HOH 1 O     1 
HETATM 1405 O  O     . HOH C 3 .   ? -17.145 8.186   -14.728 1.00 80.60  ? 265 HOH 1 O     1 
HETATM 1406 O  O     . HOH C 3 .   ? -9.931  4.214   -16.100 1.00 49.15  ? 266 HOH 1 O     1 
HETATM 1407 O  O     . HOH C 3 .   ? 3.705   12.360  5.612   1.00 65.68  ? 267 HOH 1 O     1 
HETATM 1408 O  O     . HOH C 3 .   ? 2.303   14.171  -10.487 1.00 47.67  ? 268 HOH 1 O     1 
HETATM 1409 O  O     . HOH C 3 .   ? -12.741 17.670  1.394   1.00 51.83  ? 269 HOH 1 O     1 
HETATM 1410 O  O     . HOH C 3 .   ? -17.686 11.554  4.183   1.00 70.11  ? 270 HOH 1 O     1 
HETATM 1411 O  O     . HOH C 3 .   ? 19.403  -11.026 0.714   1.00 83.51  ? 271 HOH 1 O     1 
HETATM 1412 O  O     . HOH C 3 .   ? -4.211  -2.081  11.370  1.00 84.46  ? 272 HOH 1 O     1 
HETATM 1413 O  O     . HOH C 3 .   ? -3.656  -10.915 6.481   1.00 63.66  ? 273 HOH 1 O     1 
HETATM 1414 O  O     . HOH C 3 .   ? -8.386  2.501   -15.893 1.00 53.38  ? 274 HOH 1 O     1 
HETATM 1415 O  O     . HOH C 3 .   ? 2.079   11.570  -12.166 1.00 79.38  ? 275 HOH 1 O     1 
HETATM 1416 O  O     . HOH C 3 .   ? -23.530 -0.576  -6.549  1.00 80.00  ? 276 HOH 1 O     1 
HETATM 1417 O  O     . HOH C 3 .   ? -21.603 0.139   -4.540  1.00 94.08  ? 277 HOH 1 O     1 
HETATM 1418 O  O     . HOH C 3 .   ? -16.390 11.038  -6.463  1.00 59.99  ? 278 HOH 1 O     1 
HETATM 1419 O  O     . HOH C 3 .   ? 11.502  8.539   -8.909  0.5  45.43  ? 279 HOH 1 O     1 
HETATM 1420 O  O     . HOH C 3 .   ? -24.046 2.273   -7.496  1.00 64.47  ? 280 HOH 1 O     1 
HETATM 1421 O  O     . HOH C 3 .   ? -15.652 13.159  3.349   1.00 86.51  ? 281 HOH 1 O     1 
HETATM 1422 O  O     . HOH C 3 .   ? -18.596 9.320   -7.228  1.00 50.37  ? 282 HOH 1 O     1 
HETATM 1423 O  O     . HOH C 3 .   ? 12.190  10.377  -11.264 1.00 65.92  ? 283 HOH 1 O     1 
HETATM 1424 O  O     . HOH C 3 .   ? 1.035   16.192  -12.342 1.00 53.15  ? 284 HOH 1 O     1 
HETATM 1425 O  O     . HOH C 3 .   ? 19.262  9.827   16.461  1.00 65.99  ? 285 HOH 1 O     1 
HETATM 1426 O  O     . HOH C 3 .   ? -26.344 7.386   -3.362  1.00 74.74  ? 286 HOH 1 O     1 
HETATM 1427 O  O     . HOH C 3 .   ? -6.658  6.851   -13.989 1.00 48.54  ? 287 HOH 1 O     1 
HETATM 1428 O  O     . HOH C 3 .   ? -11.197 15.791  2.699   1.00 83.66  ? 288 HOH 1 O     1 
HETATM 1429 O  O     . HOH C 3 .   ? -3.816  16.714  -10.057 1.00 86.58  ? 289 HOH 1 O     1 
HETATM 1430 O  O     . HOH C 3 .   ? -4.759  3.594   -13.447 1.00 60.85  ? 290 HOH 1 O     1 
HETATM 1431 O  O     . HOH C 3 .   ? 10.230  -12.109 3.092   1.00 74.14  ? 291 HOH 1 O     1 
HETATM 1432 O  O     . HOH C 3 .   ? 17.906  -5.001  -0.631  1.00 71.29  ? 292 HOH 1 O     1 
HETATM 1433 O  O     . HOH C 3 .   ? 10.550  6.939   19.238  1.00 81.71  ? 293 HOH 1 O     1 
HETATM 1434 O  O     . HOH C 3 .   ? -12.257 6.564   -16.096 1.00 49.72  ? 294 HOH 1 O     1 
HETATM 1435 O  O     . HOH C 3 .   ? -16.017 -6.240  -11.352 1.00 74.10  ? 295 HOH 1 O     1 
HETATM 1436 O  O     . HOH C 3 .   ? 21.470  -8.916  -1.219  1.00 84.65  ? 296 HOH 1 O     1 
HETATM 1437 O  O     . HOH C 3 .   ? -19.498 2.749   -14.678 1.00 49.14  ? 297 HOH 1 O     1 
HETATM 1438 O  O     . HOH C 3 .   ? -17.531 -4.548  -6.268  1.00 47.98  ? 298 HOH 1 O     1 
HETATM 1439 O  O     . HOH C 3 .   ? 17.363  -3.639  2.543   1.00 53.49  ? 299 HOH 1 O     1 
HETATM 1440 O  O     . HOH C 3 .   ? -4.146  -1.698  -14.544 1.00 43.67  ? 300 HOH 1 O     1 
HETATM 1441 O  O     . HOH C 3 .   ? -13.431 11.754  2.826   1.00 39.63  ? 301 HOH 1 O     1 
HETATM 1442 O  O     . HOH C 3 .   ? -0.903  -1.236  16.485  1.00 88.22  ? 302 HOH 1 O     1 
HETATM 1443 O  O     . HOH C 3 .   ? -12.409 0.719   -19.498 1.00 83.83  ? 303 HOH 1 O     1 
HETATM 1444 O  O     . HOH C 3 .   ? -22.094 4.350   -5.935  1.00 61.45  ? 304 HOH 1 O     1 
HETATM 1445 O  O     . HOH C 3 .   ? -16.562 5.397   -17.177 1.00 70.64  ? 305 HOH 1 O     1 
HETATM 1446 O  O     . HOH C 3 .   ? -12.708 13.908  0.475   1.00 54.08  ? 306 HOH 1 O     1 
HETATM 1447 O  O     . HOH C 3 .   ? 20.343  -4.628  -7.074  1.00 73.46  ? 307 HOH 1 O     1 
HETATM 1448 O  O     . HOH C 3 .   ? -15.529 13.475  -8.253  1.00 46.79  ? 308 HOH 1 O     1 
HETATM 1449 O  O     . HOH C 3 .   ? -19.024 0.034   -14.956 1.00 49.47  ? 309 HOH 1 O     1 
HETATM 1450 O  O     . HOH C 3 .   ? -8.458  -14.715 4.164   1.00 89.85  ? 310 HOH 1 O     1 
HETATM 1451 O  O     . HOH C 3 .   ? 8.329   -13.020 4.567   1.00 86.41  ? 311 HOH 1 O     1 
HETATM 1452 O  O     . HOH C 3 .   ? 21.687  -4.562  -1.026  1.00 86.16  ? 312 HOH 1 O     1 
HETATM 1453 O  O     . HOH C 3 .   ? -2.951  19.037  -10.479 1.00 75.97  ? 313 HOH 1 O     1 
HETATM 1454 O  O     . HOH C 3 .   ? -20.147 4.088   -9.220  1.00 86.01  ? 314 HOH 1 O     1 
HETATM 1455 O  O     . HOH C 3 .   ? -13.258 20.008  3.073   1.00 90.82  ? 315 HOH 1 O     1 
HETATM 1456 O  O     . HOH C 3 .   ? 2.524   19.700  -4.644  1.00 52.46  ? 316 HOH 1 O     1 
HETATM 1457 O  O     . HOH C 3 .   ? 9.631   9.862   -7.661  1.00 73.12  ? 317 HOH 1 O     1 
HETATM 1458 O  O     . HOH C 3 .   ? 13.924  -6.415  11.697  1.00 85.40  ? 318 HOH 1 O     1 
HETATM 1459 O  O     . HOH C 3 .   ? -6.149  18.465  -5.204  1.00 79.95  ? 319 HOH 1 O     1 
HETATM 1460 O  O     . HOH C 3 .   ? -10.742 16.151  -10.591 1.00 60.31  ? 320 HOH 1 O     1 
HETATM 1461 O  O     . HOH C 3 .   ? -18.931 -0.883  -3.615  1.00 70.57  ? 321 HOH 1 O     1 
HETATM 1462 O  O     . HOH C 3 .   ? 16.206  1.970   -7.662  1.00 95.66  ? 322 HOH 1 O     1 
HETATM 1463 O  O     . HOH C 3 .   ? 11.338  15.300  12.122  1.00 50.62  ? 323 HOH 1 O     1 
HETATM 1464 O  O     . HOH C 3 .   ? -7.915  0.089   11.246  1.00 65.96  ? 324 HOH 1 O     1 
HETATM 1465 O  O     . HOH C 3 .   ? -4.788  -9.320  -14.688 1.00 61.66  ? 325 HOH 1 O     1 
HETATM 1466 O  O     . HOH C 3 .   ? 12.132  2.282   -11.196 1.00 46.78  ? 326 HOH 1 O     1 
HETATM 1467 O  O     . HOH C 3 .   ? 20.022  -5.616  1.231   1.00 90.71  ? 327 HOH 1 O     1 
HETATM 1468 O  O     . HOH C 3 .   ? 22.959  5.805   18.680  1.00 56.15  ? 328 HOH 1 O     1 
HETATM 1469 O  O     . HOH C 3 .   ? -7.043  12.339  -15.290 1.00 58.75  ? 329 HOH 1 O     1 
HETATM 1470 O  O     . HOH C 3 .   ? 20.329  -4.160  -4.335  1.00 73.79  ? 330 HOH 1 O     1 
HETATM 1471 O  O     . HOH C 3 .   ? -10.174 12.013  -13.449 1.00 89.41  ? 331 HOH 1 O     1 
HETATM 1472 O  O     . HOH C 3 .   ? -8.406  16.139  -16.151 1.00 66.49  ? 332 HOH 1 O     1 
HETATM 1473 O  O     . HOH C 3 .   ? -4.885  -7.962  -16.862 1.00 75.65  ? 333 HOH 1 O     1 
HETATM 1474 O  O     . HOH C 3 .   ? -6.372  19.530  -8.097  1.00 85.06  ? 334 HOH 1 O     1 
HETATM 1475 O  O     . HOH C 3 .   ? 5.899   -14.798 4.381   1.00 56.15  ? 335 HOH 1 O     1 
HETATM 1476 O  O     . HOH C 3 .   ? -14.935 14.007  -5.773  1.00 61.99  ? 336 HOH 1 O     1 
HETATM 1477 O  O     . HOH C 3 .   ? 16.006  0.239   -6.096  1.00 85.65  ? 337 HOH 1 O     1 
HETATM 1478 O  O     . HOH C 3 .   ? -10.336 19.195  -0.533  1.00 77.04  ? 338 HOH 1 O     1 
# 
